data_7PV6
#
_entry.id   7PV6
#
_cell.length_a   75.000
_cell.length_b   99.519
_cell.length_c   208.460
_cell.angle_alpha   90.000
_cell.angle_beta   90.000
_cell.angle_gamma   90.000
#
_symmetry.space_group_name_H-M   'P 21 21 2'
#
loop_
_entity.id
_entity.type
_entity.pdbx_description
1 polymer 'Histone-arginine methyltransferase CARM1'
2 non-polymer 'methyl 6-[3-[[~{N}-[[(2~{R},3~{S},4~{R},5~{R})-5-(6-aminopurin-9-yl)-3,4-bis(oxidanyl)oxolan-2-yl]methyl]carbamimidoyl]amino]propylcarbamoylamino]-4-oxidanyl-naphthalene-2-carboxylate'
3 non-polymer 1,2-ETHANEDIOL
4 non-polymer 'TETRAETHYLENE GLYCOL'
5 water water
#
_entity_poly.entity_id   1
_entity_poly.type   'polypeptide(L)'
_entity_poly.pdbx_seq_one_letter_code
;GHTLERSVFSERTEESSAVQYFQFYGYLSQQQNMMQDYVRTGTYQRAILQNHTDFKDKIVLDVGCGSGILSFFAAQAGAR
KIYAVEASTMAQHAEVLVKSNNLTDRIVVIPGKVEEVSLPEQVDIIISEPMGYMLFNERMLESYLHAKKYLKPSGNMFPT
IGDVHLAPFTDEQLYMEQFTKANFWYQPSFHGVDLSALRGAAVDEYFRQPVVDTFDIRILMAKSVKYTVNFLEAKEGDLH
RIEIPFKFHMLHSGLVHGLAFWFDVAFIGSIMTVWLSTAPTEPLTHWYQVRCLFQSPLFAKAGDTLSGTCLLIANKRQSY
DISIVAQVDQTGSKSSNLLDLKNPFFRYTGTTPSPPPGSHYTSPSENM
;
_entity_poly.pdbx_strand_id   A,B,C,D
#
# COMPACT_ATOMS: atom_id res chain seq x y z
N SER A 7 -7.66 45.85 -4.48
CA SER A 7 -8.08 45.31 -3.19
C SER A 7 -6.98 45.47 -2.13
N VAL A 8 -7.37 45.33 -0.86
CA VAL A 8 -6.41 45.47 0.22
C VAL A 8 -5.31 44.43 0.09
N PHE A 9 -5.65 43.22 -0.38
CA PHE A 9 -4.63 42.20 -0.49
C PHE A 9 -3.61 42.52 -1.58
N SER A 10 -4.08 43.01 -2.73
CA SER A 10 -3.16 43.25 -3.84
C SER A 10 -2.30 44.49 -3.61
N GLU A 11 -2.79 45.46 -2.82
CA GLU A 11 -1.99 46.64 -2.56
C GLU A 11 -0.75 46.33 -1.72
N ARG A 12 -0.83 45.32 -0.84
CA ARG A 12 0.25 45.00 0.08
C ARG A 12 1.05 43.76 -0.34
N THR A 13 0.81 43.23 -1.54
CA THR A 13 1.41 41.96 -1.94
C THR A 13 1.83 42.01 -3.40
N GLU A 14 3.13 41.83 -3.65
CA GLU A 14 3.64 41.68 -5.01
C GLU A 14 3.11 40.39 -5.62
N GLU A 15 2.73 40.46 -6.91
CA GLU A 15 2.13 39.30 -7.55
C GLU A 15 3.02 38.07 -7.44
N SER A 16 4.32 38.24 -7.67
CA SER A 16 5.27 37.14 -7.55
C SER A 16 5.07 36.37 -6.26
N SER A 17 4.95 37.09 -5.14
CA SER A 17 4.80 36.43 -3.84
C SER A 17 3.45 35.74 -3.71
N ALA A 18 2.37 36.37 -4.21
CA ALA A 18 1.05 35.79 -4.09
C ALA A 18 0.91 34.54 -4.95
N VAL A 19 1.47 34.58 -6.15
CA VAL A 19 1.47 33.41 -7.04
C VAL A 19 2.08 32.20 -6.32
N GLN A 20 3.34 32.33 -5.88
CA GLN A 20 4.00 31.23 -5.20
C GLN A 20 3.23 30.82 -3.95
N TYR A 21 2.71 31.81 -3.21
CA TYR A 21 2.05 31.54 -1.93
C TYR A 21 0.81 30.67 -2.12
N PHE A 22 -0.07 31.04 -3.05
CA PHE A 22 -1.31 30.30 -3.23
C PHE A 22 -1.13 29.03 -4.05
N GLN A 23 -0.08 28.98 -4.87
CA GLN A 23 0.29 27.70 -5.47
C GLN A 23 0.70 26.70 -4.39
N PHE A 24 1.48 27.14 -3.41
CA PHE A 24 1.97 26.24 -2.37
C PHE A 24 0.81 25.59 -1.62
N TYR A 25 -0.17 26.39 -1.21
CA TYR A 25 -1.28 25.87 -0.43
C TYR A 25 -2.31 25.14 -1.28
N GLY A 26 -2.18 25.17 -2.60
CA GLY A 26 -3.05 24.38 -3.45
C GLY A 26 -2.74 22.90 -3.44
N TYR A 27 -1.55 22.51 -2.97
CA TYR A 27 -1.17 21.11 -2.97
C TYR A 27 -1.83 20.37 -1.81
N LEU A 28 -2.48 19.25 -2.12
CA LEU A 28 -3.08 18.42 -1.08
C LEU A 28 -2.02 17.90 -0.13
N SER A 29 -0.81 17.65 -0.63
CA SER A 29 0.27 17.21 0.24
C SER A 29 0.53 18.22 1.35
N GLN A 30 0.38 19.51 1.02
CA GLN A 30 0.59 20.55 2.03
C GLN A 30 -0.55 20.57 3.04
N GLN A 31 -1.80 20.50 2.57
CA GLN A 31 -2.92 20.40 3.49
C GLN A 31 -2.72 19.23 4.45
N GLN A 32 -2.34 18.08 3.90
CA GLN A 32 -2.16 16.88 4.70
C GLN A 32 -1.09 17.08 5.77
N ASN A 33 -0.02 17.80 5.43
CA ASN A 33 1.01 18.06 6.43
C ASN A 33 0.47 18.86 7.60
N MET A 34 -0.35 19.89 7.32
CA MET A 34 -0.97 20.65 8.39
C MET A 34 -1.94 19.79 9.18
N MET A 35 -2.77 19.01 8.48
CA MET A 35 -3.74 18.16 9.15
C MET A 35 -3.08 17.11 10.02
N GLN A 36 -1.91 16.62 9.62
CA GLN A 36 -1.26 15.55 10.37
C GLN A 36 -0.50 16.06 11.59
N ASP A 37 -0.39 17.37 11.78
CA ASP A 37 0.06 17.93 13.05
C ASP A 37 -1.08 17.77 14.06
N TYR A 38 -0.95 16.78 14.95
CA TYR A 38 -2.05 16.44 15.84
C TYR A 38 -2.29 17.51 16.89
N VAL A 39 -1.20 18.09 17.42
CA VAL A 39 -1.35 19.21 18.36
C VAL A 39 -2.19 20.30 17.73
N ARG A 40 -1.85 20.67 16.49
CA ARG A 40 -2.59 21.72 15.80
C ARG A 40 -4.05 21.34 15.61
N THR A 41 -4.28 20.20 14.94
CA THR A 41 -5.63 19.85 14.51
C THR A 41 -6.49 19.41 15.68
N GLY A 42 -5.92 18.65 16.62
CA GLY A 42 -6.68 18.27 17.80
C GLY A 42 -7.06 19.45 18.66
N THR A 43 -6.12 20.38 18.85
CA THR A 43 -6.41 21.54 19.70
C THR A 43 -7.50 22.42 19.09
N TYR A 44 -7.46 22.63 17.78
CA TYR A 44 -8.54 23.39 17.15
C TYR A 44 -9.87 22.69 17.31
N GLN A 45 -9.90 21.37 17.10
CA GLN A 45 -11.13 20.60 17.24
C GLN A 45 -11.67 20.74 18.67
N ARG A 46 -10.80 20.57 19.66
CA ARG A 46 -11.25 20.67 21.05
C ARG A 46 -11.78 22.07 21.35
N ALA A 47 -11.02 23.09 20.95
CA ALA A 47 -11.45 24.47 21.19
C ALA A 47 -12.85 24.71 20.63
N ILE A 48 -13.12 24.22 19.42
CA ILE A 48 -14.42 24.48 18.80
C ILE A 48 -15.51 23.66 19.47
N LEU A 49 -15.29 22.36 19.64
CA LEU A 49 -16.35 21.49 20.15
C LEU A 49 -16.63 21.76 21.63
N GLN A 50 -15.59 22.00 22.43
CA GLN A 50 -15.80 22.30 23.85
C GLN A 50 -16.38 23.69 24.07
N ASN A 51 -16.54 24.51 23.04
CA ASN A 51 -17.29 25.76 23.14
C ASN A 51 -18.46 25.71 22.17
N HIS A 52 -19.21 24.60 22.20
CA HIS A 52 -20.28 24.39 21.23
C HIS A 52 -21.34 25.49 21.28
N THR A 53 -21.51 26.13 22.43
CA THR A 53 -22.48 27.22 22.53
C THR A 53 -22.09 28.39 21.64
N ASP A 54 -20.79 28.59 21.42
CA ASP A 54 -20.35 29.66 20.53
C ASP A 54 -20.62 29.36 19.06
N PHE A 55 -21.05 28.13 18.74
CA PHE A 55 -21.30 27.73 17.36
C PHE A 55 -22.70 27.22 17.10
N LYS A 56 -23.38 26.67 18.11
CA LYS A 56 -24.72 26.11 17.92
C LYS A 56 -25.63 27.13 17.26
N ASP A 57 -26.04 26.82 16.02
CA ASP A 57 -26.99 27.63 15.25
C ASP A 57 -26.46 29.02 14.91
N LYS A 58 -25.15 29.20 14.92
CA LYS A 58 -24.55 30.49 14.60
C LYS A 58 -24.08 30.49 13.14
N ILE A 59 -23.75 31.69 12.66
CA ILE A 59 -23.18 31.87 11.33
C ILE A 59 -21.67 32.06 11.51
N VAL A 60 -20.89 31.38 10.66
CA VAL A 60 -19.46 31.27 10.86
C VAL A 60 -18.75 31.64 9.56
N LEU A 61 -17.58 32.24 9.71
CA LEU A 61 -16.69 32.54 8.59
C LEU A 61 -15.36 31.89 8.87
N ASP A 62 -14.91 31.05 7.93
CA ASP A 62 -13.63 30.35 8.01
C ASP A 62 -12.69 30.98 6.99
N VAL A 63 -11.68 31.71 7.46
CA VAL A 63 -10.79 32.46 6.58
C VAL A 63 -9.60 31.58 6.19
N GLY A 64 -9.49 31.28 4.89
CA GLY A 64 -8.44 30.40 4.43
C GLY A 64 -8.69 28.99 4.87
N CYS A 65 -9.85 28.45 4.50
CA CYS A 65 -10.31 27.17 5.03
C CYS A 65 -9.48 25.99 4.53
N GLY A 66 -8.71 26.17 3.47
CA GLY A 66 -7.95 25.07 2.91
C GLY A 66 -8.85 23.90 2.55
N SER A 67 -8.49 22.71 3.05
CA SER A 67 -9.32 21.53 2.83
C SER A 67 -10.71 21.68 3.40
N GLY A 68 -10.93 22.64 4.30
CA GLY A 68 -12.22 22.85 4.93
C GLY A 68 -12.31 22.29 6.34
N ILE A 69 -11.23 21.76 6.87
CA ILE A 69 -11.30 20.94 8.08
C ILE A 69 -11.88 21.74 9.24
N LEU A 70 -11.55 23.02 9.34
CA LEU A 70 -12.08 23.82 10.43
C LEU A 70 -13.56 24.09 10.27
N SER A 71 -14.04 24.18 9.03
CA SER A 71 -15.47 24.34 8.79
C SER A 71 -16.23 23.09 9.22
N PHE A 72 -15.66 21.91 8.97
CA PHE A 72 -16.31 20.68 9.39
C PHE A 72 -16.41 20.61 10.91
N PHE A 73 -15.39 21.11 11.61
CA PHE A 73 -15.48 21.15 13.07
C PHE A 73 -16.60 22.08 13.53
N ALA A 74 -16.76 23.23 12.86
CA ALA A 74 -17.83 24.15 13.20
C ALA A 74 -19.19 23.52 12.93
N ALA A 75 -19.30 22.73 11.87
CA ALA A 75 -20.52 21.97 11.62
C ALA A 75 -20.78 20.96 12.74
N GLN A 76 -19.75 20.21 13.12
CA GLN A 76 -19.90 19.24 14.21
C GLN A 76 -20.36 19.92 15.49
N ALA A 77 -20.08 21.20 15.66
CA ALA A 77 -20.45 21.93 16.86
C ALA A 77 -21.86 22.49 16.78
N GLY A 78 -22.50 22.44 15.62
CA GLY A 78 -23.87 22.87 15.47
C GLY A 78 -24.12 24.16 14.70
N ALA A 79 -23.13 24.64 13.95
CA ALA A 79 -23.32 25.89 13.21
C ALA A 79 -24.44 25.77 12.21
N ARG A 80 -25.25 26.83 12.10
CA ARG A 80 -26.31 26.86 11.11
C ARG A 80 -25.73 27.03 9.71
N LYS A 81 -24.82 28.01 9.55
CA LYS A 81 -24.27 28.36 8.24
C LYS A 81 -22.79 28.69 8.43
N ILE A 82 -21.98 28.26 7.46
CA ILE A 82 -20.54 28.48 7.49
C ILE A 82 -20.10 28.94 6.11
N TYR A 83 -19.50 30.12 6.03
CA TYR A 83 -18.92 30.62 4.80
C TYR A 83 -17.42 30.35 4.85
N ALA A 84 -16.95 29.49 3.96
CA ALA A 84 -15.57 28.98 3.97
C ALA A 84 -14.84 29.60 2.78
N VAL A 85 -14.01 30.60 3.07
CA VAL A 85 -13.30 31.35 2.05
C VAL A 85 -11.90 30.77 1.89
N GLU A 86 -11.51 30.53 0.65
CA GLU A 86 -10.17 30.01 0.34
C GLU A 86 -9.77 30.59 -1.02
N ALA A 87 -8.54 31.11 -1.10
CA ALA A 87 -8.07 31.76 -2.31
C ALA A 87 -7.24 30.86 -3.22
N SER A 88 -6.66 29.79 -2.69
CA SER A 88 -5.95 28.85 -3.54
C SER A 88 -6.95 27.95 -4.27
N THR A 89 -6.42 27.13 -5.20
CA THR A 89 -7.27 26.17 -5.91
C THR A 89 -7.75 25.04 -5.01
N MET A 90 -7.24 24.98 -3.78
CA MET A 90 -7.78 24.05 -2.79
C MET A 90 -9.26 24.26 -2.56
N ALA A 91 -9.79 25.44 -2.88
CA ALA A 91 -11.21 25.69 -2.68
C ALA A 91 -12.06 24.65 -3.42
N GLN A 92 -11.61 24.21 -4.58
CA GLN A 92 -12.39 23.25 -5.35
C GLN A 92 -12.38 21.87 -4.68
N HIS A 93 -11.27 21.51 -4.03
CA HIS A 93 -11.23 20.23 -3.32
C HIS A 93 -12.05 20.29 -2.04
N ALA A 94 -12.09 21.45 -1.38
CA ALA A 94 -12.94 21.59 -0.20
C ALA A 94 -14.41 21.44 -0.56
N GLU A 95 -14.82 21.99 -1.70
CA GLU A 95 -16.19 21.81 -2.18
C GLU A 95 -16.52 20.32 -2.30
N VAL A 96 -15.61 19.54 -2.90
CA VAL A 96 -15.83 18.11 -3.03
C VAL A 96 -16.08 17.49 -1.68
N LEU A 97 -15.25 17.83 -0.69
CA LEU A 97 -15.45 17.30 0.66
C LEU A 97 -16.77 17.74 1.27
N VAL A 98 -17.26 18.93 0.92
CA VAL A 98 -18.52 19.38 1.46
C VAL A 98 -19.68 18.57 0.90
N LYS A 99 -19.60 18.22 -0.39
CA LYS A 99 -20.64 17.41 -1.00
C LYS A 99 -20.61 15.99 -0.46
N SER A 100 -19.44 15.35 -0.48
CA SER A 100 -19.36 13.96 -0.04
C SER A 100 -19.66 13.79 1.44
N ASN A 101 -19.61 14.87 2.24
CA ASN A 101 -19.99 14.81 3.63
C ASN A 101 -21.41 15.32 3.87
N ASN A 102 -22.20 15.48 2.81
CA ASN A 102 -23.60 15.94 2.88
C ASN A 102 -23.75 17.19 3.75
N LEU A 103 -22.98 18.23 3.44
CA LEU A 103 -23.08 19.48 4.19
C LEU A 103 -23.29 20.69 3.28
N THR A 104 -23.77 20.46 2.06
CA THR A 104 -23.91 21.56 1.11
C THR A 104 -24.88 22.63 1.61
N ASP A 105 -25.77 22.29 2.53
CA ASP A 105 -26.75 23.25 3.05
C ASP A 105 -26.24 24.03 4.24
N ARG A 106 -25.09 23.67 4.80
CA ARG A 106 -24.53 24.34 5.97
C ARG A 106 -23.18 24.97 5.70
N ILE A 107 -22.37 24.37 4.83
CA ILE A 107 -21.07 24.91 4.46
C ILE A 107 -21.15 25.41 3.03
N VAL A 108 -20.75 26.67 2.82
CA VAL A 108 -20.67 27.27 1.50
C VAL A 108 -19.23 27.67 1.27
N VAL A 109 -18.62 27.13 0.23
CA VAL A 109 -17.24 27.46 -0.12
C VAL A 109 -17.28 28.63 -1.09
N ILE A 110 -16.60 29.72 -0.70
CA ILE A 110 -16.54 30.93 -1.53
C ILE A 110 -15.12 31.06 -2.04
N PRO A 111 -14.84 30.74 -3.30
CA PRO A 111 -13.46 30.83 -3.80
C PRO A 111 -13.03 32.29 -3.95
N GLY A 112 -11.86 32.60 -3.40
CA GLY A 112 -11.31 33.93 -3.53
C GLY A 112 -10.63 34.44 -2.27
N LYS A 113 -10.02 35.62 -2.37
CA LYS A 113 -9.42 36.25 -1.21
C LYS A 113 -10.50 36.90 -0.36
N VAL A 114 -10.37 36.78 0.95
CA VAL A 114 -11.38 37.34 1.83
C VAL A 114 -11.44 38.86 1.70
N GLU A 115 -10.36 39.48 1.22
CA GLU A 115 -10.39 40.92 0.99
C GLU A 115 -11.22 41.30 -0.23
N GLU A 116 -11.54 40.34 -1.10
CA GLU A 116 -12.16 40.65 -2.38
C GLU A 116 -13.54 40.04 -2.57
N VAL A 117 -13.90 38.99 -1.82
CA VAL A 117 -15.15 38.29 -2.08
C VAL A 117 -16.31 39.01 -1.40
N SER A 118 -17.53 38.60 -1.71
CA SER A 118 -18.77 39.16 -1.09
C SER A 118 -19.45 38.09 -0.25
N LEU A 119 -19.60 38.30 1.05
CA LEU A 119 -20.32 37.36 1.95
C LEU A 119 -21.76 37.84 2.00
N PRO A 120 -22.77 36.95 1.95
CA PRO A 120 -24.16 37.39 1.84
C PRO A 120 -24.76 37.89 3.15
N GLU A 121 -24.01 37.84 4.25
CA GLU A 121 -24.51 38.31 5.56
C GLU A 121 -23.40 38.37 6.58
N GLN A 122 -23.64 39.06 7.70
CA GLN A 122 -22.69 39.10 8.80
C GLN A 122 -22.68 37.76 9.53
N VAL A 123 -21.60 37.52 10.25
CA VAL A 123 -21.37 36.25 10.93
C VAL A 123 -21.18 36.52 12.42
N ASP A 124 -21.35 35.47 13.22
CA ASP A 124 -21.22 35.58 14.66
C ASP A 124 -19.83 35.27 15.17
N ILE A 125 -19.01 34.58 14.37
CA ILE A 125 -17.70 34.14 14.82
C ILE A 125 -16.86 33.86 13.59
N ILE A 126 -15.58 34.25 13.66
CA ILE A 126 -14.62 33.99 12.60
C ILE A 126 -13.62 32.97 13.12
N ILE A 127 -13.33 31.96 12.32
CA ILE A 127 -12.32 30.95 12.66
C ILE A 127 -11.26 30.97 11.58
N SER A 128 -10.03 30.67 11.97
CA SER A 128 -8.93 30.67 11.03
C SER A 128 -7.70 30.10 11.70
N GLU A 129 -6.73 29.72 10.87
CA GLU A 129 -5.37 29.38 11.30
C GLU A 129 -4.45 30.30 10.50
N PRO A 130 -4.31 31.56 10.90
CA PRO A 130 -3.46 32.50 10.15
C PRO A 130 -2.02 32.60 10.63
N MET A 131 -1.62 31.80 11.60
CA MET A 131 -0.29 31.94 12.18
C MET A 131 0.78 31.40 11.23
N GLY A 132 1.85 32.17 11.07
CA GLY A 132 3.07 31.70 10.46
C GLY A 132 4.18 31.57 11.48
N TYR A 133 5.37 31.28 10.97
CA TYR A 133 6.56 31.33 11.82
C TYR A 133 6.59 32.64 12.59
N MET A 134 7.08 32.60 13.82
CA MET A 134 7.09 33.75 14.72
C MET A 134 5.72 34.42 14.80
N LEU A 135 4.66 33.64 14.57
CA LEU A 135 3.29 34.14 14.55
C LEU A 135 2.97 34.95 13.30
N PHE A 136 3.80 35.95 13.00
CA PHE A 136 3.43 36.97 12.01
C PHE A 136 3.77 36.61 10.58
N ASN A 137 4.67 35.66 10.35
CA ASN A 137 5.14 35.40 8.99
C ASN A 137 3.97 35.01 8.09
N GLU A 138 4.11 35.37 6.80
CA GLU A 138 3.15 35.19 5.73
C GLU A 138 2.07 36.28 5.75
N ARG A 139 1.97 37.06 6.83
CA ARG A 139 1.10 38.22 6.90
C ARG A 139 -0.36 37.86 6.68
N MET A 140 -0.77 36.68 7.10
CA MET A 140 -2.17 36.33 6.97
C MET A 140 -3.00 36.86 8.13
N LEU A 141 -2.36 37.18 9.26
CA LEU A 141 -3.09 37.82 10.35
C LEU A 141 -3.83 39.06 9.86
N GLU A 142 -3.29 39.75 8.86
CA GLU A 142 -3.96 40.94 8.35
C GLU A 142 -5.25 40.58 7.64
N SER A 143 -5.27 39.45 6.93
CA SER A 143 -6.50 38.99 6.29
C SER A 143 -7.52 38.55 7.33
N TYR A 144 -7.04 37.98 8.43
CA TYR A 144 -7.91 37.60 9.54
C TYR A 144 -8.54 38.82 10.16
N LEU A 145 -7.76 39.88 10.39
CA LEU A 145 -8.31 41.12 10.93
C LEU A 145 -9.18 41.84 9.92
N HIS A 146 -8.75 41.89 8.66
CA HIS A 146 -9.57 42.48 7.61
C HIS A 146 -10.97 41.87 7.62
N ALA A 147 -11.04 40.56 7.86
CA ALA A 147 -12.31 39.85 7.83
C ALA A 147 -13.31 40.34 8.87
N LYS A 148 -12.88 41.16 9.84
CA LYS A 148 -13.81 41.61 10.86
C LYS A 148 -14.87 42.54 10.30
N LYS A 149 -14.74 42.98 9.05
CA LYS A 149 -15.82 43.75 8.43
C LYS A 149 -17.09 42.94 8.33
N TYR A 150 -16.99 41.61 8.38
CA TYR A 150 -18.15 40.73 8.36
C TYR A 150 -18.61 40.30 9.74
N LEU A 151 -17.91 40.72 10.79
CA LEU A 151 -18.21 40.27 12.14
C LEU A 151 -19.30 41.14 12.77
N LYS A 152 -20.37 40.50 13.23
CA LYS A 152 -21.37 41.20 14.02
C LYS A 152 -20.69 41.88 15.20
N PRO A 153 -21.22 42.99 15.69
CA PRO A 153 -20.54 43.72 16.77
C PRO A 153 -20.29 42.87 18.02
N SER A 154 -21.21 42.00 18.37
CA SER A 154 -21.05 41.11 19.51
C SER A 154 -20.10 39.94 19.25
N GLY A 155 -19.61 39.78 18.02
CA GLY A 155 -18.99 38.55 17.59
C GLY A 155 -17.67 38.22 18.28
N ASN A 156 -17.15 37.04 17.93
CA ASN A 156 -15.94 36.50 18.52
C ASN A 156 -14.96 36.04 17.45
N MET A 157 -13.73 35.78 17.87
CA MET A 157 -12.65 35.34 16.98
C MET A 157 -11.98 34.11 17.56
N PHE A 158 -11.77 33.09 16.74
CA PHE A 158 -11.11 31.84 17.16
C PHE A 158 -9.94 31.58 16.21
N PRO A 159 -8.68 31.84 16.63
CA PRO A 159 -8.25 32.27 17.97
C PRO A 159 -8.60 33.71 18.31
N THR A 160 -8.57 34.03 19.60
CA THR A 160 -8.93 35.36 20.10
C THR A 160 -7.72 36.25 20.32
N ILE A 161 -6.61 35.71 20.83
CA ILE A 161 -5.42 36.48 21.11
C ILE A 161 -4.19 35.67 20.76
N GLY A 162 -3.10 36.38 20.45
CA GLY A 162 -1.83 35.75 20.17
C GLY A 162 -0.69 36.34 20.97
N ASP A 163 0.11 35.48 21.58
CA ASP A 163 1.25 35.90 22.40
C ASP A 163 2.53 35.47 21.71
N VAL A 164 3.36 36.42 21.34
CA VAL A 164 4.72 36.14 20.89
C VAL A 164 5.64 36.23 22.09
N HIS A 165 6.52 35.25 22.25
CA HIS A 165 7.48 35.20 23.34
C HIS A 165 8.89 35.27 22.77
N LEU A 166 9.71 36.16 23.32
CA LEU A 166 11.11 36.27 22.96
C LEU A 166 11.97 36.06 24.21
N ALA A 167 13.12 35.43 24.02
CA ALA A 167 14.02 35.13 25.11
C ALA A 167 15.44 35.01 24.60
N PRO A 168 16.43 35.52 25.32
CA PRO A 168 17.82 35.34 24.89
C PRO A 168 18.27 33.90 25.07
N PHE A 169 19.12 33.43 24.15
CA PHE A 169 19.67 32.09 24.21
C PHE A 169 21.18 32.16 24.03
N THR A 170 21.85 31.10 24.48
CA THR A 170 23.25 30.84 24.18
C THR A 170 23.36 29.52 23.45
N ASP A 171 24.01 29.52 22.28
CA ASP A 171 24.19 28.31 21.49
C ASP A 171 25.45 28.52 20.65
N GLU A 172 26.60 28.21 21.26
CA GLU A 172 27.87 28.44 20.59
C GLU A 172 27.92 27.72 19.25
N GLN A 173 27.42 26.49 19.20
CA GLN A 173 27.49 25.71 17.97
C GLN A 173 26.70 26.38 16.86
N LEU A 174 25.48 26.82 17.16
CA LEU A 174 24.69 27.49 16.12
C LEU A 174 25.46 28.69 15.57
N TYR A 175 26.10 29.45 16.45
CA TYR A 175 26.78 30.67 16.03
C TYR A 175 28.00 30.35 15.17
N MET A 176 28.82 29.39 15.62
CA MET A 176 30.04 29.04 14.88
C MET A 176 29.71 28.37 13.55
N GLU A 177 28.56 27.72 13.46
CA GLU A 177 28.15 27.08 12.22
C GLU A 177 28.10 28.09 11.07
N GLN A 178 27.66 29.31 11.35
CA GLN A 178 27.58 30.31 10.28
C GLN A 178 28.95 30.59 9.69
N PHE A 179 29.97 30.72 10.55
CA PHE A 179 31.30 31.04 10.05
C PHE A 179 31.93 29.85 9.36
N THR A 180 31.65 28.64 9.82
CA THR A 180 32.17 27.46 9.16
C THR A 180 31.63 27.32 7.75
N LYS A 181 30.35 27.65 7.54
CA LYS A 181 29.78 27.57 6.21
C LYS A 181 30.37 28.64 5.31
N ALA A 182 30.45 29.88 5.82
CA ALA A 182 30.95 30.99 5.02
C ALA A 182 32.43 30.84 4.69
N ASN A 183 33.19 30.20 5.56
CA ASN A 183 34.62 30.04 5.32
C ASN A 183 34.90 29.17 4.11
N PHE A 184 33.87 28.58 3.47
CA PHE A 184 34.09 28.00 2.16
C PHE A 184 34.75 29.01 1.24
N TRP A 185 34.33 30.26 1.33
CA TRP A 185 34.83 31.30 0.44
C TRP A 185 36.20 31.83 0.85
N TYR A 186 36.66 31.52 2.05
CA TYR A 186 37.97 32.00 2.49
C TYR A 186 39.03 30.97 2.09
N GLN A 187 39.24 30.85 0.78
CA GLN A 187 40.38 30.10 0.30
C GLN A 187 40.97 30.74 -0.94
N PRO A 188 42.28 30.73 -1.07
CA PRO A 188 42.94 31.54 -2.10
C PRO A 188 43.03 30.88 -3.46
N SER A 189 42.84 29.57 -3.52
CA SER A 189 42.96 28.82 -4.77
C SER A 189 41.93 27.70 -4.80
N PHE A 190 40.65 28.09 -4.86
CA PHE A 190 39.57 27.18 -5.19
C PHE A 190 39.59 26.95 -6.69
N HIS A 191 40.19 25.85 -7.13
CA HIS A 191 40.30 25.55 -8.55
C HIS A 191 41.06 26.66 -9.27
N GLY A 192 42.01 27.28 -8.57
CA GLY A 192 42.80 28.36 -9.12
C GLY A 192 42.22 29.74 -8.94
N VAL A 193 41.11 29.89 -8.23
CA VAL A 193 40.44 31.17 -8.06
C VAL A 193 40.49 31.54 -6.58
N ASP A 194 40.74 32.82 -6.32
CA ASP A 194 40.75 33.34 -4.96
C ASP A 194 39.35 33.84 -4.63
N LEU A 195 38.69 33.18 -3.68
CA LEU A 195 37.30 33.47 -3.35
C LEU A 195 37.13 34.42 -2.18
N SER A 196 38.21 34.80 -1.51
CA SER A 196 38.12 35.35 -0.15
C SER A 196 37.42 36.70 -0.09
N ALA A 197 37.35 37.44 -1.20
CA ALA A 197 36.67 38.73 -1.18
C ALA A 197 35.17 38.60 -0.90
N LEU A 198 34.61 37.41 -1.05
CA LEU A 198 33.20 37.18 -0.83
C LEU A 198 32.91 36.61 0.55
N ARG A 199 33.94 36.35 1.34
CA ARG A 199 33.72 35.76 2.66
C ARG A 199 32.78 36.62 3.50
N GLY A 200 32.99 37.94 3.49
CA GLY A 200 32.14 38.81 4.28
C GLY A 200 30.70 38.79 3.82
N ALA A 201 30.47 38.79 2.51
CA ALA A 201 29.11 38.75 1.99
C ALA A 201 28.43 37.43 2.37
N ALA A 202 29.17 36.33 2.39
CA ALA A 202 28.58 35.05 2.74
C ALA A 202 28.20 35.01 4.22
N VAL A 203 29.05 35.55 5.10
CA VAL A 203 28.71 35.67 6.50
C VAL A 203 27.42 36.46 6.68
N ASP A 204 27.31 37.61 6.01
CA ASP A 204 26.11 38.44 6.17
C ASP A 204 24.88 37.68 5.74
N GLU A 205 24.96 36.99 4.60
CA GLU A 205 23.80 36.28 4.08
C GLU A 205 23.27 35.26 5.08
N TYR A 206 24.18 34.48 5.70
CA TYR A 206 23.74 33.47 6.64
C TYR A 206 23.10 34.08 7.88
N PHE A 207 23.67 35.18 8.38
CA PHE A 207 23.15 35.80 9.58
C PHE A 207 21.80 36.49 9.35
N ARG A 208 21.49 36.87 8.11
CA ARG A 208 20.18 37.42 7.81
C ARG A 208 19.06 36.38 7.85
N GLN A 209 19.38 35.11 8.11
CA GLN A 209 18.38 34.05 8.04
C GLN A 209 17.90 33.68 9.43
N PRO A 210 16.61 33.82 9.74
CA PRO A 210 16.10 33.20 10.96
C PRO A 210 16.24 31.69 10.89
N VAL A 211 16.55 31.09 12.03
CA VAL A 211 16.81 29.65 12.12
C VAL A 211 15.55 28.97 12.64
N VAL A 212 14.95 28.14 11.80
CA VAL A 212 13.76 27.38 12.16
C VAL A 212 14.20 25.99 12.57
N ASP A 213 14.20 25.73 13.86
CA ASP A 213 14.35 24.39 14.41
C ASP A 213 13.98 24.50 15.89
N THR A 214 14.22 23.43 16.64
CA THR A 214 13.90 23.41 18.06
C THR A 214 15.19 23.28 18.85
N PHE A 215 15.07 23.28 20.17
CA PHE A 215 16.24 23.38 21.04
C PHE A 215 15.83 23.06 22.46
N ASP A 216 16.84 22.83 23.30
CA ASP A 216 16.65 22.53 24.70
C ASP A 216 16.44 23.83 25.48
N ILE A 217 15.43 23.85 26.35
CA ILE A 217 15.07 25.10 26.98
C ILE A 217 16.18 25.63 27.89
N ARG A 218 17.13 24.79 28.26
CA ARG A 218 18.22 25.26 29.11
C ARG A 218 19.19 26.17 28.36
N ILE A 219 19.03 26.34 27.05
CA ILE A 219 19.82 27.35 26.36
C ILE A 219 19.25 28.75 26.56
N LEU A 220 18.03 28.86 27.07
CA LEU A 220 17.47 30.17 27.38
C LEU A 220 18.12 30.70 28.65
N MET A 221 18.39 32.01 28.66
CA MET A 221 19.10 32.64 29.76
C MET A 221 18.25 33.62 30.55
N ALA A 222 17.01 33.85 30.15
CA ALA A 222 16.13 34.72 30.91
C ALA A 222 14.68 34.35 30.65
N LYS A 223 13.83 34.65 31.63
CA LYS A 223 12.39 34.53 31.47
C LYS A 223 11.96 35.30 30.22
N SER A 224 11.07 34.69 29.44
CA SER A 224 10.66 35.28 28.18
C SER A 224 9.90 36.58 28.41
N VAL A 225 9.87 37.41 27.37
CA VAL A 225 9.08 38.63 27.34
C VAL A 225 7.96 38.41 26.34
N LYS A 226 6.77 38.86 26.69
CA LYS A 226 5.56 38.56 25.94
C LYS A 226 5.05 39.83 25.25
N TYR A 227 4.67 39.68 23.99
CA TYR A 227 3.98 40.72 23.24
C TYR A 227 2.66 40.14 22.77
N THR A 228 1.56 40.84 23.02
CA THR A 228 0.23 40.31 22.81
C THR A 228 -0.49 41.09 21.72
N VAL A 229 -1.16 40.36 20.83
CA VAL A 229 -2.10 40.90 19.87
C VAL A 229 -3.48 40.37 20.26
N ASN A 230 -4.43 41.28 20.43
CA ASN A 230 -5.82 40.92 20.69
C ASN A 230 -6.56 41.07 19.37
N PHE A 231 -6.95 39.93 18.78
CA PHE A 231 -7.53 39.99 17.45
C PHE A 231 -8.91 40.64 17.44
N LEU A 232 -9.57 40.73 18.59
CA LEU A 232 -10.85 41.44 18.65
C LEU A 232 -10.66 42.94 18.52
N GLU A 233 -9.57 43.49 19.07
CA GLU A 233 -9.32 44.92 19.09
C GLU A 233 -8.43 45.40 17.97
N ALA A 234 -7.53 44.54 17.49
CA ALA A 234 -6.45 44.97 16.61
C ALA A 234 -6.94 45.28 15.21
N LYS A 235 -6.32 46.28 14.60
CA LYS A 235 -6.60 46.69 13.23
C LYS A 235 -5.51 46.15 12.31
N GLU A 236 -5.86 45.95 11.05
CA GLU A 236 -4.88 45.57 10.04
C GLU A 236 -3.61 46.40 10.13
N GLY A 237 -3.77 47.73 10.24
CA GLY A 237 -2.62 48.62 10.20
C GLY A 237 -1.64 48.42 11.34
N ASP A 238 -2.07 47.77 12.41
CA ASP A 238 -1.20 47.57 13.57
C ASP A 238 -0.06 46.59 13.29
N LEU A 239 -0.19 45.75 12.27
CA LEU A 239 0.81 44.73 11.98
C LEU A 239 1.79 45.13 10.88
N HIS A 240 1.69 46.34 10.35
CA HIS A 240 2.70 46.82 9.41
C HIS A 240 4.01 47.14 10.11
N ARG A 241 3.94 47.62 11.34
CA ARG A 241 5.12 48.01 12.11
C ARG A 241 4.90 47.55 13.53
N ILE A 242 5.67 46.55 13.98
CA ILE A 242 5.47 45.90 15.26
C ILE A 242 6.74 46.11 16.07
N GLU A 243 6.62 46.83 17.17
CA GLU A 243 7.76 47.18 18.01
C GLU A 243 7.65 46.38 19.30
N ILE A 244 8.67 45.58 19.58
CA ILE A 244 8.66 44.76 20.79
C ILE A 244 9.85 45.15 21.66
N PRO A 245 9.67 46.10 22.59
CA PRO A 245 10.74 46.40 23.54
C PRO A 245 10.91 45.24 24.50
N PHE A 246 12.13 45.05 24.98
CA PHE A 246 12.39 43.96 25.91
C PHE A 246 13.42 44.37 26.96
N LYS A 247 13.22 43.86 28.18
CA LYS A 247 14.14 44.08 29.29
C LYS A 247 14.31 42.72 29.97
N PHE A 248 15.41 42.04 29.67
CA PHE A 248 15.66 40.71 30.19
C PHE A 248 16.56 40.79 31.41
N HIS A 249 16.18 40.09 32.47
CA HIS A 249 17.00 39.98 33.66
C HIS A 249 17.67 38.61 33.63
N MET A 250 18.98 38.63 33.40
CA MET A 250 19.72 37.40 33.10
C MET A 250 19.70 36.45 34.28
N LEU A 251 19.37 35.20 34.02
CA LEU A 251 19.39 34.16 35.04
C LEU A 251 20.62 33.29 34.98
N HIS A 252 21.34 33.31 33.85
CA HIS A 252 22.60 32.59 33.72
C HIS A 252 23.63 33.53 33.08
N SER A 253 24.91 33.29 33.39
CA SER A 253 26.00 33.98 32.74
C SER A 253 26.40 33.23 31.48
N GLY A 254 26.83 33.98 30.48
CA GLY A 254 27.24 33.38 29.22
C GLY A 254 27.19 34.36 28.08
N LEU A 255 27.46 33.85 26.89
CA LEU A 255 27.41 34.63 25.66
C LEU A 255 26.00 34.53 25.08
N VAL A 256 25.32 35.66 24.99
CA VAL A 256 24.01 35.71 24.33
C VAL A 256 24.25 35.77 22.83
N HIS A 257 23.81 34.73 22.12
CA HIS A 257 24.04 34.64 20.69
C HIS A 257 22.83 35.09 19.86
N GLY A 258 21.73 35.46 20.50
CA GLY A 258 20.55 35.88 19.77
C GLY A 258 19.30 35.77 20.62
N LEU A 259 18.16 36.00 19.96
CA LEU A 259 16.85 35.90 20.60
C LEU A 259 16.05 34.76 19.99
N ALA A 260 15.38 33.99 20.86
CA ALA A 260 14.51 32.91 20.44
C ALA A 260 13.05 33.36 20.49
N PHE A 261 12.29 33.00 19.47
CA PHE A 261 10.89 33.38 19.35
C PHE A 261 10.02 32.13 19.33
N TRP A 262 8.87 32.19 20.01
CA TRP A 262 7.80 31.22 19.84
C TRP A 262 6.49 31.96 20.12
N PHE A 263 5.37 31.24 20.03
CA PHE A 263 4.09 31.91 20.22
C PHE A 263 2.99 30.95 20.69
N ASP A 264 2.03 31.54 21.39
CA ASP A 264 0.81 30.88 21.84
C ASP A 264 -0.37 31.63 21.25
N VAL A 265 -1.48 30.93 21.06
CA VAL A 265 -2.77 31.56 20.77
C VAL A 265 -3.80 30.97 21.71
N ALA A 266 -4.83 31.76 22.02
CA ALA A 266 -5.89 31.32 22.91
C ALA A 266 -7.23 31.48 22.22
N PHE A 267 -8.06 30.44 22.34
CA PHE A 267 -9.46 30.45 21.90
C PHE A 267 -10.29 30.72 23.16
N ILE A 268 -10.83 31.92 23.27
CA ILE A 268 -11.58 32.32 24.45
C ILE A 268 -13.06 32.18 24.13
N GLY A 269 -13.63 31.04 24.50
CA GLY A 269 -15.03 30.79 24.29
C GLY A 269 -15.86 31.08 25.53
N SER A 270 -17.17 31.02 25.36
CA SER A 270 -18.07 31.22 26.48
C SER A 270 -17.90 30.14 27.54
N ILE A 271 -17.50 28.93 27.14
CA ILE A 271 -17.45 27.80 28.04
C ILE A 271 -16.05 27.60 28.61
N MET A 272 -15.00 27.82 27.83
CA MET A 272 -13.65 27.69 28.34
C MET A 272 -12.66 28.32 27.37
N THR A 273 -11.43 28.51 27.85
CA THR A 273 -10.34 29.05 27.06
C THR A 273 -9.35 27.94 26.75
N VAL A 274 -9.11 27.70 25.47
CA VAL A 274 -8.20 26.65 25.02
C VAL A 274 -6.96 27.31 24.44
N TRP A 275 -5.80 26.76 24.78
CA TRP A 275 -4.52 27.28 24.33
C TRP A 275 -3.86 26.34 23.34
N LEU A 276 -3.25 26.93 22.31
CA LEU A 276 -2.39 26.22 21.37
C LEU A 276 -1.02 26.84 21.48
N SER A 277 -0.05 26.08 21.98
CA SER A 277 1.27 26.61 22.32
C SER A 277 2.33 25.97 21.44
N THR A 278 3.22 26.80 20.91
CA THR A 278 4.40 26.33 20.19
C THR A 278 5.67 26.57 20.99
N ALA A 279 5.56 26.74 22.29
CA ALA A 279 6.71 26.96 23.14
C ALA A 279 7.65 25.75 23.12
N PRO A 280 8.93 25.96 23.44
CA PRO A 280 9.87 24.83 23.47
C PRO A 280 9.60 23.83 24.59
N THR A 281 8.78 24.19 25.56
CA THR A 281 8.43 23.28 26.65
C THR A 281 7.24 22.39 26.32
N GLU A 282 6.59 22.61 25.19
CA GLU A 282 5.43 21.87 24.74
C GLU A 282 5.80 20.95 23.59
N PRO A 283 4.90 20.04 23.21
CA PRO A 283 5.20 19.14 22.09
C PRO A 283 5.44 19.93 20.80
N LEU A 284 6.37 19.43 20.00
CA LEU A 284 6.73 20.11 18.77
C LEU A 284 5.58 20.17 17.79
N THR A 285 5.45 21.31 17.10
CA THR A 285 4.48 21.53 16.04
C THR A 285 5.23 21.88 14.76
N HIS A 286 4.48 22.01 13.66
CA HIS A 286 5.13 22.36 12.40
C HIS A 286 5.55 23.84 12.34
N TRP A 287 5.27 24.63 13.38
CA TRP A 287 5.85 25.96 13.53
C TRP A 287 7.19 25.95 14.24
N TYR A 288 7.56 24.85 14.90
CA TYR A 288 8.84 24.73 15.59
C TYR A 288 9.08 25.93 16.48
N GLN A 289 10.31 26.45 16.49
CA GLN A 289 10.65 27.72 17.10
C GLN A 289 11.61 28.44 16.17
N VAL A 290 11.75 29.75 16.38
CA VAL A 290 12.55 30.59 15.51
C VAL A 290 13.60 31.31 16.36
N ARG A 291 14.83 31.33 15.86
CA ARG A 291 15.94 31.99 16.54
C ARG A 291 16.61 32.94 15.57
N CYS A 292 16.83 34.18 16.03
CA CYS A 292 17.51 35.20 15.25
C CYS A 292 18.85 35.50 15.90
N LEU A 293 19.93 35.26 15.18
CA LEU A 293 21.26 35.41 15.74
C LEU A 293 21.66 36.87 15.81
N PHE A 294 22.54 37.18 16.76
CA PHE A 294 23.25 38.45 16.79
C PHE A 294 24.53 38.31 15.97
N GLN A 295 24.86 39.34 15.21
CA GLN A 295 26.12 39.31 14.46
C GLN A 295 27.31 39.13 15.41
N SER A 296 27.31 39.82 16.55
CA SER A 296 28.33 39.66 17.58
C SER A 296 27.66 39.31 18.90
N PRO A 297 28.11 38.27 19.60
CA PRO A 297 27.45 37.91 20.85
C PRO A 297 27.75 38.92 21.95
N LEU A 298 26.88 38.93 22.95
CA LEU A 298 27.00 39.79 24.11
C LEU A 298 27.30 38.95 25.34
N PHE A 299 28.33 39.32 26.08
CA PHE A 299 28.59 38.71 27.38
C PHE A 299 27.63 39.29 28.41
N ALA A 300 26.99 38.43 29.19
CA ALA A 300 26.14 38.86 30.29
C ALA A 300 26.37 37.93 31.46
N LYS A 301 26.45 38.49 32.66
CA LYS A 301 26.46 37.70 33.88
C LYS A 301 25.05 37.67 34.47
N ALA A 302 24.78 36.64 35.26
CA ALA A 302 23.51 36.58 35.98
C ALA A 302 23.33 37.86 36.78
N GLY A 303 22.10 38.39 36.76
CA GLY A 303 21.80 39.65 37.40
C GLY A 303 21.90 40.86 36.49
N ASP A 304 22.70 40.79 35.43
CA ASP A 304 22.72 41.85 34.44
C ASP A 304 21.36 41.97 33.76
N THR A 305 21.12 43.13 33.14
CA THR A 305 19.93 43.36 32.34
C THR A 305 20.34 43.50 30.87
N LEU A 306 19.59 42.84 29.99
CA LEU A 306 19.78 42.92 28.55
C LEU A 306 18.54 43.58 27.97
N SER A 307 18.72 44.66 27.24
CA SER A 307 17.59 45.48 26.83
C SER A 307 17.76 45.94 25.40
N GLY A 308 16.61 46.17 24.76
CA GLY A 308 16.62 46.61 23.37
C GLY A 308 15.23 46.51 22.79
N THR A 309 15.17 46.38 21.48
CA THR A 309 13.93 46.41 20.75
C THR A 309 14.00 45.44 19.59
N CYS A 310 12.93 44.69 19.40
CA CYS A 310 12.72 43.91 18.19
C CYS A 310 11.67 44.63 17.36
N LEU A 311 12.06 45.07 16.17
CA LEU A 311 11.18 45.84 15.29
C LEU A 311 10.94 45.05 14.02
N LEU A 312 9.67 44.78 13.72
CA LEU A 312 9.27 44.04 12.53
C LEU A 312 8.56 44.97 11.57
N ILE A 313 9.12 45.12 10.38
CA ILE A 313 8.59 46.00 9.35
C ILE A 313 8.08 45.15 8.20
N ALA A 314 6.77 45.20 7.96
CA ALA A 314 6.18 44.37 6.90
C ALA A 314 6.72 44.80 5.54
N ASN A 315 6.88 43.81 4.66
CA ASN A 315 7.27 44.03 3.28
C ASN A 315 6.26 43.39 2.33
N LYS A 316 6.43 43.66 1.05
CA LYS A 316 5.47 43.22 0.03
C LYS A 316 5.64 41.76 -0.37
N ARG A 317 6.64 41.06 0.16
CA ARG A 317 6.81 39.63 -0.05
C ARG A 317 6.10 38.80 1.02
N GLN A 318 5.04 39.35 1.62
CA GLN A 318 4.25 38.67 2.63
C GLN A 318 5.08 38.25 3.83
N SER A 319 6.10 39.02 4.17
CA SER A 319 6.92 38.71 5.33
C SER A 319 7.32 40.01 6.03
N TYR A 320 8.41 39.94 6.79
CA TYR A 320 8.87 41.05 7.62
C TYR A 320 10.39 41.16 7.50
N ASP A 321 10.89 42.40 7.51
CA ASP A 321 12.29 42.66 7.83
C ASP A 321 12.38 42.81 9.35
N ILE A 322 13.30 42.07 9.95
CA ILE A 322 13.46 42.05 11.41
C ILE A 322 14.70 42.84 11.76
N SER A 323 14.55 43.83 12.62
CA SER A 323 15.67 44.57 13.19
C SER A 323 15.72 44.27 14.68
N ILE A 324 16.86 43.78 15.14
CA ILE A 324 17.07 43.49 16.56
C ILE A 324 18.27 44.29 17.03
N VAL A 325 18.05 45.12 18.04
CA VAL A 325 19.13 45.83 18.72
C VAL A 325 19.06 45.47 20.20
N ALA A 326 20.22 45.21 20.80
CA ALA A 326 20.28 44.77 22.19
C ALA A 326 21.59 45.25 22.80
N GLN A 327 21.55 45.55 24.08
CA GLN A 327 22.72 45.98 24.81
C GLN A 327 22.67 45.46 26.24
N VAL A 328 23.81 45.03 26.75
CA VAL A 328 23.97 44.70 28.16
C VAL A 328 24.13 46.02 28.90
N ASP A 329 23.16 46.35 29.76
CA ASP A 329 23.13 47.68 30.37
C ASP A 329 24.33 47.90 31.29
N GLN A 330 24.76 46.86 32.00
CA GLN A 330 25.85 47.04 32.95
C GLN A 330 27.15 47.42 32.26
N THR A 331 27.34 46.99 31.01
CA THR A 331 28.60 47.17 30.32
C THR A 331 28.52 48.05 29.08
N GLY A 332 27.32 48.46 28.66
CA GLY A 332 27.17 49.18 27.42
C GLY A 332 27.45 48.39 26.16
N SER A 333 27.86 47.12 26.30
CA SER A 333 28.12 46.28 25.13
C SER A 333 26.85 46.10 24.31
N LYS A 334 26.97 46.32 23.00
CA LYS A 334 25.83 46.45 22.12
C LYS A 334 25.98 45.56 20.91
N SER A 335 24.85 45.07 20.43
CA SER A 335 24.82 44.29 19.20
C SER A 335 23.52 44.54 18.46
N SER A 336 23.56 44.32 17.15
CA SER A 336 22.38 44.43 16.31
C SER A 336 22.23 43.22 15.40
N ASN A 337 21.24 43.28 14.52
CA ASN A 337 21.15 42.38 13.39
C ASN A 337 19.92 42.72 12.56
N LEU A 338 20.01 42.52 11.26
CA LEU A 338 18.87 42.61 10.35
C LEU A 338 18.66 41.24 9.74
N LEU A 339 17.42 40.75 9.78
CA LEU A 339 17.09 39.43 9.29
C LEU A 339 15.91 39.51 8.34
N ASP A 340 15.94 38.65 7.35
CA ASP A 340 14.87 38.53 6.37
C ASP A 340 14.03 37.30 6.70
N LEU A 341 12.84 37.53 7.27
CA LEU A 341 11.98 36.42 7.65
C LEU A 341 11.45 35.64 6.45
N LYS A 342 11.69 36.10 5.23
CA LYS A 342 11.16 35.41 4.06
C LYS A 342 12.06 34.25 3.62
N ASN A 343 13.33 34.25 3.99
CA ASN A 343 14.29 33.21 3.62
C ASN A 343 14.83 32.58 4.90
N PRO A 344 13.98 31.88 5.65
CA PRO A 344 14.47 31.20 6.86
C PRO A 344 15.37 30.03 6.49
N PHE A 345 16.21 29.64 7.45
CA PHE A 345 17.02 28.43 7.31
C PHE A 345 16.40 27.34 8.16
N PHE A 346 15.95 26.27 7.51
CA PHE A 346 15.33 25.13 8.19
C PHE A 346 16.43 24.18 8.62
N ARG A 347 16.73 24.16 9.92
CA ARG A 347 17.84 23.42 10.48
C ARG A 347 17.42 22.14 11.20
N TYR A 348 16.12 21.90 11.36
CA TYR A 348 15.66 20.73 12.12
C TYR A 348 16.18 19.44 11.51
N THR A 349 16.80 18.62 12.34
CA THR A 349 17.37 17.34 11.93
C THR A 349 16.49 16.15 12.24
N GLY A 350 15.69 16.23 13.32
CA GLY A 350 14.89 15.09 13.85
C GLY A 350 15.51 14.62 15.16
N THR A 351 16.78 14.96 15.42
CA THR A 351 17.54 14.52 16.63
C THR A 351 17.03 15.30 17.84
N THR A 352 16.80 14.65 18.99
CA THR A 352 16.37 15.31 20.25
C THR A 352 17.40 16.42 20.54
N PRO A 353 17.01 17.69 20.84
CA PRO A 353 18.01 18.74 21.02
C PRO A 353 18.93 18.37 22.20
N SER A 354 20.25 18.56 22.07
CA SER A 354 21.25 18.15 23.09
C SER A 354 21.34 19.27 24.14
N PRO A 355 21.54 18.98 25.45
CA PRO A 355 21.54 20.04 26.46
C PRO A 355 22.83 20.86 26.41
N PRO A 356 22.75 22.14 26.84
CA PRO A 356 23.92 22.98 26.89
C PRO A 356 25.02 22.34 27.70
N PRO A 357 26.30 22.45 27.29
CA PRO A 357 27.38 21.94 28.09
C PRO A 357 27.39 22.63 29.45
N GLY A 358 27.77 21.92 30.51
CA GLY A 358 27.86 22.50 31.86
C GLY A 358 26.52 22.60 32.53
N SER A 359 25.62 21.67 32.23
CA SER A 359 24.27 21.64 32.82
C SER A 359 24.26 20.63 33.99
N HIS A 360 25.33 19.85 34.17
CA HIS A 360 25.37 18.88 35.25
C HIS A 360 25.86 19.57 36.52
N TYR A 361 24.96 19.75 37.48
CA TYR A 361 25.32 20.24 38.81
C TYR A 361 25.64 19.12 39.78
N THR A 362 25.31 17.88 39.43
CA THR A 362 25.69 16.70 40.19
C THR A 362 26.39 15.72 39.28
N SER A 363 27.22 14.82 39.84
CA SER A 363 28.03 13.84 39.07
C SER A 363 27.13 12.97 38.18
N PRO A 364 27.29 12.94 36.82
CA PRO A 364 26.52 12.00 35.98
C PRO A 364 26.91 10.53 36.24
N SER A 365 28.12 10.27 36.72
CA SER A 365 28.63 8.89 36.99
C SER A 365 27.94 8.33 38.25
N GLU A 366 27.53 9.18 39.18
CA GLU A 366 26.81 8.77 40.42
C GLU A 366 25.35 8.47 40.03
N ASN A 367 24.77 9.27 39.14
CA ASN A 367 23.34 9.15 38.72
C ASN A 367 23.16 7.78 38.04
N MET A 368 24.21 7.21 37.43
CA MET A 368 24.15 5.83 36.85
C MET A 368 23.63 4.89 37.94
N ARG B 6 8.61 41.41 -24.70
CA ARG B 6 8.99 41.49 -26.10
C ARG B 6 10.34 40.81 -26.34
N SER B 7 11.11 40.61 -25.27
CA SER B 7 12.33 39.83 -25.36
C SER B 7 12.00 38.34 -25.33
N VAL B 8 12.89 37.53 -25.91
CA VAL B 8 12.59 36.11 -26.07
C VAL B 8 12.35 35.46 -24.71
N PHE B 9 13.08 35.91 -23.68
CA PHE B 9 12.91 35.29 -22.37
C PHE B 9 11.57 35.69 -21.74
N SER B 10 11.20 36.96 -21.85
CA SER B 10 9.96 37.42 -21.22
C SER B 10 8.73 36.79 -21.87
N GLU B 11 8.78 36.53 -23.19
CA GLU B 11 7.63 35.94 -23.87
C GLU B 11 7.33 34.54 -23.33
N ARG B 12 8.37 33.76 -23.04
CA ARG B 12 8.22 32.35 -22.69
C ARG B 12 8.20 32.11 -21.18
N THR B 13 8.21 33.17 -20.38
CA THR B 13 8.39 33.03 -18.94
C THR B 13 7.42 33.96 -18.20
N GLU B 14 6.57 33.38 -17.35
CA GLU B 14 5.80 34.17 -16.40
C GLU B 14 6.74 34.95 -15.51
N GLU B 15 6.42 36.24 -15.28
CA GLU B 15 7.29 37.05 -14.43
C GLU B 15 7.39 36.46 -13.02
N SER B 16 6.29 35.93 -12.49
CA SER B 16 6.31 35.35 -11.15
C SER B 16 7.27 34.17 -11.04
N SER B 17 7.58 33.51 -12.16
CA SER B 17 8.53 32.40 -12.14
C SER B 17 9.97 32.86 -12.34
N ALA B 18 10.17 33.92 -13.12
CA ALA B 18 11.52 34.47 -13.29
C ALA B 18 12.02 35.17 -12.03
N VAL B 19 11.11 35.79 -11.27
CA VAL B 19 11.50 36.45 -10.02
C VAL B 19 12.06 35.43 -9.05
N GLN B 20 11.27 34.40 -8.73
CA GLN B 20 11.76 33.34 -7.85
C GLN B 20 13.04 32.72 -8.39
N TYR B 21 13.06 32.42 -9.69
CA TYR B 21 14.20 31.73 -10.29
C TYR B 21 15.49 32.49 -10.06
N PHE B 22 15.51 33.79 -10.39
CA PHE B 22 16.75 34.54 -10.28
C PHE B 22 17.07 34.95 -8.86
N GLN B 23 16.06 35.06 -7.99
CA GLN B 23 16.35 35.24 -6.57
C GLN B 23 17.05 34.01 -6.00
N PHE B 24 16.65 32.81 -6.43
CA PHE B 24 17.26 31.58 -5.93
C PHE B 24 18.75 31.54 -6.26
N TYR B 25 19.13 31.92 -7.47
CA TYR B 25 20.53 31.92 -7.87
C TYR B 25 21.29 33.17 -7.44
N GLY B 26 20.61 34.12 -6.78
CA GLY B 26 21.30 35.24 -6.19
C GLY B 26 21.94 34.96 -4.87
N TYR B 27 21.63 33.83 -4.23
CA TYR B 27 22.19 33.51 -2.93
C TYR B 27 23.55 32.85 -3.08
N LEU B 28 24.54 33.36 -2.33
CA LEU B 28 25.86 32.75 -2.37
C LEU B 28 25.82 31.30 -1.91
N SER B 29 24.97 31.00 -0.92
CA SER B 29 24.90 29.63 -0.43
C SER B 29 24.59 28.65 -1.54
N GLN B 30 23.71 29.04 -2.47
CA GLN B 30 23.40 28.18 -3.61
C GLN B 30 24.58 28.09 -4.58
N GLN B 31 25.32 29.18 -4.76
CA GLN B 31 26.54 29.09 -5.58
C GLN B 31 27.54 28.14 -4.94
N GLN B 32 27.65 28.18 -3.61
CA GLN B 32 28.56 27.28 -2.92
C GLN B 32 28.17 25.82 -3.15
N ASN B 33 26.87 25.53 -3.15
CA ASN B 33 26.45 24.14 -3.32
C ASN B 33 26.78 23.62 -4.70
N MET B 34 26.53 24.41 -5.74
CA MET B 34 26.98 24.01 -7.08
C MET B 34 28.49 23.86 -7.12
N MET B 35 29.22 24.84 -6.60
CA MET B 35 30.67 24.83 -6.71
C MET B 35 31.26 23.63 -5.98
N GLN B 36 30.71 23.28 -4.82
CA GLN B 36 31.24 22.17 -4.03
C GLN B 36 30.96 20.80 -4.64
N ASP B 37 30.17 20.72 -5.69
CA ASP B 37 30.10 19.49 -6.49
C ASP B 37 31.42 19.35 -7.23
N TYR B 38 32.33 18.52 -6.71
CA TYR B 38 33.66 18.41 -7.29
C TYR B 38 33.62 17.74 -8.67
N VAL B 39 32.72 16.78 -8.89
CA VAL B 39 32.62 16.18 -10.21
C VAL B 39 32.21 17.23 -11.23
N ARG B 40 31.18 18.02 -10.90
CA ARG B 40 30.74 19.09 -11.79
C ARG B 40 31.84 20.11 -12.03
N THR B 41 32.40 20.67 -10.95
CA THR B 41 33.33 21.78 -11.12
C THR B 41 34.64 21.32 -11.76
N GLY B 42 35.17 20.18 -11.29
CA GLY B 42 36.43 19.70 -11.81
C GLY B 42 36.34 19.18 -13.23
N THR B 43 35.19 18.64 -13.63
CA THR B 43 35.04 18.17 -15.00
C THR B 43 34.96 19.33 -15.97
N TYR B 44 34.23 20.38 -15.60
CA TYR B 44 34.27 21.60 -16.40
C TYR B 44 35.70 22.14 -16.51
N GLN B 45 36.43 22.15 -15.40
CA GLN B 45 37.76 22.74 -15.44
C GLN B 45 38.69 21.93 -16.33
N ARG B 46 38.60 20.59 -16.29
CA ARG B 46 39.54 19.85 -17.12
C ARG B 46 39.12 19.82 -18.58
N ALA B 47 37.81 19.84 -18.87
CA ALA B 47 37.37 19.95 -20.26
C ALA B 47 37.94 21.22 -20.88
N ILE B 48 38.01 22.30 -20.11
CA ILE B 48 38.44 23.59 -20.62
C ILE B 48 39.96 23.63 -20.74
N LEU B 49 40.68 23.19 -19.71
CA LEU B 49 42.13 23.27 -19.74
C LEU B 49 42.73 22.27 -20.72
N GLN B 50 42.20 21.05 -20.78
CA GLN B 50 42.75 20.07 -21.71
C GLN B 50 42.55 20.50 -23.16
N ASN B 51 41.53 21.29 -23.43
CA ASN B 51 41.31 21.88 -24.74
C ASN B 51 41.71 23.35 -24.77
N HIS B 52 42.91 23.65 -24.24
CA HIS B 52 43.31 25.05 -24.10
C HIS B 52 43.34 25.76 -25.45
N THR B 53 43.65 25.04 -26.53
CA THR B 53 43.73 25.66 -27.85
C THR B 53 42.37 26.20 -28.31
N ASP B 54 41.26 25.64 -27.82
CA ASP B 54 39.95 26.20 -28.13
C ASP B 54 39.73 27.55 -27.47
N PHE B 55 40.59 27.93 -26.54
CA PHE B 55 40.43 29.15 -25.76
C PHE B 55 41.56 30.14 -25.93
N LYS B 56 42.79 29.68 -26.15
CA LYS B 56 43.95 30.57 -26.26
C LYS B 56 43.67 31.69 -27.25
N ASP B 57 43.75 32.92 -26.76
CA ASP B 57 43.55 34.13 -27.56
C ASP B 57 42.19 34.19 -28.24
N LYS B 58 41.20 33.49 -27.71
CA LYS B 58 39.85 33.50 -28.26
C LYS B 58 38.93 34.36 -27.41
N ILE B 59 37.78 34.70 -27.98
CA ILE B 59 36.73 35.47 -27.31
C ILE B 59 35.67 34.49 -26.84
N VAL B 60 35.22 34.66 -25.59
CA VAL B 60 34.36 33.69 -24.91
C VAL B 60 33.10 34.38 -24.42
N LEU B 61 31.99 33.67 -24.48
CA LEU B 61 30.75 34.10 -23.83
C LEU B 61 30.37 33.05 -22.80
N ASP B 62 30.09 33.49 -21.58
CA ASP B 62 29.67 32.62 -20.49
C ASP B 62 28.22 32.95 -20.16
N VAL B 63 27.33 32.00 -20.41
CA VAL B 63 25.90 32.20 -20.21
C VAL B 63 25.53 31.80 -18.79
N GLY B 64 25.02 32.76 -18.02
CA GLY B 64 24.66 32.49 -16.64
C GLY B 64 25.86 32.11 -15.80
N CYS B 65 26.83 33.02 -15.72
CA CYS B 65 28.12 32.72 -15.09
C CYS B 65 28.04 32.57 -13.57
N GLY B 66 26.95 32.98 -12.94
CA GLY B 66 26.89 32.91 -11.49
C GLY B 66 28.08 33.61 -10.85
N SER B 67 28.75 32.90 -9.95
CA SER B 67 29.94 33.45 -9.30
C SER B 67 31.04 33.77 -10.30
N GLY B 68 30.95 33.26 -11.52
CA GLY B 68 31.95 33.50 -12.53
C GLY B 68 32.98 32.40 -12.69
N ILE B 69 32.76 31.23 -12.10
CA ILE B 69 33.84 30.25 -11.97
C ILE B 69 34.23 29.69 -13.33
N LEU B 70 33.27 29.53 -14.25
CA LEU B 70 33.63 29.02 -15.57
C LEU B 70 34.44 30.05 -16.37
N SER B 71 34.17 31.33 -16.16
CA SER B 71 34.95 32.37 -16.83
C SER B 71 36.40 32.32 -16.37
N PHE B 72 36.62 32.12 -15.06
CA PHE B 72 37.99 32.01 -14.57
C PHE B 72 38.70 30.81 -15.19
N PHE B 73 37.96 29.73 -15.49
CA PHE B 73 38.58 28.59 -16.18
C PHE B 73 38.99 28.98 -17.61
N ALA B 74 38.13 29.73 -18.31
CA ALA B 74 38.49 30.21 -19.64
C ALA B 74 39.68 31.16 -19.60
N ALA B 75 39.77 31.98 -18.55
CA ALA B 75 40.93 32.85 -18.40
C ALA B 75 42.20 32.03 -18.17
N GLN B 76 42.11 30.99 -17.34
CA GLN B 76 43.26 30.13 -17.12
C GLN B 76 43.70 29.43 -18.40
N ALA B 77 42.74 29.13 -19.29
CA ALA B 77 43.04 28.48 -20.56
C ALA B 77 43.72 29.41 -21.56
N GLY B 78 43.68 30.72 -21.33
CA GLY B 78 44.35 31.67 -22.20
C GLY B 78 43.44 32.61 -22.97
N ALA B 79 42.15 32.65 -22.65
CA ALA B 79 41.20 33.45 -23.42
C ALA B 79 41.61 34.92 -23.42
N ARG B 80 41.45 35.58 -24.57
CA ARG B 80 41.75 37.01 -24.65
C ARG B 80 40.71 37.83 -23.91
N LYS B 81 39.43 37.51 -24.09
CA LYS B 81 38.34 38.28 -23.53
C LYS B 81 37.17 37.34 -23.24
N ILE B 82 36.54 37.54 -22.08
CA ILE B 82 35.43 36.70 -21.65
C ILE B 82 34.29 37.62 -21.24
N TYR B 83 33.15 37.50 -21.91
CA TYR B 83 31.94 38.19 -21.53
C TYR B 83 31.09 37.24 -20.69
N ALA B 84 30.87 37.60 -19.45
CA ALA B 84 30.24 36.74 -18.45
C ALA B 84 28.87 37.34 -18.12
N VAL B 85 27.83 36.75 -18.70
CA VAL B 85 26.47 37.27 -18.57
C VAL B 85 25.78 36.55 -17.43
N GLU B 86 25.08 37.33 -16.60
CA GLU B 86 24.37 36.77 -15.45
C GLU B 86 23.22 37.70 -15.11
N ALA B 87 22.01 37.15 -14.99
CA ALA B 87 20.83 37.98 -14.75
C ALA B 87 20.49 38.14 -13.27
N SER B 88 21.00 37.29 -12.40
CA SER B 88 20.71 37.45 -10.99
C SER B 88 21.65 38.47 -10.37
N THR B 89 21.34 38.87 -9.14
CA THR B 89 22.18 39.80 -8.40
C THR B 89 23.56 39.22 -8.09
N MET B 90 23.78 37.94 -8.40
CA MET B 90 25.10 37.33 -8.28
C MET B 90 26.12 37.99 -9.21
N ALA B 91 25.65 38.73 -10.22
CA ALA B 91 26.57 39.44 -11.10
C ALA B 91 27.48 40.38 -10.31
N GLN B 92 26.93 41.07 -9.30
CA GLN B 92 27.75 41.98 -8.51
C GLN B 92 28.86 41.23 -7.79
N HIS B 93 28.60 40.01 -7.34
CA HIS B 93 29.60 39.24 -6.64
C HIS B 93 30.67 38.72 -7.59
N ALA B 94 30.27 38.38 -8.82
CA ALA B 94 31.24 38.01 -9.84
C ALA B 94 32.19 39.17 -10.11
N GLU B 95 31.66 40.38 -10.27
CA GLU B 95 32.52 41.54 -10.45
C GLU B 95 33.56 41.64 -9.36
N VAL B 96 33.16 41.45 -8.10
CA VAL B 96 34.10 41.54 -6.99
C VAL B 96 35.25 40.54 -7.20
N LEU B 97 34.92 39.31 -7.60
CA LEU B 97 35.96 38.29 -7.76
C LEU B 97 36.87 38.60 -8.95
N VAL B 98 36.32 39.20 -10.01
CA VAL B 98 37.15 39.57 -11.14
C VAL B 98 38.20 40.59 -10.71
N LYS B 99 37.77 41.60 -9.94
CA LYS B 99 38.71 42.61 -9.49
C LYS B 99 39.74 42.02 -8.54
N SER B 100 39.31 41.19 -7.58
CA SER B 100 40.23 40.69 -6.58
C SER B 100 41.15 39.58 -7.10
N ASN B 101 40.88 39.06 -8.31
CA ASN B 101 41.77 38.12 -8.96
C ASN B 101 42.57 38.78 -10.10
N ASN B 102 42.53 40.10 -10.22
CA ASN B 102 43.28 40.86 -11.21
C ASN B 102 43.05 40.33 -12.62
N LEU B 103 41.77 40.26 -12.99
CA LEU B 103 41.36 39.81 -14.32
C LEU B 103 40.36 40.80 -14.92
N THR B 104 40.46 42.07 -14.52
CA THR B 104 39.59 43.10 -15.05
C THR B 104 39.81 43.35 -16.53
N ASP B 105 40.99 43.04 -17.04
CA ASP B 105 41.28 43.23 -18.45
C ASP B 105 40.81 42.07 -19.32
N ARG B 106 40.41 40.94 -18.73
CA ARG B 106 40.05 39.76 -19.50
C ARG B 106 38.63 39.26 -19.28
N ILE B 107 38.06 39.45 -18.09
CA ILE B 107 36.69 39.02 -17.81
C ILE B 107 35.83 40.26 -17.65
N VAL B 108 34.76 40.35 -18.43
CA VAL B 108 33.86 41.48 -18.41
C VAL B 108 32.47 40.95 -18.05
N VAL B 109 32.05 41.22 -16.82
CA VAL B 109 30.71 40.85 -16.39
C VAL B 109 29.71 41.81 -17.02
N ILE B 110 28.68 41.26 -17.64
CA ILE B 110 27.60 42.04 -18.24
C ILE B 110 26.29 41.63 -17.57
N PRO B 111 25.79 42.42 -16.64
CA PRO B 111 24.55 42.04 -15.92
C PRO B 111 23.35 42.06 -16.84
N GLY B 112 22.54 41.00 -16.76
CA GLY B 112 21.29 40.96 -17.50
C GLY B 112 20.97 39.59 -18.08
N LYS B 113 19.85 39.48 -18.79
CA LYS B 113 19.47 38.26 -19.46
C LYS B 113 20.14 38.20 -20.82
N VAL B 114 20.80 37.07 -21.13
CA VAL B 114 21.51 36.95 -22.39
C VAL B 114 20.61 37.20 -23.58
N GLU B 115 19.30 37.07 -23.40
CA GLU B 115 18.36 37.36 -24.47
C GLU B 115 18.18 38.86 -24.68
N GLU B 116 18.57 39.69 -23.69
CA GLU B 116 18.28 41.11 -23.69
C GLU B 116 19.51 41.99 -23.74
N VAL B 117 20.68 41.49 -23.35
CA VAL B 117 21.85 42.34 -23.24
C VAL B 117 22.47 42.56 -24.60
N SER B 118 23.36 43.54 -24.71
CA SER B 118 24.09 43.84 -25.92
C SER B 118 25.56 43.51 -25.70
N LEU B 119 26.08 42.60 -26.52
CA LEU B 119 27.47 42.19 -26.49
C LEU B 119 28.25 42.89 -27.58
N PRO B 120 29.47 43.36 -27.32
CA PRO B 120 30.16 44.23 -28.28
C PRO B 120 30.75 43.52 -29.49
N GLU B 121 30.79 42.18 -29.49
CA GLU B 121 31.40 41.46 -30.59
C GLU B 121 30.97 39.99 -30.56
N GLN B 122 31.26 39.29 -31.65
CA GLN B 122 30.98 37.87 -31.73
C GLN B 122 32.07 37.10 -30.99
N VAL B 123 31.76 35.84 -30.66
CA VAL B 123 32.64 35.03 -29.83
C VAL B 123 32.98 33.74 -30.54
N ASP B 124 34.14 33.17 -30.17
CA ASP B 124 34.61 31.92 -30.75
C ASP B 124 34.01 30.70 -30.08
N ILE B 125 33.59 30.82 -28.83
CA ILE B 125 33.14 29.66 -28.07
C ILE B 125 32.25 30.15 -26.94
N ILE B 126 31.14 29.45 -26.75
CA ILE B 126 30.21 29.71 -25.66
C ILE B 126 30.39 28.62 -24.61
N ILE B 127 30.38 29.00 -23.35
CA ILE B 127 30.40 28.03 -22.26
C ILE B 127 29.22 28.31 -21.34
N SER B 128 28.71 27.26 -20.71
CA SER B 128 27.58 27.40 -19.82
C SER B 128 27.38 26.09 -19.07
N GLU B 129 26.62 26.16 -17.98
CA GLU B 129 26.09 25.00 -17.26
C GLU B 129 24.58 25.18 -17.26
N PRO B 130 23.92 24.92 -18.39
CA PRO B 130 22.46 25.13 -18.49
C PRO B 130 21.59 23.94 -18.09
N MET B 131 22.17 22.85 -17.64
CA MET B 131 21.42 21.62 -17.44
C MET B 131 20.64 21.65 -16.12
N GLY B 132 19.36 21.28 -16.19
CA GLY B 132 18.56 21.05 -15.00
C GLY B 132 18.35 19.57 -14.75
N TYR B 133 17.48 19.28 -13.77
CA TYR B 133 17.01 17.92 -13.56
C TYR B 133 16.50 17.36 -14.88
N MET B 134 16.83 16.12 -15.17
CA MET B 134 16.45 15.49 -16.43
C MET B 134 17.01 16.26 -17.62
N LEU B 135 18.02 17.08 -17.38
CA LEU B 135 18.61 17.95 -18.40
C LEU B 135 17.75 19.16 -18.71
N PHE B 136 16.47 18.96 -19.02
CA PHE B 136 15.66 20.04 -19.60
C PHE B 136 15.01 20.96 -18.59
N ASN B 137 14.98 20.61 -17.30
CA ASN B 137 14.29 21.47 -16.35
C ASN B 137 14.95 22.85 -16.31
N GLU B 138 14.14 23.85 -15.94
CA GLU B 138 14.49 25.26 -15.82
C GLU B 138 14.57 25.94 -17.19
N ARG B 139 14.56 25.19 -18.29
CA ARG B 139 14.52 25.73 -19.64
C ARG B 139 15.67 26.69 -19.91
N MET B 140 16.81 26.46 -19.27
CA MET B 140 17.96 27.30 -19.57
C MET B 140 18.68 26.85 -20.84
N LEU B 141 18.45 25.63 -21.30
CA LEU B 141 19.03 25.23 -22.58
C LEU B 141 18.60 26.17 -23.70
N GLU B 142 17.43 26.79 -23.57
CA GLU B 142 16.96 27.69 -24.61
C GLU B 142 17.75 29.00 -24.62
N SER B 143 18.08 29.52 -23.44
CA SER B 143 18.97 30.67 -23.40
C SER B 143 20.34 30.32 -23.97
N TYR B 144 20.87 29.15 -23.61
CA TYR B 144 22.15 28.69 -24.15
C TYR B 144 22.12 28.66 -25.68
N LEU B 145 21.04 28.11 -26.26
CA LEU B 145 20.94 28.05 -27.71
C LEU B 145 20.70 29.44 -28.28
N HIS B 146 19.90 30.26 -27.58
CA HIS B 146 19.66 31.63 -28.03
C HIS B 146 20.96 32.38 -28.18
N ALA B 147 21.91 32.15 -27.26
CA ALA B 147 23.17 32.88 -27.28
C ALA B 147 24.02 32.57 -28.50
N LYS B 148 23.60 31.64 -29.37
CA LYS B 148 24.35 31.36 -30.58
C LYS B 148 24.27 32.48 -31.60
N LYS B 149 23.36 33.44 -31.42
CA LYS B 149 23.38 34.63 -32.25
C LYS B 149 24.70 35.37 -32.14
N TYR B 150 25.43 35.17 -31.04
CA TYR B 150 26.74 35.78 -30.85
C TYR B 150 27.87 34.85 -31.24
N LEU B 151 27.59 33.65 -31.77
CA LEU B 151 28.63 32.68 -32.05
C LEU B 151 29.09 32.82 -33.50
N LYS B 152 30.41 32.95 -33.67
CA LYS B 152 30.99 32.92 -35.01
C LYS B 152 30.57 31.63 -35.73
N PRO B 153 30.58 31.64 -37.07
CA PRO B 153 30.14 30.42 -37.79
C PRO B 153 30.98 29.19 -37.44
N SER B 154 32.30 29.34 -37.43
CA SER B 154 33.21 28.26 -37.04
C SER B 154 33.22 27.98 -35.52
N GLY B 155 32.34 28.62 -34.75
CA GLY B 155 32.42 28.56 -33.30
C GLY B 155 32.05 27.20 -32.73
N ASN B 156 32.39 27.05 -31.45
CA ASN B 156 32.17 25.83 -30.70
C ASN B 156 31.33 26.13 -29.46
N MET B 157 30.90 25.08 -28.78
CA MET B 157 30.07 25.21 -27.59
C MET B 157 30.46 24.15 -26.56
N PHE B 158 30.53 24.57 -25.31
CA PHE B 158 30.97 23.74 -24.20
C PHE B 158 29.92 23.85 -23.10
N PRO B 159 29.08 22.83 -22.89
CA PRO B 159 29.06 21.51 -23.55
C PRO B 159 28.58 21.56 -25.00
N THR B 160 28.95 20.54 -25.77
CA THR B 160 28.60 20.47 -27.20
C THR B 160 27.32 19.67 -27.46
N ILE B 161 27.15 18.55 -26.75
CA ILE B 161 25.95 17.72 -26.91
C ILE B 161 25.45 17.26 -25.54
N GLY B 162 24.19 16.89 -25.50
CA GLY B 162 23.60 16.32 -24.31
C GLY B 162 22.83 15.05 -24.63
N ASP B 163 23.05 14.00 -23.86
CA ASP B 163 22.37 12.72 -24.04
C ASP B 163 21.47 12.48 -22.84
N VAL B 164 20.16 12.43 -23.07
CA VAL B 164 19.23 11.95 -22.06
C VAL B 164 19.12 10.44 -22.17
N HIS B 165 19.16 9.76 -21.04
CA HIS B 165 18.98 8.31 -20.98
C HIS B 165 17.75 7.99 -20.15
N LEU B 166 16.93 7.07 -20.64
CA LEU B 166 15.80 6.57 -19.90
C LEU B 166 15.84 5.04 -19.92
N ALA B 167 15.30 4.44 -18.85
CA ALA B 167 15.31 2.99 -18.66
C ALA B 167 14.20 2.65 -17.69
N PRO B 168 13.42 1.59 -17.93
CA PRO B 168 12.40 1.19 -16.95
C PRO B 168 13.04 0.62 -15.69
N PHE B 169 12.36 0.79 -14.56
CA PHE B 169 12.87 0.31 -13.29
C PHE B 169 11.79 -0.39 -12.50
N THR B 170 12.23 -1.19 -11.53
CA THR B 170 11.36 -1.78 -10.52
C THR B 170 11.86 -1.36 -9.14
N ASP B 171 10.95 -0.90 -8.30
CA ASP B 171 11.26 -0.41 -6.96
C ASP B 171 9.97 -0.34 -6.17
N GLU B 172 9.48 -1.49 -5.68
CA GLU B 172 8.18 -1.53 -5.02
C GLU B 172 8.15 -0.70 -3.75
N GLN B 173 9.31 -0.53 -3.10
CA GLN B 173 9.37 0.31 -1.90
C GLN B 173 9.06 1.77 -2.24
N LEU B 174 9.71 2.31 -3.27
CA LEU B 174 9.39 3.67 -3.69
C LEU B 174 7.92 3.80 -4.05
N TYR B 175 7.39 2.82 -4.79
CA TYR B 175 5.98 2.89 -5.21
C TYR B 175 5.06 2.91 -4.00
N MET B 176 5.34 2.05 -3.01
CA MET B 176 4.46 1.96 -1.85
C MET B 176 4.56 3.19 -0.96
N GLU B 177 5.74 3.81 -0.91
CA GLU B 177 5.92 5.03 -0.13
C GLU B 177 5.01 6.14 -0.62
N GLN B 178 4.91 6.31 -1.95
CA GLN B 178 4.05 7.34 -2.50
C GLN B 178 2.58 6.96 -2.43
N PHE B 179 2.26 5.67 -2.62
CA PHE B 179 0.88 5.22 -2.44
C PHE B 179 0.44 5.37 -0.99
N THR B 180 1.35 5.12 -0.06
CA THR B 180 1.02 5.22 1.36
C THR B 180 0.75 6.66 1.76
N LYS B 181 1.57 7.58 1.25
CA LYS B 181 1.30 9.00 1.46
C LYS B 181 -0.08 9.39 0.94
N ALA B 182 -0.39 8.98 -0.29
CA ALA B 182 -1.67 9.33 -0.90
C ALA B 182 -2.83 8.71 -0.16
N ASN B 183 -2.63 7.52 0.44
CA ASN B 183 -3.71 6.84 1.13
C ASN B 183 -4.14 7.53 2.42
N PHE B 184 -3.47 8.61 2.80
CA PHE B 184 -4.00 9.47 3.86
C PHE B 184 -5.42 9.92 3.52
N TRP B 185 -5.66 10.21 2.24
CA TRP B 185 -6.92 10.72 1.75
C TRP B 185 -7.94 9.62 1.45
N TYR B 186 -7.65 8.38 1.84
CA TYR B 186 -8.60 7.29 1.77
C TYR B 186 -9.46 7.20 3.03
N GLN B 187 -9.15 7.97 4.06
CA GLN B 187 -9.80 7.82 5.35
C GLN B 187 -11.26 8.27 5.29
N PRO B 188 -12.17 7.50 5.90
CA PRO B 188 -13.58 7.94 5.95
C PRO B 188 -13.96 8.75 7.18
N SER B 189 -13.13 8.81 8.22
CA SER B 189 -13.46 9.57 9.42
C SER B 189 -12.17 10.07 10.08
N PHE B 190 -11.48 10.96 9.37
CA PHE B 190 -10.37 11.72 9.94
C PHE B 190 -10.95 12.82 10.82
N HIS B 191 -10.74 12.71 12.13
CA HIS B 191 -11.36 13.62 13.10
C HIS B 191 -12.85 13.77 12.80
N GLY B 192 -13.47 12.70 12.32
CA GLY B 192 -14.88 12.68 11.99
C GLY B 192 -15.24 13.10 10.59
N VAL B 193 -14.25 13.34 9.72
CA VAL B 193 -14.47 13.88 8.40
C VAL B 193 -14.09 12.84 7.35
N ASP B 194 -14.89 12.77 6.29
CA ASP B 194 -14.67 11.79 5.23
C ASP B 194 -13.84 12.44 4.13
N LEU B 195 -12.59 11.99 3.99
CA LEU B 195 -11.67 12.53 3.00
C LEU B 195 -11.65 11.74 1.70
N SER B 196 -12.38 10.63 1.64
CA SER B 196 -12.12 9.61 0.61
C SER B 196 -12.39 10.14 -0.79
N ALA B 197 -13.27 11.14 -0.93
CA ALA B 197 -13.59 11.66 -2.25
C ALA B 197 -12.38 12.29 -2.94
N LEU B 198 -11.38 12.71 -2.18
CA LEU B 198 -10.17 13.29 -2.73
C LEU B 198 -9.07 12.26 -2.93
N ARG B 199 -9.32 11.00 -2.57
CA ARG B 199 -8.33 9.94 -2.75
C ARG B 199 -7.77 9.94 -4.16
N GLY B 200 -8.61 10.13 -5.17
CA GLY B 200 -8.15 10.11 -6.54
C GLY B 200 -7.26 11.30 -6.86
N ALA B 201 -7.71 12.51 -6.48
CA ALA B 201 -6.92 13.70 -6.73
C ALA B 201 -5.57 13.63 -6.02
N ALA B 202 -5.55 13.03 -4.82
CA ALA B 202 -4.29 12.96 -4.08
C ALA B 202 -3.30 12.03 -4.77
N VAL B 203 -3.75 10.87 -5.23
CA VAL B 203 -2.87 9.96 -5.94
C VAL B 203 -2.33 10.64 -7.19
N ASP B 204 -3.18 11.37 -7.91
CA ASP B 204 -2.73 12.09 -9.10
C ASP B 204 -1.63 13.09 -8.75
N GLU B 205 -1.86 13.90 -7.72
CA GLU B 205 -0.86 14.88 -7.31
C GLU B 205 0.44 14.20 -6.94
N TYR B 206 0.38 13.17 -6.09
CA TYR B 206 1.62 12.57 -5.60
C TYR B 206 2.41 11.92 -6.73
N PHE B 207 1.73 11.33 -7.70
CA PHE B 207 2.42 10.58 -8.76
C PHE B 207 2.77 11.43 -9.96
N ARG B 208 2.27 12.66 -10.04
CA ARG B 208 2.81 13.61 -11.01
C ARG B 208 4.13 14.22 -10.52
N GLN B 209 4.63 13.79 -9.36
CA GLN B 209 5.88 14.31 -8.83
C GLN B 209 7.03 13.46 -9.34
N PRO B 210 8.04 14.06 -9.99
CA PRO B 210 9.27 13.32 -10.25
C PRO B 210 10.04 13.10 -8.95
N VAL B 211 10.60 11.90 -8.81
CA VAL B 211 11.36 11.53 -7.62
C VAL B 211 12.82 11.81 -7.93
N VAL B 212 13.41 12.75 -7.21
CA VAL B 212 14.82 13.10 -7.38
C VAL B 212 15.60 12.45 -6.24
N ASP B 213 16.40 11.46 -6.58
CA ASP B 213 17.39 10.86 -5.69
C ASP B 213 18.18 9.88 -6.53
N THR B 214 19.02 9.07 -5.89
CA THR B 214 19.83 8.12 -6.61
C THR B 214 19.34 6.70 -6.31
N PHE B 215 19.87 5.75 -7.07
CA PHE B 215 19.44 4.36 -6.97
C PHE B 215 20.52 3.48 -7.57
N ASP B 216 20.43 2.19 -7.28
CA ASP B 216 21.37 1.21 -7.80
C ASP B 216 20.94 0.76 -9.19
N ILE B 217 21.92 0.49 -10.06
CA ILE B 217 21.62 0.04 -11.41
C ILE B 217 20.83 -1.26 -11.39
N ARG B 218 20.92 -2.02 -10.29
CA ARG B 218 20.23 -3.30 -10.20
C ARG B 218 18.75 -3.17 -10.51
N ILE B 219 18.17 -2.00 -10.24
CA ILE B 219 16.73 -1.84 -10.42
C ILE B 219 16.32 -1.58 -11.86
N LEU B 220 17.28 -1.38 -12.76
CA LEU B 220 16.96 -1.14 -14.16
C LEU B 220 16.69 -2.47 -14.86
N MET B 221 15.63 -2.49 -15.66
CA MET B 221 15.14 -3.72 -16.26
C MET B 221 15.45 -3.81 -17.75
N ALA B 222 16.19 -2.88 -18.31
CA ALA B 222 16.48 -2.91 -19.74
C ALA B 222 17.63 -1.95 -20.04
N LYS B 223 18.38 -2.27 -21.09
CA LYS B 223 19.34 -1.32 -21.62
C LYS B 223 18.63 0.00 -21.90
N SER B 224 19.35 1.11 -21.67
CA SER B 224 18.74 2.43 -21.71
C SER B 224 18.59 2.92 -23.14
N VAL B 225 17.56 3.74 -23.35
CA VAL B 225 17.29 4.41 -24.61
C VAL B 225 17.86 5.83 -24.51
N LYS B 226 18.41 6.33 -25.61
CA LYS B 226 19.13 7.60 -25.63
C LYS B 226 18.42 8.60 -26.54
N TYR B 227 18.42 9.87 -26.12
CA TYR B 227 17.92 10.98 -26.92
C TYR B 227 18.98 12.08 -26.89
N THR B 228 19.45 12.48 -28.06
CA THR B 228 20.55 13.42 -28.17
C THR B 228 20.05 14.80 -28.60
N VAL B 229 20.59 15.83 -27.96
CA VAL B 229 20.50 17.21 -28.42
C VAL B 229 21.89 17.66 -28.80
N ASN B 230 22.09 18.11 -30.03
CA ASN B 230 23.35 18.68 -30.47
C ASN B 230 23.24 20.20 -30.34
N PHE B 231 23.94 20.77 -29.35
CA PHE B 231 23.79 22.19 -29.07
C PHE B 231 24.34 23.07 -30.20
N LEU B 232 25.26 22.56 -31.01
CA LEU B 232 25.74 23.33 -32.15
C LEU B 232 24.64 23.46 -33.21
N GLU B 233 23.82 22.44 -33.37
CA GLU B 233 22.84 22.38 -34.47
C GLU B 233 21.45 22.86 -34.08
N ALA B 234 21.07 22.73 -32.82
CA ALA B 234 19.67 22.87 -32.44
C ALA B 234 19.25 24.32 -32.34
N LYS B 235 17.97 24.59 -32.57
CA LYS B 235 17.36 25.94 -32.46
C LYS B 235 16.69 26.02 -31.09
N GLU B 236 16.36 27.21 -30.63
CA GLU B 236 15.62 27.41 -29.35
C GLU B 236 14.29 26.67 -29.42
N GLY B 237 13.59 26.77 -30.55
CA GLY B 237 12.22 26.21 -30.69
C GLY B 237 12.22 24.70 -30.73
N ASP B 238 13.38 24.05 -30.88
CA ASP B 238 13.41 22.60 -30.83
C ASP B 238 13.00 22.06 -29.47
N LEU B 239 13.15 22.85 -28.41
CA LEU B 239 12.94 22.36 -27.05
C LEU B 239 11.57 22.71 -26.50
N HIS B 240 10.73 23.38 -27.27
CA HIS B 240 9.36 23.66 -26.81
C HIS B 240 8.50 22.39 -26.82
N ARG B 241 8.80 21.44 -27.71
CA ARG B 241 8.06 20.19 -27.86
C ARG B 241 9.09 19.09 -28.12
N ILE B 242 9.37 18.28 -27.11
CA ILE B 242 10.40 17.23 -27.21
C ILE B 242 9.69 15.88 -27.17
N GLU B 243 9.89 15.08 -28.22
CA GLU B 243 9.25 13.78 -28.35
C GLU B 243 10.30 12.69 -28.31
N ILE B 244 10.25 11.87 -27.28
CA ILE B 244 11.24 10.80 -27.06
C ILE B 244 10.55 9.45 -27.17
N PRO B 245 10.56 8.82 -28.35
CA PRO B 245 10.03 7.45 -28.45
C PRO B 245 10.99 6.46 -27.81
N PHE B 246 10.44 5.35 -27.33
CA PHE B 246 11.27 4.33 -26.72
C PHE B 246 10.68 2.96 -27.01
N LYS B 247 11.57 1.97 -27.12
CA LYS B 247 11.22 0.58 -27.31
C LYS B 247 12.23 -0.23 -26.52
N PHE B 248 11.86 -0.63 -25.31
CA PHE B 248 12.76 -1.36 -24.43
C PHE B 248 12.58 -2.86 -24.62
N HIS B 249 13.71 -3.57 -24.70
CA HIS B 249 13.71 -5.02 -24.70
C HIS B 249 13.96 -5.47 -23.26
N MET B 250 12.92 -5.99 -22.62
CA MET B 250 13.00 -6.30 -21.20
C MET B 250 13.98 -7.43 -20.96
N LEU B 251 14.90 -7.22 -20.03
CA LEU B 251 15.93 -8.20 -19.70
C LEU B 251 15.63 -8.98 -18.43
N HIS B 252 14.64 -8.55 -17.65
CA HIS B 252 14.20 -9.27 -16.47
C HIS B 252 12.69 -9.19 -16.42
N SER B 253 12.07 -10.17 -15.79
CA SER B 253 10.64 -10.10 -15.51
C SER B 253 10.42 -9.35 -14.20
N GLY B 254 9.25 -8.76 -14.09
CA GLY B 254 8.85 -8.13 -12.84
C GLY B 254 7.91 -6.97 -13.12
N LEU B 255 7.64 -6.23 -12.06
CA LEU B 255 6.82 -5.04 -12.16
C LEU B 255 7.69 -3.86 -12.59
N VAL B 256 7.30 -3.22 -13.69
CA VAL B 256 7.90 -1.94 -14.09
C VAL B 256 7.12 -0.85 -13.37
N HIS B 257 7.77 -0.18 -12.42
CA HIS B 257 7.10 0.88 -11.67
C HIS B 257 7.28 2.25 -12.29
N GLY B 258 8.13 2.39 -13.31
CA GLY B 258 8.28 3.67 -13.96
C GLY B 258 9.51 3.71 -14.86
N LEU B 259 9.89 4.93 -15.23
CA LEU B 259 11.08 5.18 -16.04
C LEU B 259 12.06 6.03 -15.25
N ALA B 260 13.34 5.65 -15.27
CA ALA B 260 14.40 6.43 -14.65
C ALA B 260 15.13 7.22 -15.71
N PHE B 261 15.43 8.49 -15.40
CA PHE B 261 16.12 9.39 -16.30
C PHE B 261 17.42 9.88 -15.70
N TRP B 262 18.46 9.96 -16.53
CA TRP B 262 19.68 10.68 -16.21
C TRP B 262 20.19 11.27 -17.51
N PHE B 263 21.31 12.00 -17.45
CA PHE B 263 21.85 12.58 -18.68
C PHE B 263 23.38 12.66 -18.65
N ASP B 264 23.95 12.72 -19.85
CA ASP B 264 25.36 12.97 -20.07
C ASP B 264 25.51 14.17 -21.00
N VAL B 265 26.56 14.98 -20.78
CA VAL B 265 26.97 16.00 -21.75
C VAL B 265 28.43 15.76 -22.12
N ALA B 266 28.77 16.14 -23.34
CA ALA B 266 30.14 16.01 -23.84
C ALA B 266 30.71 17.37 -24.23
N PHE B 267 31.96 17.61 -23.85
CA PHE B 267 32.71 18.78 -24.28
C PHE B 267 33.62 18.32 -25.41
N ILE B 268 33.23 18.61 -26.64
CA ILE B 268 33.94 18.15 -27.83
C ILE B 268 34.89 19.26 -28.24
N GLY B 269 36.12 19.16 -27.78
CA GLY B 269 37.14 20.14 -28.09
C GLY B 269 38.07 19.66 -29.20
N SER B 270 38.93 20.58 -29.63
CA SER B 270 39.87 20.26 -30.68
C SER B 270 40.86 19.20 -30.24
N ILE B 271 41.18 19.13 -28.94
CA ILE B 271 42.25 18.27 -28.48
C ILE B 271 41.70 16.95 -27.95
N MET B 272 40.51 16.98 -27.36
CA MET B 272 39.90 15.75 -26.87
C MET B 272 38.47 16.01 -26.44
N THR B 273 37.72 14.93 -26.29
CA THR B 273 36.35 14.97 -25.81
C THR B 273 36.32 14.53 -24.35
N VAL B 274 35.66 15.31 -23.51
CA VAL B 274 35.53 15.00 -22.09
C VAL B 274 34.05 14.92 -21.77
N TRP B 275 33.68 13.91 -20.99
CA TRP B 275 32.29 13.64 -20.68
C TRP B 275 32.03 13.96 -19.21
N LEU B 276 30.88 14.58 -18.96
CA LEU B 276 30.33 14.77 -17.62
C LEU B 276 29.04 13.96 -17.54
N SER B 277 28.98 13.02 -16.61
CA SER B 277 27.87 12.07 -16.55
C SER B 277 27.19 12.10 -15.17
N THR B 278 25.86 12.07 -15.19
CA THR B 278 25.05 11.94 -13.98
C THR B 278 24.46 10.53 -13.85
N ALA B 279 25.06 9.53 -14.50
CA ALA B 279 24.49 8.20 -14.50
C ALA B 279 24.53 7.58 -13.10
N PRO B 280 23.62 6.65 -12.81
CA PRO B 280 23.62 6.02 -11.48
C PRO B 280 24.86 5.20 -11.21
N THR B 281 25.63 4.86 -12.25
CA THR B 281 26.88 4.12 -12.07
C THR B 281 28.05 5.03 -11.74
N GLU B 282 27.89 6.35 -11.89
CA GLU B 282 28.93 7.34 -11.65
C GLU B 282 28.70 8.04 -10.32
N PRO B 283 29.73 8.73 -9.81
CA PRO B 283 29.58 9.44 -8.54
C PRO B 283 28.42 10.44 -8.58
N LEU B 284 27.78 10.62 -7.43
CA LEU B 284 26.61 11.46 -7.35
C LEU B 284 26.97 12.93 -7.61
N THR B 285 26.10 13.62 -8.32
CA THR B 285 26.16 15.06 -8.54
C THR B 285 24.90 15.68 -7.98
N HIS B 286 24.82 17.01 -8.03
CA HIS B 286 23.63 17.71 -7.54
C HIS B 286 22.46 17.65 -8.52
N TRP B 287 22.62 16.94 -9.65
CA TRP B 287 21.47 16.61 -10.49
C TRP B 287 20.84 15.26 -10.12
N TYR B 288 21.52 14.43 -9.35
CA TYR B 288 21.02 13.11 -8.96
C TYR B 288 20.56 12.37 -10.21
N GLN B 289 19.51 11.59 -10.06
CA GLN B 289 18.78 11.00 -11.17
C GLN B 289 17.30 11.27 -10.92
N VAL B 290 16.47 11.04 -11.94
CA VAL B 290 15.05 11.35 -11.87
C VAL B 290 14.25 10.12 -12.28
N ARG B 291 13.24 9.79 -11.48
CA ARG B 291 12.35 8.66 -11.75
C ARG B 291 10.92 9.17 -11.81
N CYS B 292 10.18 8.74 -12.82
CA CYS B 292 8.75 9.04 -12.94
C CYS B 292 7.99 7.76 -12.69
N LEU B 293 7.06 7.80 -11.73
CA LEU B 293 6.31 6.62 -11.34
C LEU B 293 5.03 6.48 -12.15
N PHE B 294 4.67 5.23 -12.43
CA PHE B 294 3.35 4.88 -12.94
C PHE B 294 2.39 4.74 -11.76
N GLN B 295 1.20 5.35 -11.87
CA GLN B 295 0.21 5.14 -10.83
C GLN B 295 -0.11 3.67 -10.63
N SER B 296 0.02 2.87 -11.70
CA SER B 296 -0.15 1.44 -11.60
C SER B 296 0.99 0.75 -12.33
N PRO B 297 1.68 -0.18 -11.68
CA PRO B 297 2.81 -0.84 -12.34
C PRO B 297 2.37 -1.72 -13.51
N LEU B 298 3.28 -1.87 -14.46
CA LEU B 298 3.09 -2.78 -15.58
C LEU B 298 3.87 -4.06 -15.33
N PHE B 299 3.24 -5.21 -15.61
CA PHE B 299 3.96 -6.47 -15.58
C PHE B 299 4.58 -6.74 -16.95
N ALA B 300 5.81 -7.22 -16.95
CA ALA B 300 6.49 -7.64 -18.17
C ALA B 300 7.36 -8.84 -17.82
N LYS B 301 7.47 -9.78 -18.75
CA LYS B 301 8.44 -10.85 -18.61
C LYS B 301 9.63 -10.59 -19.54
N ALA B 302 10.76 -11.20 -19.22
CA ALA B 302 11.94 -11.08 -20.04
C ALA B 302 11.61 -11.39 -21.50
N GLY B 303 12.18 -10.60 -22.41
CA GLY B 303 11.93 -10.75 -23.82
C GLY B 303 10.74 -9.95 -24.34
N ASP B 304 9.86 -9.49 -23.47
CA ASP B 304 8.81 -8.58 -23.89
C ASP B 304 9.42 -7.25 -24.31
N THR B 305 8.65 -6.47 -25.07
CA THR B 305 9.06 -5.12 -25.43
C THR B 305 8.10 -4.12 -24.78
N LEU B 306 8.67 -3.09 -24.17
CA LEU B 306 7.93 -1.99 -23.57
C LEU B 306 8.17 -0.75 -24.42
N SER B 307 7.11 -0.20 -24.98
CA SER B 307 7.22 0.84 -25.97
C SER B 307 6.21 1.95 -25.69
N GLY B 308 6.54 3.14 -26.18
CA GLY B 308 5.69 4.29 -25.98
C GLY B 308 6.45 5.57 -26.29
N THR B 309 6.06 6.64 -25.62
CA THR B 309 6.61 7.95 -25.91
C THR B 309 6.62 8.81 -24.67
N CYS B 310 7.67 9.61 -24.53
CA CYS B 310 7.83 10.59 -23.46
C CYS B 310 7.81 11.97 -24.10
N LEU B 311 6.68 12.70 -23.96
CA LEU B 311 6.47 14.00 -24.60
C LEU B 311 6.59 15.09 -23.55
N LEU B 312 7.51 16.03 -23.80
CA LEU B 312 7.76 17.16 -22.91
C LEU B 312 7.29 18.42 -23.60
N ILE B 313 6.27 19.05 -23.04
CA ILE B 313 5.73 20.31 -23.57
C ILE B 313 6.17 21.44 -22.63
N ALA B 314 6.91 22.39 -23.17
CA ALA B 314 7.45 23.47 -22.36
C ALA B 314 6.33 24.38 -21.86
N ASN B 315 6.46 24.88 -20.64
CA ASN B 315 5.46 25.76 -20.06
C ASN B 315 6.10 27.07 -19.60
N LYS B 316 5.23 27.98 -19.18
CA LYS B 316 5.61 29.34 -18.84
C LYS B 316 6.20 29.45 -17.44
N ARG B 317 6.21 28.37 -16.67
CA ARG B 317 6.89 28.33 -15.37
C ARG B 317 8.31 27.81 -15.49
N GLN B 318 8.94 27.96 -16.65
CA GLN B 318 10.32 27.53 -16.88
C GLN B 318 10.50 26.04 -16.63
N SER B 319 9.48 25.25 -16.95
CA SER B 319 9.52 23.82 -16.75
C SER B 319 8.73 23.16 -17.89
N TYR B 320 8.45 21.88 -17.70
CA TYR B 320 7.79 21.07 -18.72
C TYR B 320 6.64 20.29 -18.12
N ASP B 321 5.53 20.26 -18.84
CA ASP B 321 4.52 19.24 -18.65
C ASP B 321 4.98 17.98 -19.37
N ILE B 322 5.16 16.90 -18.60
CA ILE B 322 5.65 15.64 -19.15
C ILE B 322 4.49 14.68 -19.29
N SER B 323 4.43 14.01 -20.43
CA SER B 323 3.46 12.94 -20.67
C SER B 323 4.23 11.68 -21.03
N ILE B 324 4.08 10.65 -20.21
CA ILE B 324 4.72 9.36 -20.45
C ILE B 324 3.62 8.34 -20.68
N VAL B 325 3.63 7.72 -21.85
CA VAL B 325 2.71 6.64 -22.19
C VAL B 325 3.57 5.43 -22.55
N ALA B 326 3.29 4.31 -21.91
CA ALA B 326 4.07 3.10 -22.08
C ALA B 326 3.14 1.90 -22.13
N GLN B 327 3.48 0.91 -22.95
CA GLN B 327 2.68 -0.29 -23.01
C GLN B 327 3.59 -1.51 -23.21
N VAL B 328 3.21 -2.61 -22.55
CA VAL B 328 3.79 -3.92 -22.82
C VAL B 328 3.12 -4.44 -24.09
N ASP B 329 3.90 -4.53 -25.17
CA ASP B 329 3.30 -4.83 -26.47
C ASP B 329 2.64 -6.21 -26.49
N GLN B 330 3.26 -7.19 -25.85
CA GLN B 330 2.74 -8.55 -25.93
C GLN B 330 1.35 -8.67 -25.31
N THR B 331 1.10 -7.92 -24.23
CA THR B 331 -0.16 -8.01 -23.51
C THR B 331 -1.04 -6.79 -23.69
N GLY B 332 -0.54 -5.73 -24.33
CA GLY B 332 -1.31 -4.51 -24.43
C GLY B 332 -1.57 -3.81 -23.12
N SER B 333 -0.80 -4.14 -22.07
CA SER B 333 -0.92 -3.43 -20.81
C SER B 333 -0.34 -2.03 -20.97
N LYS B 334 -1.15 -1.02 -20.74
CA LYS B 334 -0.80 0.37 -21.04
C LYS B 334 -0.86 1.21 -19.79
N SER B 335 0.11 2.10 -19.63
CA SER B 335 0.14 3.06 -18.54
C SER B 335 0.38 4.45 -19.10
N SER B 336 -0.38 5.42 -18.59
CA SER B 336 -0.36 6.80 -19.09
C SER B 336 -0.24 7.74 -17.90
N ASN B 337 0.69 8.68 -17.99
CA ASN B 337 1.04 9.49 -16.83
C ASN B 337 1.39 10.91 -17.23
N LEU B 338 1.11 11.83 -16.31
CA LEU B 338 1.46 13.23 -16.43
C LEU B 338 2.32 13.59 -15.22
N LEU B 339 3.50 14.15 -15.48
CA LEU B 339 4.42 14.54 -14.41
C LEU B 339 4.70 16.03 -14.50
N ASP B 340 4.71 16.66 -13.35
CA ASP B 340 4.84 18.11 -13.21
C ASP B 340 6.27 18.38 -12.77
N LEU B 341 7.13 18.73 -13.72
CA LEU B 341 8.55 18.87 -13.40
C LEU B 341 8.85 20.03 -12.46
N LYS B 342 7.87 20.87 -12.13
CA LYS B 342 8.12 22.01 -11.25
C LYS B 342 7.97 21.69 -9.77
N ASN B 343 7.35 20.57 -9.41
CA ASN B 343 7.12 20.19 -8.02
C ASN B 343 7.67 18.79 -7.79
N PRO B 344 8.99 18.64 -7.77
CA PRO B 344 9.59 17.32 -7.55
C PRO B 344 9.58 16.92 -6.08
N PHE B 345 9.84 15.64 -5.84
CA PHE B 345 9.95 15.07 -4.50
C PHE B 345 11.41 14.70 -4.30
N PHE B 346 12.11 15.47 -3.48
CA PHE B 346 13.50 15.20 -3.14
C PHE B 346 13.53 14.17 -2.01
N ARG B 347 14.05 12.98 -2.30
CA ARG B 347 14.01 11.86 -1.38
C ARG B 347 15.34 11.60 -0.69
N TYR B 348 16.44 12.07 -1.26
CA TYR B 348 17.77 11.89 -0.68
C TYR B 348 17.84 12.43 0.74
N SER C 7 -33.24 -27.85 -17.99
CA SER C 7 -32.79 -28.38 -16.71
C SER C 7 -31.57 -29.30 -16.84
N VAL C 8 -30.85 -29.24 -17.95
CA VAL C 8 -29.78 -30.21 -18.17
C VAL C 8 -28.74 -30.11 -17.04
N PHE C 9 -28.43 -28.89 -16.60
CA PHE C 9 -27.47 -28.75 -15.50
C PHE C 9 -28.04 -29.29 -14.20
N SER C 10 -29.32 -29.00 -13.92
CA SER C 10 -29.90 -29.42 -12.64
C SER C 10 -30.06 -30.93 -12.55
N GLU C 11 -30.30 -31.61 -13.69
CA GLU C 11 -30.54 -33.06 -13.65
C GLU C 11 -29.28 -33.82 -13.28
N ARG C 12 -28.10 -33.30 -13.62
CA ARG C 12 -26.84 -33.98 -13.38
C ARG C 12 -26.07 -33.42 -12.18
N THR C 13 -26.68 -32.55 -11.39
CA THR C 13 -25.98 -31.83 -10.33
C THR C 13 -26.84 -31.75 -9.09
N GLU C 14 -26.33 -32.26 -7.97
CA GLU C 14 -26.96 -32.04 -6.67
C GLU C 14 -26.86 -30.56 -6.30
N GLU C 15 -27.97 -29.98 -5.85
CA GLU C 15 -27.97 -28.55 -5.54
C GLU C 15 -26.86 -28.18 -4.58
N SER C 16 -26.65 -29.00 -3.54
CA SER C 16 -25.60 -28.71 -2.56
C SER C 16 -24.28 -28.41 -3.25
N SER C 17 -23.89 -29.25 -4.21
CA SER C 17 -22.64 -29.02 -4.94
C SER C 17 -22.68 -27.70 -5.72
N ALA C 18 -23.80 -27.44 -6.40
CA ALA C 18 -23.92 -26.23 -7.20
C ALA C 18 -23.79 -24.99 -6.34
N VAL C 19 -24.47 -24.96 -5.19
CA VAL C 19 -24.41 -23.82 -4.27
C VAL C 19 -22.95 -23.46 -4.02
N GLN C 20 -22.18 -24.42 -3.51
CA GLN C 20 -20.79 -24.18 -3.14
C GLN C 20 -19.93 -23.84 -4.35
N TYR C 21 -20.12 -24.59 -5.44
CA TYR C 21 -19.36 -24.34 -6.66
C TYR C 21 -19.50 -22.90 -7.12
N PHE C 22 -20.74 -22.41 -7.21
CA PHE C 22 -20.94 -21.07 -7.74
C PHE C 22 -20.66 -19.99 -6.69
N GLN C 23 -20.76 -20.31 -5.40
CA GLN C 23 -20.31 -19.37 -4.38
C GLN C 23 -18.79 -19.19 -4.46
N PHE C 24 -18.05 -20.27 -4.71
CA PHE C 24 -16.60 -20.19 -4.84
C PHE C 24 -16.19 -19.24 -5.96
N TYR C 25 -16.86 -19.32 -7.10
CA TYR C 25 -16.50 -18.52 -8.26
C TYR C 25 -17.09 -17.11 -8.20
N GLY C 26 -17.91 -16.81 -7.20
CA GLY C 26 -18.40 -15.46 -7.01
C GLY C 26 -17.46 -14.54 -6.29
N TYR C 27 -16.37 -15.08 -5.74
CA TYR C 27 -15.38 -14.25 -5.07
C TYR C 27 -14.43 -13.65 -6.10
N LEU C 28 -14.17 -12.34 -5.96
CA LEU C 28 -13.18 -11.69 -6.81
C LEU C 28 -11.78 -12.23 -6.53
N SER C 29 -11.51 -12.63 -5.30
CA SER C 29 -10.20 -13.21 -4.99
C SER C 29 -9.93 -14.45 -5.83
N GLN C 30 -10.98 -15.22 -6.14
CA GLN C 30 -10.81 -16.41 -6.97
C GLN C 30 -10.62 -16.04 -8.44
N GLN C 31 -11.40 -15.09 -8.94
CA GLN C 31 -11.14 -14.55 -10.27
C GLN C 31 -9.68 -14.07 -10.37
N GLN C 32 -9.24 -13.32 -9.36
CA GLN C 32 -7.89 -12.77 -9.37
C GLN C 32 -6.84 -13.86 -9.47
N ASN C 33 -7.01 -14.96 -8.75
CA ASN C 33 -6.07 -16.08 -8.84
C ASN C 33 -5.99 -16.61 -10.27
N MET C 34 -7.14 -16.78 -10.93
CA MET C 34 -7.12 -17.27 -12.29
C MET C 34 -6.48 -16.25 -13.22
N MET C 35 -6.79 -14.97 -13.04
CA MET C 35 -6.25 -13.94 -13.92
C MET C 35 -4.76 -13.73 -13.73
N GLN C 36 -4.25 -13.92 -12.51
CA GLN C 36 -2.83 -13.74 -12.25
C GLN C 36 -1.97 -14.91 -12.74
N ASP C 37 -2.59 -16.02 -13.15
CA ASP C 37 -1.86 -17.09 -13.82
C ASP C 37 -1.51 -16.61 -15.22
N TYR C 38 -0.26 -16.17 -15.40
CA TYR C 38 0.10 -15.50 -16.64
C TYR C 38 0.15 -16.46 -17.81
N VAL C 39 0.55 -17.72 -17.59
CA VAL C 39 0.50 -18.72 -18.65
C VAL C 39 -0.94 -18.85 -19.16
N ARG C 40 -1.88 -19.00 -18.23
CA ARG C 40 -3.28 -19.18 -18.60
C ARG C 40 -3.80 -17.96 -19.35
N THR C 41 -3.71 -16.79 -18.73
CA THR C 41 -4.34 -15.59 -19.28
C THR C 41 -3.63 -15.11 -20.53
N GLY C 42 -2.30 -15.18 -20.56
CA GLY C 42 -1.56 -14.74 -21.73
C GLY C 42 -1.74 -15.65 -22.92
N THR C 43 -1.85 -16.96 -22.69
CA THR C 43 -2.05 -17.90 -23.78
C THR C 43 -3.44 -17.74 -24.39
N TYR C 44 -4.46 -17.58 -23.56
CA TYR C 44 -5.80 -17.30 -24.09
C TYR C 44 -5.80 -16.02 -24.92
N GLN C 45 -5.13 -14.97 -24.44
CA GLN C 45 -5.09 -13.71 -25.17
C GLN C 45 -4.38 -13.87 -26.52
N ARG C 46 -3.22 -14.55 -26.50
CA ARG C 46 -2.48 -14.76 -27.74
C ARG C 46 -3.28 -15.59 -28.73
N ALA C 47 -3.96 -16.63 -28.24
CA ALA C 47 -4.74 -17.49 -29.13
C ALA C 47 -5.85 -16.69 -29.82
N ILE C 48 -6.46 -15.76 -29.10
CA ILE C 48 -7.58 -15.01 -29.66
C ILE C 48 -7.06 -13.91 -30.59
N LEU C 49 -6.06 -13.15 -30.15
CA LEU C 49 -5.61 -12.01 -30.94
C LEU C 49 -4.83 -12.46 -32.18
N GLN C 50 -4.02 -13.51 -32.07
CA GLN C 50 -3.28 -13.99 -33.23
C GLN C 50 -4.18 -14.67 -34.25
N ASN C 51 -5.43 -14.98 -33.88
CA ASN C 51 -6.42 -15.48 -34.83
C ASN C 51 -7.54 -14.47 -34.96
N HIS C 52 -7.19 -13.20 -35.15
CA HIS C 52 -8.18 -12.14 -35.19
C HIS C 52 -9.25 -12.39 -36.24
N THR C 53 -8.87 -12.99 -37.38
CA THR C 53 -9.85 -13.27 -38.42
C THR C 53 -11.01 -14.10 -37.91
N ASP C 54 -10.77 -14.97 -36.93
CA ASP C 54 -11.84 -15.77 -36.34
C ASP C 54 -12.78 -14.98 -35.45
N PHE C 55 -12.50 -13.69 -35.23
CA PHE C 55 -13.31 -12.89 -34.34
C PHE C 55 -13.80 -11.58 -34.98
N LYS C 56 -13.06 -11.05 -35.94
CA LYS C 56 -13.42 -9.77 -36.54
C LYS C 56 -14.85 -9.82 -37.08
N ASP C 57 -15.69 -8.92 -36.56
CA ASP C 57 -17.10 -8.82 -36.96
C ASP C 57 -17.80 -10.18 -36.93
N LYS C 58 -17.54 -10.93 -35.87
CA LYS C 58 -18.19 -12.21 -35.64
C LYS C 58 -19.02 -12.16 -34.35
N ILE C 59 -19.95 -13.10 -34.24
CA ILE C 59 -20.74 -13.28 -33.02
C ILE C 59 -20.03 -14.29 -32.13
N VAL C 60 -19.95 -14.01 -30.84
CA VAL C 60 -19.17 -14.82 -29.91
C VAL C 60 -20.04 -15.17 -28.70
N LEU C 61 -19.88 -16.39 -28.21
CA LEU C 61 -20.44 -16.81 -26.92
C LEU C 61 -19.30 -17.16 -25.98
N ASP C 62 -19.29 -16.54 -24.81
CA ASP C 62 -18.36 -16.85 -23.73
C ASP C 62 -19.11 -17.59 -22.64
N VAL C 63 -18.75 -18.86 -22.43
CA VAL C 63 -19.43 -19.72 -21.46
C VAL C 63 -18.69 -19.64 -20.13
N GLY C 64 -19.37 -19.20 -19.08
CA GLY C 64 -18.73 -18.98 -17.81
C GLY C 64 -17.66 -17.90 -17.87
N CYS C 65 -18.06 -16.68 -18.22
CA CYS C 65 -17.10 -15.61 -18.48
C CYS C 65 -16.43 -15.10 -17.21
N GLY C 66 -17.01 -15.38 -16.04
CA GLY C 66 -16.41 -14.91 -14.81
C GLY C 66 -16.36 -13.41 -14.78
N SER C 67 -15.17 -12.86 -14.52
CA SER C 67 -14.98 -11.42 -14.55
C SER C 67 -15.30 -10.85 -15.91
N GLY C 68 -15.14 -11.65 -16.96
CA GLY C 68 -15.38 -11.24 -18.33
C GLY C 68 -14.14 -11.21 -19.19
N ILE C 69 -12.99 -11.60 -18.64
CA ILE C 69 -11.70 -11.26 -19.24
C ILE C 69 -11.58 -11.82 -20.65
N LEU C 70 -12.15 -13.00 -20.90
CA LEU C 70 -12.06 -13.58 -22.24
C LEU C 70 -12.92 -12.82 -23.25
N SER C 71 -14.04 -12.26 -22.81
CA SER C 71 -14.87 -11.46 -23.72
C SER C 71 -14.14 -10.18 -24.10
N PHE C 72 -13.45 -9.56 -23.14
CA PHE C 72 -12.65 -8.39 -23.48
C PHE C 72 -11.60 -8.73 -24.52
N PHE C 73 -11.02 -9.94 -24.43
CA PHE C 73 -10.05 -10.34 -25.44
C PHE C 73 -10.70 -10.50 -26.81
N ALA C 74 -11.90 -11.09 -26.84
CA ALA C 74 -12.63 -11.19 -28.10
C ALA C 74 -13.05 -9.82 -28.63
N ALA C 75 -13.31 -8.86 -27.73
CA ALA C 75 -13.58 -7.50 -28.17
C ALA C 75 -12.33 -6.86 -28.76
N GLN C 76 -11.17 -7.12 -28.15
CA GLN C 76 -9.91 -6.61 -28.69
C GLN C 76 -9.65 -7.14 -30.09
N ALA C 77 -10.11 -8.35 -30.38
CA ALA C 77 -9.86 -8.96 -31.68
C ALA C 77 -10.82 -8.49 -32.75
N GLY C 78 -11.88 -7.79 -32.37
CA GLY C 78 -12.81 -7.22 -33.33
C GLY C 78 -14.18 -7.86 -33.42
N ALA C 79 -14.65 -8.53 -32.36
CA ALA C 79 -15.96 -9.16 -32.40
C ALA C 79 -17.05 -8.11 -32.49
N ARG C 80 -18.08 -8.41 -33.30
CA ARG C 80 -19.22 -7.52 -33.41
C ARG C 80 -20.09 -7.58 -32.16
N LYS C 81 -20.36 -8.78 -31.67
CA LYS C 81 -21.22 -8.99 -30.51
C LYS C 81 -20.68 -10.17 -29.72
N ILE C 82 -20.72 -10.07 -28.39
CA ILE C 82 -20.25 -11.11 -27.50
C ILE C 82 -21.29 -11.32 -26.42
N TYR C 83 -21.87 -12.51 -26.37
CA TYR C 83 -22.76 -12.90 -25.28
C TYR C 83 -21.94 -13.62 -24.23
N ALA C 84 -21.94 -13.08 -23.01
CA ALA C 84 -21.08 -13.56 -21.93
C ALA C 84 -21.99 -14.11 -20.84
N VAL C 85 -22.07 -15.43 -20.75
CA VAL C 85 -22.93 -16.12 -19.80
C VAL C 85 -22.13 -16.46 -18.55
N GLU C 86 -22.74 -16.27 -17.38
CA GLU C 86 -22.09 -16.57 -16.11
C GLU C 86 -23.18 -16.81 -15.07
N ALA C 87 -23.02 -17.88 -14.29
CA ALA C 87 -24.06 -18.32 -13.37
C ALA C 87 -23.81 -17.93 -11.92
N SER C 88 -22.57 -17.60 -11.57
CA SER C 88 -22.31 -17.07 -10.23
C SER C 88 -22.66 -15.59 -10.17
N THR C 89 -22.59 -15.02 -8.96
CA THR C 89 -22.83 -13.60 -8.76
C THR C 89 -21.71 -12.74 -9.34
N MET C 90 -20.67 -13.36 -9.87
CA MET C 90 -19.65 -12.64 -10.63
C MET C 90 -20.24 -11.95 -11.86
N ALA C 91 -21.40 -12.40 -12.34
CA ALA C 91 -22.00 -11.77 -13.50
C ALA C 91 -22.22 -10.29 -13.27
N GLN C 92 -22.59 -9.90 -12.04
CA GLN C 92 -22.84 -8.50 -11.74
C GLN C 92 -21.56 -7.69 -11.79
N HIS C 93 -20.44 -8.27 -11.34
CA HIS C 93 -19.16 -7.57 -11.43
C HIS C 93 -18.69 -7.49 -12.88
N ALA C 94 -19.00 -8.50 -13.70
CA ALA C 94 -18.63 -8.45 -15.11
C ALA C 94 -19.34 -7.29 -15.80
N GLU C 95 -20.64 -7.11 -15.52
CA GLU C 95 -21.39 -6.01 -16.13
C GLU C 95 -20.76 -4.67 -15.81
N VAL C 96 -20.31 -4.48 -14.56
CA VAL C 96 -19.64 -3.25 -14.18
C VAL C 96 -18.42 -3.02 -15.05
N LEU C 97 -17.66 -4.08 -15.33
CA LEU C 97 -16.46 -3.92 -16.15
C LEU C 97 -16.81 -3.63 -17.61
N VAL C 98 -17.97 -4.12 -18.06
CA VAL C 98 -18.40 -3.82 -19.43
C VAL C 98 -18.79 -2.36 -19.56
N LYS C 99 -19.42 -1.80 -18.53
CA LYS C 99 -19.80 -0.39 -18.54
C LYS C 99 -18.57 0.50 -18.47
N SER C 100 -17.70 0.26 -17.48
CA SER C 100 -16.55 1.12 -17.26
C SER C 100 -15.53 1.04 -18.39
N ASN C 101 -15.58 -0.01 -19.20
CA ASN C 101 -14.74 -0.12 -20.38
C ASN C 101 -15.48 0.29 -21.65
N ASN C 102 -16.68 0.86 -21.52
CA ASN C 102 -17.48 1.36 -22.63
C ASN C 102 -17.60 0.34 -23.77
N LEU C 103 -18.06 -0.85 -23.40
CA LEU C 103 -18.29 -1.93 -24.37
C LEU C 103 -19.70 -2.50 -24.21
N THR C 104 -20.65 -1.67 -23.77
CA THR C 104 -22.02 -2.13 -23.61
C THR C 104 -22.67 -2.50 -24.94
N ASP C 105 -22.22 -1.89 -26.03
CA ASP C 105 -22.79 -2.15 -27.35
C ASP C 105 -22.25 -3.42 -28.00
N ARG C 106 -21.21 -4.02 -27.44
CA ARG C 106 -20.55 -5.19 -28.03
C ARG C 106 -20.53 -6.39 -27.11
N ILE C 107 -20.51 -6.18 -25.79
CA ILE C 107 -20.55 -7.26 -24.82
C ILE C 107 -21.86 -7.17 -24.05
N VAL C 108 -22.60 -8.26 -24.03
CA VAL C 108 -23.85 -8.35 -23.26
C VAL C 108 -23.68 -9.49 -22.27
N VAL C 109 -23.76 -9.17 -20.98
CA VAL C 109 -23.65 -10.17 -19.93
C VAL C 109 -25.05 -10.74 -19.68
N ILE C 110 -25.18 -12.04 -19.83
CA ILE C 110 -26.40 -12.78 -19.55
C ILE C 110 -26.18 -13.56 -18.26
N PRO C 111 -26.80 -13.17 -17.14
CA PRO C 111 -26.64 -13.94 -15.90
C PRO C 111 -27.42 -15.25 -15.96
N GLY C 112 -26.76 -16.34 -15.56
CA GLY C 112 -27.41 -17.64 -15.48
C GLY C 112 -26.58 -18.78 -16.02
N LYS C 113 -27.11 -20.00 -15.89
CA LYS C 113 -26.48 -21.17 -16.49
C LYS C 113 -26.68 -21.16 -18.00
N VAL C 114 -25.64 -21.58 -18.72
CA VAL C 114 -25.75 -21.64 -20.18
C VAL C 114 -26.71 -22.74 -20.64
N GLU C 115 -27.01 -23.71 -19.77
CA GLU C 115 -28.05 -24.68 -20.10
C GLU C 115 -29.44 -24.07 -20.03
N GLU C 116 -29.61 -22.99 -19.27
CA GLU C 116 -30.94 -22.49 -18.92
C GLU C 116 -31.25 -21.12 -19.52
N VAL C 117 -30.26 -20.39 -20.02
CA VAL C 117 -30.52 -19.04 -20.54
C VAL C 117 -30.96 -19.10 -22.00
N SER C 118 -31.51 -17.99 -22.49
CA SER C 118 -31.94 -17.84 -23.87
C SER C 118 -31.01 -16.86 -24.57
N LEU C 119 -30.50 -17.26 -25.73
CA LEU C 119 -29.68 -16.40 -26.57
C LEU C 119 -30.48 -15.94 -27.77
N PRO C 120 -30.25 -14.71 -28.26
CA PRO C 120 -31.10 -14.18 -29.34
C PRO C 120 -30.69 -14.63 -30.72
N GLU C 121 -29.50 -15.24 -30.87
CA GLU C 121 -29.02 -15.61 -32.19
C GLU C 121 -27.88 -16.61 -32.06
N GLN C 122 -27.66 -17.35 -33.14
CA GLN C 122 -26.53 -18.26 -33.22
C GLN C 122 -25.22 -17.47 -33.26
N VAL C 123 -24.13 -18.17 -32.97
CA VAL C 123 -22.83 -17.54 -32.80
C VAL C 123 -21.84 -18.23 -33.72
N ASP C 124 -20.78 -17.49 -34.08
CA ASP C 124 -19.75 -18.03 -34.96
C ASP C 124 -18.69 -18.80 -34.21
N ILE C 125 -18.50 -18.55 -32.92
CA ILE C 125 -17.40 -19.13 -32.16
C ILE C 125 -17.75 -19.08 -30.68
N ILE C 126 -17.42 -20.16 -29.96
CA ILE C 126 -17.61 -20.25 -28.52
C ILE C 126 -16.23 -20.27 -27.87
N ILE C 127 -16.07 -19.49 -26.81
CA ILE C 127 -14.84 -19.43 -26.03
C ILE C 127 -15.18 -19.75 -24.58
N SER C 128 -14.24 -20.39 -23.90
CA SER C 128 -14.47 -20.77 -22.51
C SER C 128 -13.16 -21.25 -21.90
N GLU C 129 -13.12 -21.27 -20.56
CA GLU C 129 -12.09 -21.94 -19.79
C GLU C 129 -12.78 -22.96 -18.90
N PRO C 130 -13.23 -24.08 -19.46
CA PRO C 130 -13.96 -25.09 -18.69
C PRO C 130 -13.10 -26.14 -18.00
N MET C 131 -11.78 -26.07 -18.16
CA MET C 131 -10.92 -27.13 -17.66
C MET C 131 -10.80 -27.08 -16.15
N GLY C 132 -10.78 -28.26 -15.54
CA GLY C 132 -10.46 -28.40 -14.14
C GLY C 132 -9.30 -29.35 -13.95
N TYR C 133 -9.05 -29.79 -12.71
CA TYR C 133 -8.00 -30.76 -12.47
C TYR C 133 -8.16 -31.98 -13.36
N MET C 134 -7.03 -32.43 -13.93
CA MET C 134 -7.00 -33.49 -14.95
C MET C 134 -8.12 -33.30 -15.97
N LEU C 135 -8.30 -32.05 -16.38
CA LEU C 135 -9.21 -31.64 -17.46
C LEU C 135 -10.69 -31.74 -17.09
N PHE C 136 -11.16 -32.93 -16.71
CA PHE C 136 -12.59 -33.16 -16.62
C PHE C 136 -13.21 -32.72 -15.30
N ASN C 137 -12.41 -32.55 -14.25
CA ASN C 137 -12.99 -32.18 -12.96
C ASN C 137 -13.88 -30.94 -13.10
N GLU C 138 -14.90 -30.86 -12.26
CA GLU C 138 -15.93 -29.83 -12.21
C GLU C 138 -16.99 -30.01 -13.31
N ARG C 139 -16.74 -30.85 -14.30
CA ARG C 139 -17.74 -31.23 -15.30
C ARG C 139 -18.28 -30.01 -16.05
N MET C 140 -17.50 -28.94 -16.12
CA MET C 140 -17.90 -27.80 -16.93
C MET C 140 -17.73 -28.06 -18.42
N LEU C 141 -16.86 -29.01 -18.80
CA LEU C 141 -16.73 -29.38 -20.20
C LEU C 141 -18.08 -29.74 -20.81
N GLU C 142 -19.00 -30.28 -20.00
CA GLU C 142 -20.31 -30.64 -20.53
C GLU C 142 -21.13 -29.40 -20.84
N SER C 143 -21.06 -28.37 -19.98
CA SER C 143 -21.71 -27.11 -20.30
C SER C 143 -21.12 -26.50 -21.56
N TYR C 144 -19.80 -26.64 -21.74
CA TYR C 144 -19.14 -26.12 -22.94
C TYR C 144 -19.66 -26.82 -24.19
N LEU C 145 -19.88 -28.14 -24.10
CA LEU C 145 -20.42 -28.89 -25.24
C LEU C 145 -21.92 -28.65 -25.39
N HIS C 146 -22.64 -28.52 -24.27
CA HIS C 146 -24.06 -28.21 -24.34
C HIS C 146 -24.30 -26.93 -25.12
N ALA C 147 -23.39 -25.95 -24.97
CA ALA C 147 -23.52 -24.65 -25.60
C ALA C 147 -23.48 -24.72 -27.11
N LYS C 148 -23.03 -25.84 -27.70
CA LYS C 148 -22.97 -25.94 -29.15
C LYS C 148 -24.33 -25.86 -29.80
N LYS C 149 -25.43 -25.95 -29.03
CA LYS C 149 -26.74 -25.74 -29.62
C LYS C 149 -26.87 -24.33 -30.20
N TYR C 150 -26.03 -23.40 -29.78
CA TYR C 150 -26.02 -22.03 -30.28
C TYR C 150 -24.96 -21.80 -31.36
N LEU C 151 -24.14 -22.80 -31.66
CA LEU C 151 -23.06 -22.63 -32.64
C LEU C 151 -23.57 -22.87 -34.06
N LYS C 152 -23.33 -21.90 -34.93
CA LYS C 152 -23.57 -22.12 -36.35
C LYS C 152 -22.81 -23.37 -36.80
N PRO C 153 -23.42 -24.25 -37.60
CA PRO C 153 -22.64 -25.30 -38.24
C PRO C 153 -21.35 -24.75 -38.85
N SER C 154 -20.26 -25.50 -38.69
CA SER C 154 -18.93 -25.07 -39.11
C SER C 154 -18.46 -23.81 -38.39
N GLY C 155 -19.11 -23.44 -37.29
CA GLY C 155 -18.51 -22.53 -36.35
C GLY C 155 -17.36 -23.20 -35.60
N ASN C 156 -16.67 -22.42 -34.78
CA ASN C 156 -15.46 -22.91 -34.14
C ASN C 156 -15.60 -22.92 -32.62
N MET C 157 -14.56 -23.42 -31.95
CA MET C 157 -14.55 -23.48 -30.49
C MET C 157 -13.12 -23.28 -29.99
N PHE C 158 -12.98 -22.41 -28.98
CA PHE C 158 -11.70 -22.00 -28.42
C PHE C 158 -11.74 -22.25 -26.91
N PRO C 159 -11.13 -23.33 -26.41
CA PRO C 159 -10.28 -24.31 -27.10
C PRO C 159 -11.04 -25.31 -27.98
N THR C 160 -10.31 -25.87 -28.94
CA THR C 160 -10.90 -26.78 -29.92
C THR C 160 -10.78 -28.24 -29.50
N ILE C 161 -9.67 -28.63 -28.87
CA ILE C 161 -9.45 -30.01 -28.45
C ILE C 161 -8.76 -30.02 -27.10
N GLY C 162 -9.01 -31.08 -26.34
CA GLY C 162 -8.32 -31.31 -25.08
C GLY C 162 -7.61 -32.65 -25.09
N ASP C 163 -6.38 -32.66 -24.58
CA ASP C 163 -5.60 -33.88 -24.45
C ASP C 163 -5.30 -34.09 -22.97
N VAL C 164 -5.73 -35.23 -22.43
CA VAL C 164 -5.33 -35.64 -21.09
C VAL C 164 -4.25 -36.70 -21.23
N HIS C 165 -3.18 -36.57 -20.45
CA HIS C 165 -2.00 -37.42 -20.54
C HIS C 165 -1.86 -38.24 -19.26
N LEU C 166 -1.69 -39.54 -19.40
CA LEU C 166 -1.39 -40.41 -18.29
C LEU C 166 0.01 -40.97 -18.43
N ALA C 167 0.68 -41.19 -17.29
CA ALA C 167 1.99 -41.80 -17.29
C ALA C 167 2.22 -42.45 -15.93
N PRO C 168 2.85 -43.62 -15.87
CA PRO C 168 3.21 -44.20 -14.58
C PRO C 168 4.39 -43.46 -13.96
N PHE C 169 4.37 -43.37 -12.63
CA PHE C 169 5.43 -42.70 -11.88
C PHE C 169 5.90 -43.56 -10.72
N THR C 170 7.14 -43.31 -10.28
CA THR C 170 7.67 -43.88 -9.05
C THR C 170 7.96 -42.75 -8.09
N ASP C 171 7.41 -42.84 -6.86
CA ASP C 171 7.63 -41.83 -5.82
C ASP C 171 7.48 -42.54 -4.48
N GLU C 172 8.57 -43.16 -4.03
CA GLU C 172 8.53 -43.91 -2.79
C GLU C 172 8.05 -43.05 -1.63
N GLN C 173 8.46 -41.78 -1.59
CA GLN C 173 8.08 -40.92 -0.47
C GLN C 173 6.59 -40.70 -0.43
N LEU C 174 5.98 -40.33 -1.57
CA LEU C 174 4.55 -40.10 -1.60
C LEU C 174 3.78 -41.33 -1.12
N TYR C 175 4.18 -42.51 -1.60
CA TYR C 175 3.52 -43.73 -1.18
C TYR C 175 3.66 -43.96 0.31
N MET C 176 4.91 -43.92 0.80
CA MET C 176 5.16 -44.19 2.21
C MET C 176 4.50 -43.15 3.11
N GLU C 177 4.29 -41.93 2.60
CA GLU C 177 3.65 -40.88 3.39
C GLU C 177 2.26 -41.29 3.86
N GLN C 178 1.51 -42.02 3.02
CA GLN C 178 0.15 -42.39 3.39
C GLN C 178 0.14 -43.25 4.66
N PHE C 179 1.03 -44.24 4.72
CA PHE C 179 1.05 -45.12 5.89
C PHE C 179 1.59 -44.41 7.11
N THR C 180 2.55 -43.51 6.93
CA THR C 180 3.04 -42.73 8.06
C THR C 180 1.94 -41.87 8.67
N LYS C 181 1.11 -41.28 7.82
CA LYS C 181 -0.02 -40.50 8.33
C LYS C 181 -1.02 -41.42 9.04
N ALA C 182 -1.38 -42.53 8.41
CA ALA C 182 -2.40 -43.41 8.99
C ALA C 182 -1.90 -44.09 10.26
N ASN C 183 -0.58 -44.27 10.40
CA ASN C 183 -0.05 -44.93 11.58
C ASN C 183 -0.24 -44.11 12.84
N PHE C 184 -0.75 -42.87 12.73
CA PHE C 184 -1.19 -42.17 13.94
C PHE C 184 -2.14 -43.06 14.74
N TRP C 185 -3.00 -43.81 14.03
CA TRP C 185 -4.00 -44.65 14.69
C TRP C 185 -3.42 -45.97 15.20
N TYR C 186 -2.26 -46.39 14.70
CA TYR C 186 -1.67 -47.65 15.16
C TYR C 186 -0.89 -47.37 16.44
N GLN C 187 -1.65 -47.22 17.52
CA GLN C 187 -1.13 -46.79 18.80
C GLN C 187 -2.02 -47.42 19.86
N PRO C 188 -1.44 -48.08 20.86
CA PRO C 188 -2.27 -48.82 21.82
C PRO C 188 -2.77 -47.98 22.98
N SER C 189 -2.13 -46.83 23.21
CA SER C 189 -2.57 -45.96 24.29
C SER C 189 -2.33 -44.50 23.89
N PHE C 190 -3.17 -44.03 22.97
CA PHE C 190 -3.34 -42.60 22.75
C PHE C 190 -4.18 -42.07 23.90
N HIS C 191 -3.52 -41.39 24.85
CA HIS C 191 -4.21 -40.86 26.03
C HIS C 191 -5.04 -41.94 26.70
N GLY C 192 -4.56 -43.17 26.63
CA GLY C 192 -5.23 -44.31 27.25
C GLY C 192 -6.24 -45.01 26.38
N VAL C 193 -6.30 -44.69 25.08
CA VAL C 193 -7.27 -45.26 24.15
C VAL C 193 -6.49 -46.02 23.07
N ASP C 194 -6.88 -47.27 22.84
CA ASP C 194 -6.30 -48.05 21.75
C ASP C 194 -6.99 -47.67 20.45
N LEU C 195 -6.21 -47.12 19.50
CA LEU C 195 -6.75 -46.57 18.26
C LEU C 195 -6.58 -47.50 17.06
N SER C 196 -5.88 -48.61 17.22
CA SER C 196 -5.37 -49.37 16.09
C SER C 196 -6.48 -49.97 15.22
N ALA C 197 -7.69 -50.09 15.72
CA ALA C 197 -8.76 -50.69 14.92
C ALA C 197 -9.17 -49.79 13.77
N LEU C 198 -8.79 -48.51 13.78
CA LEU C 198 -9.12 -47.59 12.71
C LEU C 198 -7.98 -47.39 11.71
N ARG C 199 -6.81 -47.98 11.98
CA ARG C 199 -5.68 -47.79 11.08
C ARG C 199 -6.04 -48.20 9.66
N GLY C 200 -6.76 -49.30 9.49
CA GLY C 200 -7.16 -49.71 8.16
C GLY C 200 -8.05 -48.69 7.48
N ALA C 201 -9.04 -48.17 8.20
CA ALA C 201 -9.96 -47.20 7.60
C ALA C 201 -9.25 -45.90 7.23
N ALA C 202 -8.24 -45.50 8.00
CA ALA C 202 -7.49 -44.29 7.66
C ALA C 202 -6.64 -44.50 6.42
N VAL C 203 -6.08 -45.69 6.25
CA VAL C 203 -5.32 -46.00 5.04
C VAL C 203 -6.21 -45.91 3.81
N ASP C 204 -7.44 -46.45 3.90
CA ASP C 204 -8.35 -46.40 2.76
C ASP C 204 -8.70 -44.97 2.41
N GLU C 205 -8.86 -44.13 3.42
CA GLU C 205 -9.29 -42.75 3.20
C GLU C 205 -8.22 -41.96 2.47
N TYR C 206 -6.95 -42.10 2.89
CA TYR C 206 -5.88 -41.36 2.22
C TYR C 206 -5.72 -41.80 0.78
N PHE C 207 -5.87 -43.11 0.53
CA PHE C 207 -5.65 -43.62 -0.82
C PHE C 207 -6.80 -43.28 -1.77
N ARG C 208 -7.96 -42.88 -1.24
CA ARG C 208 -9.05 -42.47 -2.10
C ARG C 208 -8.88 -41.06 -2.64
N GLN C 209 -7.85 -40.34 -2.20
CA GLN C 209 -7.67 -38.94 -2.55
C GLN C 209 -6.67 -38.82 -3.68
N PRO C 210 -7.02 -38.23 -4.82
CA PRO C 210 -5.98 -37.84 -5.79
C PRO C 210 -5.11 -36.74 -5.21
N VAL C 211 -3.86 -36.72 -5.63
CA VAL C 211 -2.86 -35.82 -5.06
C VAL C 211 -2.59 -34.71 -6.07
N VAL C 212 -2.94 -33.49 -5.70
CA VAL C 212 -2.69 -32.31 -6.51
C VAL C 212 -1.41 -31.66 -6.02
N ASP C 213 -0.40 -31.61 -6.87
CA ASP C 213 0.88 -30.94 -6.60
C ASP C 213 1.71 -31.13 -7.87
N THR C 214 2.98 -30.79 -7.86
CA THR C 214 3.86 -31.01 -9.00
C THR C 214 4.99 -31.95 -8.60
N PHE C 215 5.84 -32.26 -9.56
CA PHE C 215 6.86 -33.29 -9.39
C PHE C 215 7.89 -33.15 -10.51
N ASP C 216 9.05 -33.75 -10.28
CA ASP C 216 10.11 -33.79 -11.28
C ASP C 216 9.78 -34.82 -12.35
N ILE C 217 10.06 -34.49 -13.62
CA ILE C 217 9.65 -35.36 -14.70
C ILE C 217 10.43 -36.67 -14.71
N ARG C 218 11.55 -36.74 -14.00
CA ARG C 218 12.31 -37.99 -13.96
C ARG C 218 11.64 -39.05 -13.10
N ILE C 219 10.55 -38.72 -12.40
CA ILE C 219 9.80 -39.77 -11.70
C ILE C 219 8.92 -40.54 -12.67
N LEU C 220 8.69 -40.02 -13.87
CA LEU C 220 7.90 -40.74 -14.88
C LEU C 220 8.75 -41.85 -15.49
N MET C 221 8.14 -43.01 -15.68
CA MET C 221 8.85 -44.21 -16.10
C MET C 221 8.44 -44.68 -17.50
N ALA C 222 7.50 -43.99 -18.15
CA ALA C 222 7.10 -44.35 -19.51
C ALA C 222 6.57 -43.12 -20.21
N LYS C 223 6.64 -43.14 -21.54
CA LYS C 223 6.02 -42.10 -22.33
C LYS C 223 4.53 -42.06 -22.03
N SER C 224 3.97 -40.85 -22.00
CA SER C 224 2.57 -40.70 -21.62
C SER C 224 1.66 -41.28 -22.71
N VAL C 225 0.44 -41.61 -22.28
CA VAL C 225 -0.62 -42.03 -23.18
C VAL C 225 -1.64 -40.91 -23.23
N LYS C 226 -2.07 -40.57 -24.44
CA LYS C 226 -2.88 -39.39 -24.70
C LYS C 226 -4.30 -39.81 -25.09
N TYR C 227 -5.28 -39.27 -24.36
CA TYR C 227 -6.70 -39.44 -24.67
C TYR C 227 -7.26 -38.09 -25.09
N THR C 228 -7.76 -38.01 -26.32
CA THR C 228 -8.16 -36.74 -26.91
C THR C 228 -9.68 -36.59 -26.91
N VAL C 229 -10.14 -35.38 -26.63
CA VAL C 229 -11.53 -34.97 -26.82
C VAL C 229 -11.54 -33.86 -27.85
N ASN C 230 -12.34 -34.03 -28.90
CA ASN C 230 -12.53 -33.00 -29.91
C ASN C 230 -13.84 -32.26 -29.60
N PHE C 231 -13.74 -31.04 -29.09
CA PHE C 231 -14.91 -30.30 -28.65
C PHE C 231 -15.83 -29.91 -29.81
N LEU C 232 -15.31 -29.86 -31.03
CA LEU C 232 -16.16 -29.64 -32.18
C LEU C 232 -17.06 -30.85 -32.44
N GLU C 233 -16.54 -32.04 -32.23
CA GLU C 233 -17.25 -33.28 -32.54
C GLU C 233 -18.05 -33.81 -31.36
N ALA C 234 -17.54 -33.64 -30.13
CA ALA C 234 -18.03 -34.41 -29.00
C ALA C 234 -19.42 -33.99 -28.57
N LYS C 235 -20.16 -34.96 -28.02
CA LYS C 235 -21.44 -34.70 -27.37
C LYS C 235 -21.26 -34.64 -25.86
N GLU C 236 -22.18 -33.93 -25.19
CA GLU C 236 -22.30 -33.98 -23.75
C GLU C 236 -22.16 -35.40 -23.23
N GLY C 237 -22.84 -36.35 -23.87
CA GLY C 237 -22.90 -37.71 -23.36
C GLY C 237 -21.57 -38.42 -23.36
N ASP C 238 -20.60 -37.94 -24.14
CA ASP C 238 -19.31 -38.59 -24.21
C ASP C 238 -18.51 -38.49 -22.92
N LEU C 239 -18.91 -37.61 -22.00
CA LEU C 239 -18.13 -37.35 -20.80
C LEU C 239 -18.72 -37.94 -19.54
N HIS C 240 -19.88 -38.60 -19.61
CA HIS C 240 -20.41 -39.29 -18.43
C HIS C 240 -19.59 -40.52 -18.07
N ARG C 241 -19.03 -41.20 -19.07
CA ARG C 241 -18.20 -42.40 -18.87
C ARG C 241 -17.01 -42.30 -19.80
N ILE C 242 -15.83 -42.06 -19.23
CA ILE C 242 -14.62 -41.84 -20.01
C ILE C 242 -13.68 -43.01 -19.73
N GLU C 243 -13.45 -43.84 -20.74
CA GLU C 243 -12.62 -45.02 -20.62
C GLU C 243 -11.30 -44.75 -21.32
N ILE C 244 -10.21 -44.78 -20.57
CA ILE C 244 -8.88 -44.54 -21.13
C ILE C 244 -8.06 -45.83 -21.00
N PRO C 245 -7.98 -46.62 -22.07
CA PRO C 245 -7.04 -47.75 -22.06
C PRO C 245 -5.61 -47.26 -22.19
N PHE C 246 -4.69 -47.97 -21.55
CA PHE C 246 -3.28 -47.63 -21.67
C PHE C 246 -2.41 -48.87 -21.71
N LYS C 247 -1.37 -48.81 -22.54
CA LYS C 247 -0.31 -49.81 -22.60
C LYS C 247 1.00 -49.03 -22.59
N PHE C 248 1.70 -49.03 -21.46
CA PHE C 248 2.94 -48.29 -21.30
C PHE C 248 4.13 -49.22 -21.55
N HIS C 249 5.05 -48.78 -22.41
CA HIS C 249 6.34 -49.45 -22.57
C HIS C 249 7.31 -48.82 -21.59
N MET C 250 7.70 -49.59 -20.58
CA MET C 250 8.49 -49.05 -19.49
C MET C 250 9.89 -48.67 -19.98
N LEU C 251 10.29 -47.43 -19.69
CA LEU C 251 11.61 -46.92 -20.01
C LEU C 251 12.58 -47.00 -18.84
N HIS C 252 12.06 -47.11 -17.61
CA HIS C 252 12.87 -47.24 -16.41
C HIS C 252 12.35 -48.41 -15.58
N SER C 253 13.25 -49.04 -14.83
CA SER C 253 12.86 -50.09 -13.90
C SER C 253 12.62 -49.48 -12.52
N GLY C 254 11.63 -50.02 -11.81
CA GLY C 254 11.35 -49.57 -10.46
C GLY C 254 9.95 -49.98 -10.06
N LEU C 255 9.53 -49.42 -8.92
CA LEU C 255 8.19 -49.64 -8.40
C LEU C 255 7.27 -48.56 -8.95
N VAL C 256 6.20 -48.97 -9.61
CA VAL C 256 5.18 -48.06 -10.13
C VAL C 256 4.17 -47.83 -9.00
N HIS C 257 4.13 -46.61 -8.46
CA HIS C 257 3.24 -46.30 -7.35
C HIS C 257 1.91 -45.69 -7.79
N GLY C 258 1.76 -45.34 -9.06
CA GLY C 258 0.47 -44.85 -9.52
C GLY C 258 0.56 -44.27 -10.92
N LEU C 259 -0.43 -43.45 -11.24
CA LEU C 259 -0.52 -42.78 -12.54
C LEU C 259 -0.57 -41.27 -12.32
N ALA C 260 0.27 -40.54 -13.06
CA ALA C 260 0.26 -39.09 -13.08
C ALA C 260 -0.59 -38.59 -14.24
N PHE C 261 -1.27 -37.45 -14.02
CA PHE C 261 -2.22 -36.89 -14.98
C PHE C 261 -1.87 -35.43 -15.24
N TRP C 262 -1.92 -35.02 -16.50
CA TRP C 262 -1.96 -33.59 -16.83
C TRP C 262 -2.80 -33.41 -18.08
N PHE C 263 -2.81 -32.20 -18.66
CA PHE C 263 -3.61 -31.99 -19.84
C PHE C 263 -3.17 -30.76 -20.63
N ASP C 264 -3.33 -30.87 -21.95
CA ASP C 264 -3.16 -29.76 -22.89
C ASP C 264 -4.50 -29.43 -23.53
N VAL C 265 -4.66 -28.20 -23.99
CA VAL C 265 -5.73 -27.80 -24.89
C VAL C 265 -5.14 -27.00 -26.04
N ALA C 266 -5.76 -27.10 -27.20
CA ALA C 266 -5.31 -26.36 -28.38
C ALA C 266 -6.42 -25.44 -28.88
N PHE C 267 -6.02 -24.24 -29.30
CA PHE C 267 -6.90 -23.27 -29.95
C PHE C 267 -6.55 -23.28 -31.43
N ILE C 268 -7.35 -23.98 -32.23
CA ILE C 268 -7.07 -24.18 -33.64
C ILE C 268 -7.79 -23.09 -34.42
N GLY C 269 -7.05 -22.03 -34.77
CA GLY C 269 -7.60 -20.92 -35.52
C GLY C 269 -7.23 -20.98 -37.00
N SER C 270 -7.87 -20.09 -37.76
CA SER C 270 -7.60 -20.03 -39.20
C SER C 270 -6.16 -19.64 -39.49
N ILE C 271 -5.57 -18.82 -38.62
CA ILE C 271 -4.21 -18.34 -38.83
C ILE C 271 -3.19 -19.24 -38.16
N MET C 272 -3.46 -19.72 -36.95
CA MET C 272 -2.51 -20.61 -36.28
C MET C 272 -3.18 -21.37 -35.16
N THR C 273 -2.44 -22.33 -34.61
CA THR C 273 -2.87 -23.16 -33.49
C THR C 273 -1.99 -22.84 -32.28
N VAL C 274 -2.63 -22.44 -31.17
CA VAL C 274 -1.92 -22.09 -29.94
C VAL C 274 -2.23 -23.14 -28.89
N TRP C 275 -1.20 -23.54 -28.14
CA TRP C 275 -1.30 -24.62 -27.17
C TRP C 275 -1.17 -24.06 -25.75
N LEU C 276 -2.04 -24.52 -24.86
CA LEU C 276 -1.94 -24.25 -23.43
C LEU C 276 -1.70 -25.59 -22.73
N SER C 277 -0.56 -25.72 -22.06
CA SER C 277 -0.13 -27.00 -21.48
C SER C 277 0.07 -26.88 -19.99
N THR C 278 -0.46 -27.84 -19.24
CA THR C 278 -0.19 -27.99 -17.82
C THR C 278 0.77 -29.15 -17.53
N ALA C 279 1.59 -29.53 -18.52
CA ALA C 279 2.46 -30.67 -18.34
C ALA C 279 3.53 -30.36 -17.29
N PRO C 280 4.12 -31.39 -16.69
CA PRO C 280 5.21 -31.15 -15.72
C PRO C 280 6.49 -30.63 -16.38
N THR C 281 6.58 -30.65 -17.70
CA THR C 281 7.72 -30.07 -18.40
C THR C 281 7.55 -28.58 -18.67
N GLU C 282 6.37 -28.03 -18.42
CA GLU C 282 6.03 -26.64 -18.68
C GLU C 282 5.94 -25.86 -17.38
N PRO C 283 5.93 -24.53 -17.44
CA PRO C 283 5.78 -23.74 -16.23
C PRO C 283 4.48 -24.09 -15.50
N LEU C 284 4.57 -24.19 -14.19
CA LEU C 284 3.42 -24.56 -13.38
C LEU C 284 2.27 -23.61 -13.61
N THR C 285 1.05 -24.15 -13.55
CA THR C 285 -0.20 -23.40 -13.61
C THR C 285 -1.00 -23.69 -12.34
N HIS C 286 -2.18 -23.08 -12.22
CA HIS C 286 -3.03 -23.34 -11.07
C HIS C 286 -3.77 -24.67 -11.18
N TRP C 287 -3.63 -25.37 -12.31
CA TRP C 287 -4.11 -26.74 -12.43
C TRP C 287 -3.08 -27.76 -11.92
N TYR C 288 -1.82 -27.36 -11.77
CA TYR C 288 -0.76 -28.24 -11.27
C TYR C 288 -0.75 -29.55 -12.06
N GLN C 289 -0.54 -30.66 -11.37
CA GLN C 289 -0.71 -31.99 -11.92
C GLN C 289 -1.40 -32.86 -10.87
N VAL C 290 -1.95 -33.98 -11.31
CA VAL C 290 -2.73 -34.86 -10.45
C VAL C 290 -2.12 -36.24 -10.49
N ARG C 291 -1.95 -36.84 -9.32
CA ARG C 291 -1.41 -38.19 -9.20
C ARG C 291 -2.38 -39.07 -8.41
N CYS C 292 -2.61 -40.28 -8.92
CA CYS C 292 -3.48 -41.27 -8.30
C CYS C 292 -2.62 -42.47 -7.94
N LEU C 293 -2.64 -42.84 -6.66
CA LEU C 293 -1.80 -43.93 -6.19
C LEU C 293 -2.47 -45.27 -6.42
N PHE C 294 -1.64 -46.29 -6.68
CA PHE C 294 -2.07 -47.67 -6.54
C PHE C 294 -2.03 -48.05 -5.07
N GLN C 295 -2.92 -48.96 -4.67
CA GLN C 295 -2.90 -49.45 -3.31
C GLN C 295 -1.67 -50.29 -3.03
N SER C 296 -1.17 -51.01 -4.03
CA SER C 296 0.06 -51.77 -3.94
C SER C 296 0.90 -51.44 -5.17
N PRO C 297 2.19 -51.15 -5.01
CA PRO C 297 3.02 -50.84 -6.18
C PRO C 297 3.22 -52.07 -7.06
N LEU C 298 3.55 -51.80 -8.32
CA LEU C 298 3.84 -52.81 -9.32
C LEU C 298 5.30 -52.69 -9.70
N PHE C 299 6.05 -53.79 -9.57
CA PHE C 299 7.42 -53.79 -10.04
C PHE C 299 7.44 -54.02 -11.54
N ALA C 300 8.21 -53.22 -12.26
CA ALA C 300 8.36 -53.35 -13.70
C ALA C 300 9.82 -53.06 -14.06
N LYS C 301 10.35 -53.85 -14.98
CA LYS C 301 11.65 -53.58 -15.57
C LYS C 301 11.47 -52.78 -16.86
N ALA C 302 12.54 -52.13 -17.30
CA ALA C 302 12.54 -51.53 -18.61
C ALA C 302 12.29 -52.60 -19.66
N GLY C 303 11.43 -52.28 -20.63
CA GLY C 303 11.02 -53.20 -21.66
C GLY C 303 9.70 -53.90 -21.39
N ASP C 304 9.34 -54.05 -20.12
CA ASP C 304 8.02 -54.56 -19.77
C ASP C 304 6.95 -53.64 -20.36
N THR C 305 5.72 -54.14 -20.41
CA THR C 305 4.55 -53.30 -20.72
C THR C 305 3.61 -53.31 -19.52
N LEU C 306 3.13 -52.13 -19.15
CA LEU C 306 2.12 -51.96 -18.11
C LEU C 306 0.83 -51.55 -18.81
N SER C 307 -0.22 -52.34 -18.63
CA SER C 307 -1.47 -52.12 -19.35
C SER C 307 -2.64 -52.18 -18.39
N GLY C 308 -3.72 -51.51 -18.80
CA GLY C 308 -4.92 -51.45 -17.99
C GLY C 308 -5.86 -50.41 -18.53
N THR C 309 -6.75 -49.94 -17.67
CA THR C 309 -7.68 -48.90 -18.04
C THR C 309 -7.85 -47.93 -16.88
N CYS C 310 -8.05 -46.66 -17.23
CA CYS C 310 -8.54 -45.64 -16.33
C CYS C 310 -9.98 -45.34 -16.73
N LEU C 311 -10.90 -45.49 -15.78
CA LEU C 311 -12.32 -45.30 -16.04
C LEU C 311 -12.84 -44.19 -15.15
N LEU C 312 -13.36 -43.13 -15.76
CA LEU C 312 -13.89 -41.98 -15.05
C LEU C 312 -15.40 -41.99 -15.17
N ILE C 313 -16.09 -42.09 -14.04
CA ILE C 313 -17.54 -42.20 -14.00
C ILE C 313 -18.08 -40.92 -13.36
N ALA C 314 -18.79 -40.12 -14.16
CA ALA C 314 -19.36 -38.89 -13.65
C ALA C 314 -20.29 -39.18 -12.47
N ASN C 315 -20.29 -38.28 -11.50
CA ASN C 315 -21.18 -38.35 -10.34
C ASN C 315 -21.89 -37.01 -10.21
N LYS C 316 -22.84 -36.96 -9.28
CA LYS C 316 -23.68 -35.77 -9.12
C LYS C 316 -23.00 -34.64 -8.34
N ARG C 317 -21.78 -34.86 -7.84
CA ARG C 317 -21.03 -33.81 -7.15
C ARG C 317 -20.13 -33.03 -8.09
N GLN C 318 -20.51 -32.93 -9.36
CA GLN C 318 -19.72 -32.23 -10.38
C GLN C 318 -18.30 -32.77 -10.47
N SER C 319 -18.10 -34.05 -10.22
CA SER C 319 -16.77 -34.63 -10.28
C SER C 319 -16.86 -36.03 -10.90
N TYR C 320 -15.86 -36.85 -10.60
CA TYR C 320 -15.75 -38.20 -11.14
C TYR C 320 -15.26 -39.14 -10.06
N ASP C 321 -15.75 -40.39 -10.12
CA ASP C 321 -15.12 -41.51 -9.43
C ASP C 321 -14.11 -42.11 -10.39
N ILE C 322 -12.86 -42.20 -9.96
CA ILE C 322 -11.78 -42.71 -10.80
C ILE C 322 -11.52 -44.16 -10.42
N SER C 323 -11.60 -45.06 -11.41
CA SER C 323 -11.25 -46.46 -11.25
C SER C 323 -10.03 -46.77 -12.10
N ILE C 324 -8.98 -47.27 -11.48
CA ILE C 324 -7.72 -47.57 -12.17
C ILE C 324 -7.38 -49.03 -11.92
N VAL C 325 -7.18 -49.79 -12.98
CA VAL C 325 -6.64 -51.14 -12.92
C VAL C 325 -5.44 -51.18 -13.84
N ALA C 326 -4.38 -51.85 -13.39
CA ALA C 326 -3.14 -51.93 -14.14
C ALA C 326 -2.47 -53.26 -13.81
N GLN C 327 -1.76 -53.81 -14.79
CA GLN C 327 -1.03 -55.05 -14.57
C GLN C 327 0.24 -55.03 -15.39
N VAL C 328 1.32 -55.53 -14.80
CA VAL C 328 2.57 -55.78 -15.52
C VAL C 328 2.38 -57.08 -16.30
N ASP C 329 2.39 -56.97 -17.63
CA ASP C 329 1.99 -58.11 -18.45
C ASP C 329 2.97 -59.27 -18.33
N GLN C 330 4.27 -58.97 -18.23
CA GLN C 330 5.27 -60.03 -18.17
C GLN C 330 5.16 -60.84 -16.88
N THR C 331 4.68 -60.24 -15.79
CA THR C 331 4.65 -60.90 -14.50
C THR C 331 3.25 -61.21 -13.99
N GLY C 332 2.22 -60.64 -14.61
CA GLY C 332 0.87 -60.80 -14.13
C GLY C 332 0.52 -60.01 -12.90
N SER C 333 1.51 -59.36 -12.27
CA SER C 333 1.25 -58.54 -11.09
C SER C 333 0.24 -57.44 -11.41
N LYS C 334 -0.79 -57.35 -10.60
CA LYS C 334 -1.97 -56.53 -10.87
C LYS C 334 -2.24 -55.64 -9.66
N SER C 335 -2.63 -54.40 -9.94
CA SER C 335 -3.08 -53.50 -8.89
C SER C 335 -4.27 -52.68 -9.39
N SER C 336 -5.03 -52.15 -8.43
CA SER C 336 -6.20 -51.34 -8.69
C SER C 336 -6.14 -50.09 -7.81
N ASN C 337 -7.15 -49.23 -7.98
CA ASN C 337 -7.53 -48.28 -6.95
C ASN C 337 -8.79 -47.54 -7.40
N LEU C 338 -9.54 -47.04 -6.42
CA LEU C 338 -10.75 -46.26 -6.66
C LEU C 338 -10.59 -44.94 -5.92
N LEU C 339 -10.67 -43.84 -6.66
CA LEU C 339 -10.40 -42.52 -6.10
C LEU C 339 -11.57 -41.59 -6.33
N ASP C 340 -11.76 -40.65 -5.41
CA ASP C 340 -12.83 -39.68 -5.46
C ASP C 340 -12.21 -38.32 -5.80
N LEU C 341 -12.36 -37.92 -7.07
CA LEU C 341 -11.77 -36.67 -7.53
C LEU C 341 -12.38 -35.44 -6.88
N LYS C 342 -13.47 -35.60 -6.12
CA LYS C 342 -14.13 -34.45 -5.53
C LYS C 342 -13.42 -33.95 -4.27
N ASN C 343 -12.68 -34.81 -3.58
CA ASN C 343 -11.93 -34.42 -2.39
C ASN C 343 -10.45 -34.75 -2.60
N PRO C 344 -9.77 -33.97 -3.44
CA PRO C 344 -8.34 -34.17 -3.64
C PRO C 344 -7.55 -33.69 -2.45
N PHE C 345 -6.32 -34.18 -2.35
CA PHE C 345 -5.38 -33.72 -1.34
C PHE C 345 -4.38 -32.77 -2.00
N PHE C 346 -4.39 -31.51 -1.56
CA PHE C 346 -3.50 -30.48 -2.07
C PHE C 346 -2.19 -30.56 -1.31
N ARG C 347 -1.14 -31.03 -1.98
CA ARG C 347 0.14 -31.32 -1.35
C ARG C 347 1.23 -30.31 -1.67
N TYR C 348 0.96 -29.39 -2.59
CA TYR C 348 1.99 -28.46 -3.04
C TYR C 348 2.53 -27.65 -1.87
N THR C 349 3.86 -27.62 -1.76
CA THR C 349 4.55 -26.89 -0.70
C THR C 349 5.09 -25.55 -1.17
N GLY C 350 5.42 -25.43 -2.45
CA GLY C 350 6.14 -24.31 -3.00
C GLY C 350 7.59 -24.63 -3.32
N THR C 351 8.18 -25.58 -2.60
CA THR C 351 9.57 -25.93 -2.85
C THR C 351 9.71 -26.64 -4.18
N THR C 352 10.80 -26.32 -4.88
CA THR C 352 11.15 -27.02 -6.10
C THR C 352 11.15 -28.52 -5.84
N PRO C 353 10.55 -29.33 -6.73
CA PRO C 353 10.53 -30.78 -6.50
C PRO C 353 11.91 -31.40 -6.69
N SER C 354 12.26 -32.30 -5.79
CA SER C 354 13.55 -32.99 -5.85
C SER C 354 13.53 -34.07 -6.92
N PRO C 355 14.71 -34.46 -7.42
CA PRO C 355 14.77 -35.54 -8.42
C PRO C 355 14.86 -36.91 -7.76
N PRO C 356 14.39 -37.96 -8.44
CA PRO C 356 14.46 -39.28 -7.82
C PRO C 356 15.85 -39.65 -7.46
N PRO C 357 16.05 -40.46 -6.40
CA PRO C 357 17.38 -40.59 -5.82
C PRO C 357 18.43 -41.16 -6.77
N GLY C 358 18.05 -41.95 -7.77
CA GLY C 358 19.04 -42.63 -8.57
C GLY C 358 19.28 -42.03 -9.93
N SER C 359 19.45 -40.72 -10.00
CA SER C 359 19.40 -40.01 -11.27
C SER C 359 20.74 -39.51 -11.77
N HIS C 360 21.81 -39.62 -10.98
CA HIS C 360 23.12 -39.19 -11.44
C HIS C 360 23.77 -40.29 -12.28
N TYR C 361 24.01 -39.98 -13.55
CA TYR C 361 24.62 -40.88 -14.52
C TYR C 361 26.13 -40.67 -14.66
N THR C 362 26.61 -39.48 -14.29
CA THR C 362 28.03 -39.21 -14.14
C THR C 362 28.25 -38.56 -12.79
N SER C 363 29.51 -38.55 -12.35
CA SER C 363 29.82 -38.17 -10.98
C SER C 363 29.38 -36.74 -10.69
N PRO C 364 28.68 -36.50 -9.57
CA PRO C 364 28.33 -35.10 -9.22
C PRO C 364 29.51 -34.27 -8.75
N SER C 365 30.52 -34.90 -8.16
CA SER C 365 31.65 -34.16 -7.60
C SER C 365 32.62 -33.68 -8.66
N GLU C 366 32.55 -34.23 -9.87
CA GLU C 366 33.35 -33.70 -10.97
C GLU C 366 32.84 -32.33 -11.41
N ASN C 367 31.54 -32.10 -11.27
CA ASN C 367 30.97 -30.79 -11.62
C ASN C 367 31.62 -29.68 -10.81
N MET C 368 31.78 -29.87 -9.51
CA MET C 368 32.47 -28.89 -8.69
C MET C 368 33.92 -29.31 -8.47
N ARG D 6 -37.80 -29.99 10.73
CA ARG D 6 -38.72 -29.81 11.85
C ARG D 6 -37.96 -29.60 13.16
N SER D 7 -36.72 -30.06 13.20
CA SER D 7 -35.92 -29.97 14.42
C SER D 7 -35.24 -28.60 14.52
N VAL D 8 -34.80 -28.28 15.75
CA VAL D 8 -34.16 -27.00 15.99
C VAL D 8 -32.95 -26.82 15.08
N PHE D 9 -32.19 -27.90 14.85
CA PHE D 9 -31.00 -27.76 14.02
C PHE D 9 -31.36 -27.47 12.57
N SER D 10 -32.35 -28.17 12.03
CA SER D 10 -32.69 -27.99 10.62
C SER D 10 -33.33 -26.64 10.35
N GLU D 11 -34.02 -26.07 11.36
CA GLU D 11 -34.67 -24.78 11.14
C GLU D 11 -33.66 -23.65 11.02
N ARG D 12 -32.51 -23.76 11.69
CA ARG D 12 -31.51 -22.70 11.73
C ARG D 12 -30.35 -22.95 10.77
N THR D 13 -30.43 -23.99 9.95
CA THR D 13 -29.28 -24.44 9.16
C THR D 13 -29.73 -24.81 7.75
N GLU D 14 -29.19 -24.11 6.76
CA GLU D 14 -29.34 -24.54 5.37
C GLU D 14 -28.80 -25.97 5.24
N GLU D 15 -29.57 -26.83 4.57
CA GLU D 15 -29.13 -28.22 4.42
C GLU D 15 -27.80 -28.28 3.66
N SER D 16 -27.64 -27.47 2.62
CA SER D 16 -26.39 -27.42 1.88
C SER D 16 -25.20 -27.21 2.80
N SER D 17 -25.38 -26.48 3.91
CA SER D 17 -24.28 -26.20 4.83
C SER D 17 -24.08 -27.34 5.83
N ALA D 18 -25.17 -28.01 6.24
CA ALA D 18 -25.04 -29.16 7.13
C ALA D 18 -24.41 -30.36 6.43
N VAL D 19 -24.63 -30.50 5.13
CA VAL D 19 -24.00 -31.57 4.36
C VAL D 19 -22.49 -31.41 4.39
N GLN D 20 -22.00 -30.25 3.96
CA GLN D 20 -20.57 -29.98 3.99
C GLN D 20 -20.01 -30.10 5.40
N TYR D 21 -20.72 -29.54 6.37
CA TYR D 21 -20.25 -29.52 7.74
C TYR D 21 -20.00 -30.94 8.25
N PHE D 22 -21.00 -31.81 8.14
CA PHE D 22 -20.86 -33.16 8.69
C PHE D 22 -20.01 -34.05 7.83
N GLN D 23 -19.90 -33.77 6.52
CA GLN D 23 -18.92 -34.48 5.70
C GLN D 23 -17.50 -34.18 6.19
N PHE D 24 -17.21 -32.92 6.51
CA PHE D 24 -15.86 -32.52 6.89
C PHE D 24 -15.42 -33.22 8.17
N TYR D 25 -16.32 -33.39 9.13
CA TYR D 25 -16.01 -34.08 10.37
C TYR D 25 -16.17 -35.60 10.24
N GLY D 26 -16.54 -36.10 9.07
CA GLY D 26 -16.56 -37.53 8.83
C GLY D 26 -15.23 -38.12 8.40
N TYR D 27 -14.26 -37.28 8.10
CA TYR D 27 -12.94 -37.76 7.70
C TYR D 27 -12.08 -38.03 8.93
N LEU D 28 -11.41 -39.18 8.92
CA LEU D 28 -10.50 -39.51 10.01
C LEU D 28 -9.32 -38.55 10.06
N SER D 29 -8.81 -38.15 8.88
CA SER D 29 -7.72 -37.18 8.83
C SER D 29 -8.04 -35.94 9.64
N GLN D 30 -9.28 -35.46 9.57
CA GLN D 30 -9.66 -34.27 10.33
C GLN D 30 -9.78 -34.57 11.82
N GLN D 31 -10.29 -35.75 12.18
CA GLN D 31 -10.23 -36.16 13.58
C GLN D 31 -8.79 -36.18 14.08
N GLN D 32 -7.92 -36.83 13.32
CA GLN D 32 -6.49 -36.88 13.67
C GLN D 32 -5.95 -35.49 13.96
N ASN D 33 -6.35 -34.48 13.17
CA ASN D 33 -5.82 -33.14 13.37
C ASN D 33 -6.27 -32.57 14.71
N MET D 34 -7.55 -32.69 15.04
CA MET D 34 -8.00 -32.24 16.34
C MET D 34 -7.33 -33.03 17.46
N MET D 35 -7.20 -34.34 17.29
CA MET D 35 -6.63 -35.17 18.34
C MET D 35 -5.15 -34.86 18.56
N GLN D 36 -4.43 -34.56 17.49
CA GLN D 36 -3.00 -34.27 17.59
C GLN D 36 -2.71 -32.91 18.19
N ASP D 37 -3.73 -32.10 18.44
CA ASP D 37 -3.55 -30.88 19.22
C ASP D 37 -3.39 -31.28 20.68
N TYR D 38 -2.15 -31.43 21.12
CA TYR D 38 -1.87 -31.94 22.45
C TYR D 38 -2.42 -31.01 23.52
N VAL D 39 -2.30 -29.69 23.33
CA VAL D 39 -2.86 -28.76 24.33
C VAL D 39 -4.35 -28.98 24.47
N ARG D 40 -5.06 -29.15 23.35
CA ARG D 40 -6.50 -29.37 23.39
C ARG D 40 -6.83 -30.71 24.06
N THR D 41 -6.30 -31.80 23.51
CA THR D 41 -6.66 -33.13 24.00
C THR D 41 -6.20 -33.33 25.44
N GLY D 42 -4.97 -32.93 25.75
CA GLY D 42 -4.45 -33.13 27.09
C GLY D 42 -5.09 -32.24 28.15
N THR D 43 -5.52 -31.04 27.76
CA THR D 43 -6.20 -30.18 28.72
C THR D 43 -7.58 -30.74 29.04
N TYR D 44 -8.29 -31.24 28.02
CA TYR D 44 -9.57 -31.89 28.26
C TYR D 44 -9.40 -33.11 29.16
N GLN D 45 -8.38 -33.94 28.88
CA GLN D 45 -8.18 -35.13 29.70
C GLN D 45 -7.90 -34.76 31.15
N ARG D 46 -7.03 -33.78 31.38
CA ARG D 46 -6.69 -33.41 32.75
C ARG D 46 -7.87 -32.76 33.47
N ALA D 47 -8.68 -31.99 32.73
CA ALA D 47 -9.87 -31.40 33.33
C ALA D 47 -10.81 -32.49 33.83
N ILE D 48 -10.91 -33.59 33.08
CA ILE D 48 -11.87 -34.64 33.40
C ILE D 48 -11.33 -35.55 34.50
N LEU D 49 -10.06 -35.97 34.38
CA LEU D 49 -9.52 -36.93 35.34
C LEU D 49 -9.24 -36.27 36.69
N GLN D 50 -8.80 -35.01 36.69
CA GLN D 50 -8.59 -34.30 37.95
C GLN D 50 -9.89 -33.99 38.67
N ASN D 51 -11.02 -34.02 37.95
CA ASN D 51 -12.33 -33.85 38.56
C ASN D 51 -13.11 -35.14 38.48
N HIS D 52 -12.48 -36.26 38.90
CA HIS D 52 -13.09 -37.57 38.73
C HIS D 52 -14.39 -37.70 39.51
N THR D 53 -14.54 -36.94 40.60
CA THR D 53 -15.75 -37.04 41.42
C THR D 53 -16.98 -36.53 40.68
N ASP D 54 -16.79 -35.61 39.72
CA ASP D 54 -17.88 -35.17 38.86
C ASP D 54 -18.28 -36.22 37.83
N PHE D 55 -17.55 -37.34 37.77
CA PHE D 55 -17.84 -38.40 36.80
C PHE D 55 -18.05 -39.76 37.46
N LYS D 56 -17.42 -40.03 38.60
CA LYS D 56 -17.53 -41.31 39.28
C LYS D 56 -19.00 -41.73 39.46
N ASP D 57 -19.39 -42.78 38.74
CA ASP D 57 -20.73 -43.37 38.79
C ASP D 57 -21.82 -42.43 38.29
N LYS D 58 -21.47 -41.48 37.44
CA LYS D 58 -22.45 -40.52 36.91
C LYS D 58 -22.83 -40.89 35.46
N ILE D 59 -23.90 -40.27 35.00
CA ILE D 59 -24.36 -40.40 33.61
C ILE D 59 -23.85 -39.20 32.83
N VAL D 60 -23.29 -39.45 31.65
CA VAL D 60 -22.62 -38.43 30.87
C VAL D 60 -23.24 -38.35 29.48
N LEU D 61 -23.38 -37.13 28.97
CA LEU D 61 -23.70 -36.89 27.56
C LEU D 61 -22.51 -36.20 26.92
N ASP D 62 -22.06 -36.74 25.79
CA ASP D 62 -20.97 -36.17 25.01
C ASP D 62 -21.54 -35.68 23.68
N VAL D 63 -21.58 -34.37 23.48
CA VAL D 63 -22.22 -33.78 22.32
C VAL D 63 -21.19 -33.64 21.20
N GLY D 64 -21.45 -34.31 20.08
CA GLY D 64 -20.51 -34.31 18.98
C GLY D 64 -19.20 -34.97 19.37
N CYS D 65 -19.24 -36.27 19.62
CA CYS D 65 -18.09 -36.98 20.17
C CYS D 65 -17.03 -37.32 19.13
N GLY D 66 -17.31 -37.11 17.86
CA GLY D 66 -16.38 -37.48 16.81
C GLY D 66 -15.84 -38.89 17.00
N SER D 67 -14.53 -39.01 17.18
CA SER D 67 -13.90 -40.32 17.34
C SER D 67 -14.27 -40.99 18.65
N GLY D 68 -14.86 -40.27 19.61
CA GLY D 68 -15.23 -40.79 20.89
C GLY D 68 -14.29 -40.42 22.02
N ILE D 69 -13.28 -39.59 21.75
CA ILE D 69 -12.13 -39.49 22.66
C ILE D 69 -12.55 -38.89 24.00
N LEU D 70 -13.48 -37.92 24.00
CA LEU D 70 -13.91 -37.35 25.27
C LEU D 70 -14.73 -38.35 26.09
N SER D 71 -15.45 -39.25 25.42
CA SER D 71 -16.21 -40.28 26.14
C SER D 71 -15.26 -41.28 26.80
N PHE D 72 -14.14 -41.58 26.14
CA PHE D 72 -13.14 -42.44 26.77
C PHE D 72 -12.55 -41.79 28.01
N PHE D 73 -12.39 -40.45 28.00
CA PHE D 73 -11.87 -39.77 29.18
C PHE D 73 -12.89 -39.81 30.33
N ALA D 74 -14.19 -39.71 30.00
CA ALA D 74 -15.20 -39.82 31.04
C ALA D 74 -15.27 -41.23 31.59
N ALA D 75 -15.10 -42.24 30.72
CA ALA D 75 -15.03 -43.63 31.18
C ALA D 75 -13.84 -43.83 32.11
N GLN D 76 -12.68 -43.28 31.76
CA GLN D 76 -11.52 -43.39 32.63
C GLN D 76 -11.79 -42.77 34.01
N ALA D 77 -12.57 -41.68 34.04
CA ALA D 77 -12.84 -40.99 35.29
C ALA D 77 -13.87 -41.69 36.17
N GLY D 78 -14.47 -42.79 35.70
CA GLY D 78 -15.35 -43.60 36.52
C GLY D 78 -16.82 -43.58 36.14
N ALA D 79 -17.19 -43.02 34.99
CA ALA D 79 -18.60 -42.84 34.67
C ALA D 79 -19.32 -44.18 34.56
N ARG D 80 -20.59 -44.20 34.99
CA ARG D 80 -21.43 -45.39 34.89
C ARG D 80 -21.86 -45.61 33.44
N LYS D 81 -22.27 -44.54 32.75
CA LYS D 81 -22.81 -44.64 31.41
C LYS D 81 -22.52 -43.34 30.68
N ILE D 82 -22.12 -43.43 29.42
CA ILE D 82 -21.82 -42.26 28.60
C ILE D 82 -22.56 -42.40 27.28
N TYR D 83 -23.45 -41.47 27.00
CA TYR D 83 -24.13 -41.39 25.71
C TYR D 83 -23.34 -40.44 24.82
N ALA D 84 -22.80 -40.98 23.74
CA ALA D 84 -21.89 -40.26 22.85
C ALA D 84 -22.64 -40.00 21.56
N VAL D 85 -23.13 -38.78 21.39
CA VAL D 85 -23.93 -38.40 20.25
C VAL D 85 -23.03 -37.80 19.18
N GLU D 86 -23.24 -38.21 17.93
CA GLU D 86 -22.42 -37.74 16.82
C GLU D 86 -23.23 -37.87 15.55
N ALA D 87 -23.32 -36.79 14.78
CA ALA D 87 -24.17 -36.74 13.59
C ALA D 87 -23.43 -37.07 12.30
N SER D 88 -22.10 -37.03 12.29
CA SER D 88 -21.38 -37.38 11.08
C SER D 88 -21.19 -38.90 11.02
N THR D 89 -20.72 -39.38 9.88
CA THR D 89 -20.39 -40.80 9.76
C THR D 89 -19.23 -41.21 10.64
N MET D 90 -18.65 -40.28 11.41
CA MET D 90 -17.66 -40.67 12.41
C MET D 90 -18.28 -41.51 13.53
N ALA D 91 -19.61 -41.47 13.68
CA ALA D 91 -20.27 -42.31 14.67
C ALA D 91 -19.90 -43.78 14.49
N GLN D 92 -19.85 -44.25 13.26
CA GLN D 92 -19.51 -45.64 13.01
C GLN D 92 -18.09 -45.98 13.47
N HIS D 93 -17.14 -45.07 13.25
CA HIS D 93 -15.78 -45.33 13.69
C HIS D 93 -15.66 -45.25 15.21
N ALA D 94 -16.43 -44.36 15.85
CA ALA D 94 -16.42 -44.30 17.31
C ALA D 94 -16.88 -45.63 17.91
N GLU D 95 -17.92 -46.25 17.33
CA GLU D 95 -18.40 -47.53 17.84
C GLU D 95 -17.31 -48.60 17.73
N VAL D 96 -16.58 -48.62 16.61
CA VAL D 96 -15.47 -49.57 16.49
C VAL D 96 -14.51 -49.43 17.65
N LEU D 97 -14.17 -48.18 18.00
CA LEU D 97 -13.22 -47.98 19.09
C LEU D 97 -13.81 -48.40 20.44
N VAL D 98 -15.13 -48.23 20.62
CA VAL D 98 -15.76 -48.66 21.86
C VAL D 98 -15.68 -50.17 22.00
N LYS D 99 -15.89 -50.90 20.91
CA LYS D 99 -15.84 -52.37 20.99
C LYS D 99 -14.41 -52.87 21.17
N SER D 100 -13.45 -52.27 20.46
CA SER D 100 -12.06 -52.72 20.55
C SER D 100 -11.39 -52.30 21.85
N ASN D 101 -11.97 -51.37 22.60
CA ASN D 101 -11.47 -51.01 23.92
C ASN D 101 -12.26 -51.66 25.05
N ASN D 102 -13.19 -52.56 24.72
CA ASN D 102 -14.02 -53.29 25.69
C ASN D 102 -14.71 -52.34 26.67
N LEU D 103 -15.46 -51.40 26.11
CA LEU D 103 -16.21 -50.42 26.90
C LEU D 103 -17.65 -50.33 26.42
N THR D 104 -18.13 -51.41 25.80
CA THR D 104 -19.51 -51.45 25.31
C THR D 104 -20.54 -51.31 26.43
N ASP D 105 -20.15 -51.61 27.67
CA ASP D 105 -21.03 -51.47 28.81
C ASP D 105 -21.00 -50.08 29.46
N ARG D 106 -20.07 -49.21 29.06
CA ARG D 106 -19.98 -47.86 29.58
C ARG D 106 -20.30 -46.77 28.57
N ILE D 107 -19.90 -46.93 27.31
CA ILE D 107 -20.10 -45.93 26.26
C ILE D 107 -21.13 -46.44 25.29
N VAL D 108 -22.12 -45.60 24.97
CA VAL D 108 -23.17 -45.91 24.02
C VAL D 108 -23.19 -44.83 22.96
N VAL D 109 -22.81 -45.17 21.74
CA VAL D 109 -22.84 -44.23 20.63
C VAL D 109 -24.26 -44.15 20.09
N ILE D 110 -24.83 -42.94 20.08
CA ILE D 110 -26.14 -42.68 19.49
C ILE D 110 -25.93 -41.85 18.24
N PRO D 111 -26.10 -42.42 17.04
CA PRO D 111 -25.91 -41.63 15.82
C PRO D 111 -27.06 -40.65 15.58
N GLY D 112 -26.71 -39.43 15.20
CA GLY D 112 -27.66 -38.40 14.85
C GLY D 112 -27.34 -37.07 15.50
N LYS D 113 -28.18 -36.10 15.18
CA LYS D 113 -28.03 -34.77 15.75
C LYS D 113 -28.61 -34.73 17.17
N VAL D 114 -27.91 -34.03 18.07
CA VAL D 114 -28.36 -34.03 19.47
C VAL D 114 -29.72 -33.37 19.60
N GLU D 115 -30.11 -32.52 18.65
CA GLU D 115 -31.42 -31.89 18.68
C GLU D 115 -32.53 -32.86 18.32
N GLU D 116 -32.18 -33.98 17.68
CA GLU D 116 -33.16 -34.88 17.09
C GLU D 116 -33.22 -36.27 17.71
N VAL D 117 -32.16 -36.71 18.40
CA VAL D 117 -32.10 -38.08 18.89
C VAL D 117 -32.89 -38.20 20.19
N SER D 118 -33.16 -39.44 20.61
CA SER D 118 -33.85 -39.73 21.87
C SER D 118 -32.87 -40.42 22.80
N LEU D 119 -32.77 -39.91 24.04
CA LEU D 119 -31.92 -40.48 25.06
C LEU D 119 -32.77 -41.23 26.08
N PRO D 120 -32.28 -42.33 26.65
CA PRO D 120 -33.10 -43.08 27.61
C PRO D 120 -33.19 -42.47 29.01
N GLU D 121 -32.37 -41.46 29.34
CA GLU D 121 -32.42 -40.91 30.69
C GLU D 121 -31.71 -39.57 30.73
N GLN D 122 -31.98 -38.82 31.82
CA GLN D 122 -31.28 -37.58 32.08
C GLN D 122 -29.83 -37.87 32.49
N VAL D 123 -28.97 -36.85 32.33
CA VAL D 123 -27.55 -37.01 32.58
C VAL D 123 -27.10 -36.00 33.63
N ASP D 124 -26.04 -36.38 34.36
CA ASP D 124 -25.51 -35.52 35.41
C ASP D 124 -24.54 -34.47 34.89
N ILE D 125 -23.96 -34.67 33.71
CA ILE D 125 -22.92 -33.78 33.21
C ILE D 125 -22.86 -33.93 31.70
N ILE D 126 -22.68 -32.80 31.01
CA ILE D 126 -22.50 -32.77 29.56
C ILE D 126 -21.06 -32.36 29.27
N ILE D 127 -20.45 -33.01 28.30
CA ILE D 127 -19.11 -32.69 27.84
C ILE D 127 -19.14 -32.49 26.34
N SER D 128 -18.26 -31.64 25.83
CA SER D 128 -18.26 -31.30 24.42
C SER D 128 -17.05 -30.43 24.12
N GLU D 129 -16.71 -30.37 22.84
CA GLU D 129 -15.76 -29.40 22.31
C GLU D 129 -16.48 -28.58 21.24
N PRO D 130 -17.41 -27.72 21.66
CA PRO D 130 -18.23 -26.97 20.69
C PRO D 130 -17.58 -25.71 20.13
N MET D 131 -16.38 -25.37 20.56
CA MET D 131 -15.80 -24.08 20.23
C MET D 131 -15.31 -24.04 18.79
N GLY D 132 -15.64 -22.96 18.08
CA GLY D 132 -15.06 -22.66 16.79
C GLY D 132 -14.14 -21.45 16.86
N TYR D 133 -13.68 -21.03 15.67
CA TYR D 133 -12.93 -19.80 15.57
C TYR D 133 -13.70 -18.69 16.27
N MET D 134 -12.98 -17.82 16.98
CA MET D 134 -13.62 -16.69 17.64
C MET D 134 -14.63 -17.15 18.69
N LEU D 135 -14.51 -18.44 19.08
CA LEU D 135 -15.42 -19.14 19.97
C LEU D 135 -16.71 -19.57 19.27
N PHE D 136 -17.40 -18.64 18.60
CA PHE D 136 -18.78 -18.87 18.20
C PHE D 136 -18.95 -19.49 16.81
N ASN D 137 -17.91 -19.48 15.99
CA ASN D 137 -18.04 -20.02 14.63
C ASN D 137 -18.50 -21.47 14.66
N GLU D 138 -19.25 -21.86 13.62
CA GLU D 138 -19.85 -23.18 13.41
C GLU D 138 -21.14 -23.35 14.20
N ARG D 139 -21.45 -22.47 15.14
CA ARG D 139 -22.71 -22.44 15.87
C ARG D 139 -22.99 -23.76 16.58
N MET D 140 -21.93 -24.47 16.97
CA MET D 140 -22.14 -25.67 17.77
C MET D 140 -22.45 -25.35 19.22
N LEU D 141 -22.13 -24.15 19.69
CA LEU D 141 -22.45 -23.78 21.06
C LEU D 141 -23.96 -23.84 21.31
N GLU D 142 -24.77 -23.65 20.26
CA GLU D 142 -26.21 -23.75 20.41
C GLU D 142 -26.65 -25.20 20.60
N SER D 143 -26.04 -26.14 19.87
CA SER D 143 -26.31 -27.55 20.11
C SER D 143 -25.94 -27.92 21.55
N TYR D 144 -24.75 -27.50 22.00
CA TYR D 144 -24.31 -27.75 23.36
C TYR D 144 -25.32 -27.22 24.39
N LEU D 145 -25.86 -26.03 24.13
CA LEU D 145 -26.86 -25.48 25.04
C LEU D 145 -28.20 -26.20 24.90
N HIS D 146 -28.55 -26.57 23.67
CA HIS D 146 -29.79 -27.31 23.45
C HIS D 146 -29.80 -28.62 24.22
N ALA D 147 -28.65 -29.28 24.30
CA ALA D 147 -28.57 -30.57 24.97
C ALA D 147 -28.88 -30.48 26.46
N LYS D 148 -28.96 -29.26 27.03
CA LYS D 148 -29.30 -29.12 28.43
C LYS D 148 -30.70 -29.64 28.75
N LYS D 149 -31.56 -29.81 27.73
CA LYS D 149 -32.83 -30.47 27.96
C LYS D 149 -32.65 -31.86 28.56
N TYR D 150 -31.47 -32.46 28.39
CA TYR D 150 -31.16 -33.75 29.00
C TYR D 150 -30.39 -33.62 30.31
N LEU D 151 -30.11 -32.41 30.77
CA LEU D 151 -29.30 -32.21 31.97
C LEU D 151 -30.19 -32.20 33.21
N LYS D 152 -29.85 -33.03 34.19
CA LYS D 152 -30.54 -32.97 35.47
C LYS D 152 -30.41 -31.56 36.05
N PRO D 153 -31.37 -31.12 36.86
CA PRO D 153 -31.17 -29.86 37.59
C PRO D 153 -29.92 -29.97 38.44
N SER D 154 -29.18 -28.87 38.53
CA SER D 154 -27.89 -28.80 39.21
C SER D 154 -26.82 -29.67 38.56
N GLY D 155 -27.09 -30.24 37.40
CA GLY D 155 -26.04 -30.88 36.62
C GLY D 155 -24.96 -29.90 36.21
N ASN D 156 -23.86 -30.44 35.71
CA ASN D 156 -22.68 -29.64 35.36
C ASN D 156 -22.40 -29.74 33.87
N MET D 157 -21.50 -28.86 33.41
CA MET D 157 -21.16 -28.77 31.99
C MET D 157 -19.65 -28.54 31.86
N PHE D 158 -19.04 -29.30 30.95
CA PHE D 158 -17.60 -29.30 30.73
C PHE D 158 -17.35 -29.05 29.25
N PRO D 159 -16.94 -27.83 28.85
CA PRO D 159 -16.62 -26.66 29.69
C PRO D 159 -17.84 -26.00 30.33
N THR D 160 -17.60 -25.19 31.35
CA THR D 160 -18.64 -24.50 32.09
C THR D 160 -18.87 -23.08 31.60
N ILE D 161 -17.80 -22.33 31.32
CA ILE D 161 -17.91 -20.96 30.84
C ILE D 161 -16.92 -20.73 29.71
N GLY D 162 -17.19 -19.72 28.92
CA GLY D 162 -16.28 -19.29 27.87
C GLY D 162 -16.10 -17.79 27.92
N ASP D 163 -14.87 -17.36 27.66
CA ASP D 163 -14.50 -15.95 27.68
C ASP D 163 -13.94 -15.59 26.31
N VAL D 164 -14.62 -14.67 25.62
CA VAL D 164 -14.04 -14.04 24.43
C VAL D 164 -13.27 -12.80 24.88
N HIS D 165 -12.03 -12.67 24.41
CA HIS D 165 -11.22 -11.49 24.63
C HIS D 165 -11.03 -10.77 23.31
N LEU D 166 -11.20 -9.45 23.31
CA LEU D 166 -10.85 -8.62 22.16
C LEU D 166 -9.93 -7.49 22.61
N ALA D 167 -8.95 -7.15 21.77
CA ALA D 167 -8.00 -6.10 22.04
C ALA D 167 -7.63 -5.47 20.71
N PRO D 168 -7.43 -4.15 20.66
CA PRO D 168 -6.95 -3.53 19.42
C PRO D 168 -5.50 -3.88 19.17
N PHE D 169 -5.13 -3.89 17.89
CA PHE D 169 -3.76 -4.22 17.51
C PHE D 169 -3.28 -3.27 16.42
N THR D 170 -1.96 -3.18 16.29
CA THR D 170 -1.32 -2.53 15.16
C THR D 170 -0.44 -3.55 14.45
N ASP D 171 -0.53 -3.56 13.11
CA ASP D 171 0.20 -4.53 12.30
C ASP D 171 0.20 -4.04 10.86
N GLU D 172 1.08 -3.08 10.56
CA GLU D 172 1.10 -2.46 9.25
C GLU D 172 1.34 -3.48 8.15
N GLN D 173 2.10 -4.54 8.44
CA GLN D 173 2.40 -5.53 7.42
C GLN D 173 1.16 -6.31 7.03
N LEU D 174 0.37 -6.75 8.01
CA LEU D 174 -0.88 -7.45 7.70
C LEU D 174 -1.82 -6.55 6.90
N TYR D 175 -1.96 -5.28 7.30
CA TYR D 175 -2.84 -4.37 6.59
C TYR D 175 -2.39 -4.18 5.15
N MET D 176 -1.09 -3.98 4.93
CA MET D 176 -0.60 -3.73 3.58
C MET D 176 -0.74 -4.98 2.70
N GLU D 177 -0.64 -6.17 3.30
CA GLU D 177 -0.75 -7.40 2.53
C GLU D 177 -2.14 -7.54 1.91
N GLN D 178 -3.18 -7.18 2.66
CA GLN D 178 -4.54 -7.27 2.15
C GLN D 178 -4.86 -6.10 1.21
N PHE D 179 -4.37 -4.90 1.52
CA PHE D 179 -4.58 -3.77 0.61
C PHE D 179 -3.86 -3.99 -0.72
N THR D 180 -2.66 -4.57 -0.67
CA THR D 180 -1.93 -4.88 -1.90
C THR D 180 -2.68 -5.92 -2.72
N LYS D 181 -3.17 -6.98 -2.09
CA LYS D 181 -4.01 -7.94 -2.79
C LYS D 181 -5.18 -7.25 -3.47
N ALA D 182 -5.92 -6.43 -2.71
CA ALA D 182 -7.09 -5.77 -3.24
C ALA D 182 -6.74 -4.82 -4.39
N ASN D 183 -5.54 -4.24 -4.35
CA ASN D 183 -5.16 -3.24 -5.34
C ASN D 183 -4.83 -3.84 -6.71
N PHE D 184 -4.84 -5.16 -6.84
CA PHE D 184 -4.87 -5.79 -8.16
C PHE D 184 -6.01 -5.21 -8.99
N TRP D 185 -7.16 -4.95 -8.35
CA TRP D 185 -8.36 -4.46 -9.03
C TRP D 185 -8.35 -2.95 -9.21
N TYR D 186 -7.29 -2.27 -8.79
CA TYR D 186 -7.13 -0.85 -9.07
C TYR D 186 -6.53 -0.61 -10.44
N GLN D 187 -5.92 -1.62 -11.07
CA GLN D 187 -5.06 -1.31 -12.22
C GLN D 187 -5.88 -1.09 -13.48
N PRO D 188 -5.54 -0.06 -14.26
CA PRO D 188 -6.38 0.35 -15.40
C PRO D 188 -6.07 -0.33 -16.72
N SER D 189 -5.05 -1.18 -16.80
CA SER D 189 -4.74 -1.84 -18.07
C SER D 189 -4.08 -3.19 -17.76
N PHE D 190 -4.88 -4.09 -17.21
CA PHE D 190 -4.54 -5.49 -17.09
C PHE D 190 -4.81 -6.17 -18.44
N HIS D 191 -3.74 -6.51 -19.16
CA HIS D 191 -3.88 -7.02 -20.53
C HIS D 191 -4.80 -6.11 -21.34
N GLY D 192 -4.70 -4.80 -21.09
CA GLY D 192 -5.53 -3.84 -21.78
C GLY D 192 -6.93 -3.65 -21.25
N VAL D 193 -7.26 -4.26 -20.11
CA VAL D 193 -8.61 -4.16 -19.54
C VAL D 193 -8.56 -3.33 -18.26
N ASP D 194 -9.51 -2.41 -18.12
CA ASP D 194 -9.59 -1.52 -16.98
C ASP D 194 -10.41 -2.20 -15.89
N LEU D 195 -9.76 -2.54 -14.78
CA LEU D 195 -10.43 -3.22 -13.67
C LEU D 195 -10.86 -2.28 -12.56
N SER D 196 -10.47 -1.01 -12.64
CA SER D 196 -10.51 -0.11 -11.48
C SER D 196 -11.93 0.09 -10.93
N ALA D 197 -12.96 -0.14 -11.73
CA ALA D 197 -14.32 0.07 -11.25
C ALA D 197 -14.75 -0.98 -10.24
N LEU D 198 -13.98 -2.06 -10.07
CA LEU D 198 -14.25 -3.06 -9.06
C LEU D 198 -13.37 -2.92 -7.83
N ARG D 199 -12.43 -1.96 -7.82
CA ARG D 199 -11.50 -1.81 -6.71
C ARG D 199 -12.24 -1.78 -5.38
N GLY D 200 -13.32 -1.00 -5.30
CA GLY D 200 -14.07 -0.92 -4.07
C GLY D 200 -14.62 -2.27 -3.64
N ALA D 201 -15.31 -2.96 -4.55
CA ALA D 201 -15.85 -4.28 -4.22
C ALA D 201 -14.75 -5.22 -3.75
N ALA D 202 -13.60 -5.20 -4.42
CA ALA D 202 -12.49 -6.06 -4.02
C ALA D 202 -12.02 -5.75 -2.62
N VAL D 203 -11.90 -4.46 -2.27
CA VAL D 203 -11.46 -4.10 -0.92
C VAL D 203 -12.48 -4.55 0.11
N ASP D 204 -13.77 -4.38 -0.18
CA ASP D 204 -14.81 -4.90 0.70
C ASP D 204 -14.63 -6.40 0.90
N GLU D 205 -14.49 -7.17 -0.19
CA GLU D 205 -14.43 -8.62 -0.07
C GLU D 205 -13.22 -9.07 0.75
N TYR D 206 -12.06 -8.47 0.49
CA TYR D 206 -10.84 -8.91 1.16
C TYR D 206 -10.86 -8.56 2.65
N PHE D 207 -11.42 -7.41 3.01
CA PHE D 207 -11.43 -6.99 4.41
C PHE D 207 -12.63 -7.51 5.19
N ARG D 208 -13.58 -8.14 4.51
CA ARG D 208 -14.60 -8.93 5.19
C ARG D 208 -14.05 -10.24 5.72
N GLN D 209 -12.81 -10.60 5.36
CA GLN D 209 -12.25 -11.89 5.73
C GLN D 209 -11.58 -11.80 7.09
N PRO D 210 -12.03 -12.54 8.10
CA PRO D 210 -11.24 -12.64 9.34
C PRO D 210 -9.90 -13.30 9.03
N VAL D 211 -8.85 -12.81 9.67
CA VAL D 211 -7.49 -13.32 9.47
C VAL D 211 -7.21 -14.29 10.61
N VAL D 212 -7.07 -15.58 10.26
CA VAL D 212 -6.80 -16.62 11.22
C VAL D 212 -5.31 -16.97 11.14
N ASP D 213 -4.56 -16.59 12.18
CA ASP D 213 -3.18 -17.00 12.36
C ASP D 213 -2.78 -16.55 13.76
N THR D 214 -1.49 -16.53 14.05
CA THR D 214 -1.04 -16.12 15.37
C THR D 214 -0.13 -14.90 15.24
N PHE D 215 0.10 -14.25 16.37
CA PHE D 215 0.81 -12.98 16.44
C PHE D 215 1.39 -12.84 17.83
N ASP D 216 2.38 -11.95 17.94
CA ASP D 216 2.98 -11.64 19.23
C ASP D 216 2.16 -10.57 19.94
N ILE D 217 2.03 -10.72 21.26
CA ILE D 217 1.17 -9.82 22.03
C ILE D 217 1.68 -8.39 22.05
N ARG D 218 2.93 -8.17 21.63
CA ARG D 218 3.46 -6.83 21.53
C ARG D 218 2.66 -5.97 20.55
N ILE D 219 1.91 -6.59 19.64
CA ILE D 219 1.12 -5.80 18.69
C ILE D 219 -0.16 -5.27 19.31
N LEU D 220 -0.53 -5.71 20.52
CA LEU D 220 -1.75 -5.27 21.16
C LEU D 220 -1.55 -3.91 21.81
N MET D 221 -2.53 -3.03 21.62
CA MET D 221 -2.40 -1.63 22.02
C MET D 221 -3.18 -1.28 23.28
N ALA D 222 -3.89 -2.23 23.88
CA ALA D 222 -4.68 -1.96 25.07
C ALA D 222 -5.00 -3.27 25.76
N LYS D 223 -5.39 -3.16 27.03
CA LYS D 223 -5.85 -4.33 27.77
C LYS D 223 -7.09 -4.90 27.10
N SER D 224 -7.22 -6.22 27.16
CA SER D 224 -8.32 -6.89 26.47
C SER D 224 -9.63 -6.66 27.20
N VAL D 225 -10.71 -6.62 26.42
CA VAL D 225 -12.07 -6.60 26.93
C VAL D 225 -12.63 -8.02 26.85
N LYS D 226 -13.34 -8.43 27.90
CA LYS D 226 -13.80 -9.79 28.06
C LYS D 226 -15.32 -9.86 27.95
N TYR D 227 -15.80 -10.83 27.19
CA TYR D 227 -17.24 -11.11 27.08
C TYR D 227 -17.45 -12.58 27.46
N THR D 228 -18.28 -12.80 28.48
CA THR D 228 -18.43 -14.12 29.06
C THR D 228 -19.76 -14.74 28.68
N VAL D 229 -19.72 -16.01 28.29
CA VAL D 229 -20.90 -16.87 28.20
C VAL D 229 -20.81 -17.92 29.30
N ASN D 230 -21.86 -18.04 30.10
CA ASN D 230 -21.95 -19.07 31.13
C ASN D 230 -22.85 -20.19 30.59
N PHE D 231 -22.24 -21.32 30.24
CA PHE D 231 -22.99 -22.39 29.58
C PHE D 231 -24.00 -23.05 30.52
N LEU D 232 -23.84 -22.88 31.83
CA LEU D 232 -24.85 -23.39 32.76
C LEU D 232 -26.12 -22.56 32.72
N GLU D 233 -26.00 -21.27 32.42
CA GLU D 233 -27.13 -20.33 32.46
C GLU D 233 -27.70 -20.02 31.09
N ALA D 234 -26.86 -19.95 30.06
CA ALA D 234 -27.29 -19.40 28.79
C ALA D 234 -28.29 -20.31 28.08
N LYS D 235 -29.22 -19.67 27.36
CA LYS D 235 -30.16 -20.31 26.44
C LYS D 235 -29.60 -20.20 25.02
N GLU D 236 -29.89 -21.21 24.20
CA GLU D 236 -29.30 -21.25 22.86
C GLU D 236 -29.75 -20.08 22.02
N GLY D 237 -30.91 -19.50 22.32
CA GLY D 237 -31.31 -18.29 21.64
C GLY D 237 -30.41 -17.11 21.94
N ASP D 238 -29.71 -17.16 23.09
CA ASP D 238 -28.84 -16.05 23.46
C ASP D 238 -27.73 -15.81 22.45
N LEU D 239 -27.45 -16.79 21.58
CA LEU D 239 -26.33 -16.70 20.65
C LEU D 239 -26.75 -16.39 19.22
N HIS D 240 -28.02 -16.08 18.99
CA HIS D 240 -28.42 -15.63 17.66
C HIS D 240 -27.96 -14.20 17.39
N ARG D 241 -27.98 -13.35 18.42
CA ARG D 241 -27.52 -11.96 18.33
C ARG D 241 -26.64 -11.69 19.54
N ILE D 242 -25.35 -11.44 19.31
CA ILE D 242 -24.37 -11.25 20.37
C ILE D 242 -23.81 -9.85 20.24
N GLU D 243 -23.96 -9.05 21.30
CA GLU D 243 -23.55 -7.66 21.33
C GLU D 243 -22.42 -7.53 22.33
N ILE D 244 -21.24 -7.17 21.85
CA ILE D 244 -20.07 -6.98 22.70
C ILE D 244 -19.66 -5.52 22.68
N PRO D 245 -20.09 -4.71 23.65
CA PRO D 245 -19.57 -3.34 23.73
C PRO D 245 -18.15 -3.35 24.26
N PHE D 246 -17.38 -2.33 23.86
CA PHE D 246 -16.00 -2.23 24.33
C PHE D 246 -15.60 -0.78 24.51
N LYS D 247 -14.77 -0.54 25.52
CA LYS D 247 -14.14 0.75 25.78
C LYS D 247 -12.68 0.43 26.13
N PHE D 248 -11.77 0.64 25.17
CA PHE D 248 -10.36 0.40 25.38
C PHE D 248 -9.68 1.68 25.83
N HIS D 249 -8.77 1.54 26.79
CA HIS D 249 -7.91 2.65 27.20
C HIS D 249 -6.55 2.43 26.55
N MET D 250 -6.24 3.25 25.54
CA MET D 250 -5.07 2.99 24.71
C MET D 250 -3.79 3.20 25.49
N LEU D 251 -2.91 2.19 25.47
CA LEU D 251 -1.65 2.22 26.19
C LEU D 251 -0.46 2.61 25.32
N HIS D 252 -0.65 2.66 24.00
CA HIS D 252 0.40 3.07 23.07
C HIS D 252 -0.23 3.97 22.02
N SER D 253 0.57 4.88 21.47
CA SER D 253 0.14 5.66 20.32
C SER D 253 0.48 4.92 19.04
N GLY D 254 -0.37 5.08 18.03
CA GLY D 254 -0.11 4.50 16.74
C GLY D 254 -1.39 4.26 15.99
N LEU D 255 -1.25 3.57 14.86
CA LEU D 255 -2.40 3.18 14.05
C LEU D 255 -3.00 1.90 14.59
N VAL D 256 -4.29 1.93 14.89
CA VAL D 256 -5.03 0.72 15.26
C VAL D 256 -5.60 0.13 13.97
N HIS D 257 -5.06 -1.00 13.53
CA HIS D 257 -5.47 -1.60 12.28
C HIS D 257 -6.67 -2.54 12.44
N GLY D 258 -7.08 -2.84 13.67
CA GLY D 258 -8.28 -3.65 13.86
C GLY D 258 -8.34 -4.22 15.28
N LEU D 259 -9.18 -5.25 15.42
CA LEU D 259 -9.36 -5.94 16.69
C LEU D 259 -8.91 -7.39 16.56
N ALA D 260 -8.21 -7.85 17.59
CA ALA D 260 -7.79 -9.25 17.69
C ALA D 260 -8.71 -9.96 18.67
N PHE D 261 -9.06 -11.21 18.35
CA PHE D 261 -9.94 -12.01 19.18
C PHE D 261 -9.26 -13.32 19.56
N TRP D 262 -9.51 -13.77 20.78
CA TRP D 262 -9.18 -15.13 21.21
C TRP D 262 -10.17 -15.49 22.31
N PHE D 263 -10.08 -16.72 22.80
CA PHE D 263 -11.01 -17.15 23.84
C PHE D 263 -10.38 -18.14 24.80
N ASP D 264 -10.91 -18.15 26.02
CA ASP D 264 -10.62 -19.16 27.03
C ASP D 264 -11.92 -19.87 27.40
N VAL D 265 -11.82 -21.14 27.75
CA VAL D 265 -12.93 -21.84 28.40
C VAL D 265 -12.41 -22.39 29.73
N ALA D 266 -13.32 -22.56 30.68
CA ALA D 266 -12.99 -23.08 32.00
C ALA D 266 -13.84 -24.31 32.29
N PHE D 267 -13.18 -25.36 32.78
CA PHE D 267 -13.85 -26.53 33.33
C PHE D 267 -13.89 -26.35 34.84
N ILE D 268 -15.06 -26.03 35.37
CA ILE D 268 -15.24 -25.79 36.80
C ILE D 268 -15.78 -27.09 37.40
N GLY D 269 -14.87 -27.92 37.92
CA GLY D 269 -15.24 -29.15 38.58
C GLY D 269 -15.29 -28.99 40.09
N SER D 270 -15.66 -30.09 40.75
CA SER D 270 -15.78 -30.09 42.20
C SER D 270 -14.43 -30.12 42.90
N ILE D 271 -13.37 -30.50 42.21
CA ILE D 271 -12.05 -30.59 42.83
C ILE D 271 -11.19 -29.42 42.40
N MET D 272 -11.42 -28.91 41.19
CA MET D 272 -10.59 -27.81 40.71
C MET D 272 -11.16 -27.27 39.40
N THR D 273 -10.68 -26.08 39.04
CA THR D 273 -11.03 -25.41 37.79
C THR D 273 -9.82 -25.45 36.86
N VAL D 274 -9.99 -26.04 35.69
CA VAL D 274 -8.95 -26.10 34.67
C VAL D 274 -9.34 -25.16 33.54
N TRP D 275 -8.34 -24.46 33.01
CA TRP D 275 -8.54 -23.51 31.93
C TRP D 275 -7.87 -24.01 30.65
N LEU D 276 -8.55 -23.84 29.53
CA LEU D 276 -8.03 -24.09 28.20
C LEU D 276 -8.04 -22.76 27.45
N SER D 277 -6.88 -22.32 26.99
CA SER D 277 -6.71 -20.96 26.49
C SER D 277 -6.09 -20.95 25.10
N THR D 278 -6.66 -20.13 24.21
CA THR D 278 -6.13 -19.92 22.87
C THR D 278 -5.47 -18.54 22.75
N ALA D 279 -5.05 -17.96 23.88
CA ALA D 279 -4.51 -16.63 23.88
C ALA D 279 -3.16 -16.57 23.18
N PRO D 280 -2.80 -15.42 22.59
CA PRO D 280 -1.49 -15.33 21.92
C PRO D 280 -0.30 -15.50 22.85
N THR D 281 -0.50 -15.46 24.18
CA THR D 281 0.59 -15.73 25.10
C THR D 281 0.81 -17.21 25.35
N GLU D 282 -0.14 -18.05 24.97
CA GLU D 282 -0.13 -19.48 25.25
C GLU D 282 0.27 -20.27 24.03
N PRO D 283 0.66 -21.54 24.21
CA PRO D 283 1.01 -22.36 23.05
C PRO D 283 -0.12 -22.40 22.03
N LEU D 284 0.27 -22.48 20.76
CA LEU D 284 -0.70 -22.44 19.68
C LEU D 284 -1.63 -23.65 19.73
N THR D 285 -2.89 -23.43 19.40
CA THR D 285 -3.89 -24.46 19.20
C THR D 285 -4.47 -24.32 17.79
N HIS D 286 -5.27 -25.31 17.39
CA HIS D 286 -5.86 -25.29 16.06
C HIS D 286 -6.94 -24.22 15.90
N TRP D 287 -7.27 -23.51 16.98
CA TRP D 287 -8.12 -22.33 16.89
C TRP D 287 -7.34 -21.06 16.56
N TYR D 288 -6.01 -21.10 16.68
CA TYR D 288 -5.15 -19.93 16.44
C TYR D 288 -5.73 -18.70 17.13
N GLN D 289 -5.61 -17.55 16.50
CA GLN D 289 -6.28 -16.33 16.91
C GLN D 289 -6.95 -15.73 15.68
N VAL D 290 -7.85 -14.78 15.90
CA VAL D 290 -8.60 -14.19 14.81
C VAL D 290 -8.49 -12.67 14.90
N ARG D 291 -8.19 -12.04 13.76
CA ARG D 291 -8.04 -10.61 13.68
C ARG D 291 -8.97 -10.07 12.61
N CYS D 292 -9.64 -8.98 12.93
CA CYS D 292 -10.57 -8.30 12.04
C CYS D 292 -9.95 -6.97 11.66
N LEU D 293 -9.78 -6.74 10.37
CA LEU D 293 -9.10 -5.54 9.88
C LEU D 293 -10.08 -4.42 9.57
N PHE D 294 -9.72 -3.21 9.94
CA PHE D 294 -10.40 -2.02 9.44
C PHE D 294 -9.88 -1.70 8.04
N GLN D 295 -10.80 -1.31 7.16
CA GLN D 295 -10.38 -0.90 5.81
C GLN D 295 -9.42 0.28 5.88
N SER D 296 -9.65 1.21 6.80
CA SER D 296 -8.71 2.29 7.08
C SER D 296 -8.42 2.28 8.58
N PRO D 297 -7.17 2.29 9.00
CA PRO D 297 -6.86 2.28 10.43
C PRO D 297 -7.26 3.60 11.10
N LEU D 298 -7.37 3.53 12.42
CA LEU D 298 -7.64 4.69 13.26
C LEU D 298 -6.36 5.09 13.97
N PHE D 299 -6.11 6.40 14.05
CA PHE D 299 -5.01 6.91 14.87
C PHE D 299 -5.50 7.12 16.30
N ALA D 300 -4.66 6.73 17.27
CA ALA D 300 -4.96 6.97 18.66
C ALA D 300 -3.66 7.21 19.42
N LYS D 301 -3.70 8.17 20.34
CA LYS D 301 -2.58 8.41 21.26
C LYS D 301 -2.83 7.69 22.57
N ALA D 302 -1.74 7.39 23.27
CA ALA D 302 -1.84 6.82 24.61
C ALA D 302 -2.71 7.72 25.49
N GLY D 303 -3.59 7.09 26.27
CA GLY D 303 -4.56 7.80 27.08
C GLY D 303 -5.93 7.90 26.44
N ASP D 304 -5.99 7.91 25.11
CA ASP D 304 -7.27 7.94 24.41
C ASP D 304 -8.09 6.70 24.74
N THR D 305 -9.41 6.82 24.59
CA THR D 305 -10.30 5.67 24.70
C THR D 305 -10.86 5.35 23.32
N LEU D 306 -10.84 4.07 22.98
CA LEU D 306 -11.42 3.54 21.76
C LEU D 306 -12.66 2.75 22.16
N SER D 307 -13.81 3.17 21.65
CA SER D 307 -15.09 2.63 22.09
C SER D 307 -15.94 2.21 20.89
N GLY D 308 -16.82 1.25 21.12
CA GLY D 308 -17.72 0.81 20.07
C GLY D 308 -18.39 -0.48 20.45
N THR D 309 -18.89 -1.18 19.44
CA THR D 309 -19.66 -2.40 19.65
C THR D 309 -19.28 -3.42 18.59
N CYS D 310 -19.17 -4.68 19.02
CA CYS D 310 -18.94 -5.82 18.14
C CYS D 310 -20.23 -6.64 18.13
N LEU D 311 -20.91 -6.68 16.99
CA LEU D 311 -22.22 -7.30 16.85
C LEU D 311 -22.11 -8.55 16.00
N LEU D 312 -22.44 -9.70 16.59
CA LEU D 312 -22.40 -10.99 15.91
C LEU D 312 -23.82 -11.44 15.64
N ILE D 313 -24.18 -11.57 14.36
CA ILE D 313 -25.52 -12.00 13.95
C ILE D 313 -25.40 -13.37 13.28
N ALA D 314 -26.04 -14.36 13.89
CA ALA D 314 -26.00 -15.72 13.37
C ALA D 314 -26.72 -15.82 12.05
N ASN D 315 -26.17 -16.63 11.14
CA ASN D 315 -26.75 -16.88 9.83
C ASN D 315 -26.96 -18.37 9.61
N LYS D 316 -27.69 -18.70 8.54
CA LYS D 316 -28.06 -20.08 8.25
C LYS D 316 -26.90 -20.92 7.72
N ARG D 317 -25.74 -20.31 7.47
CA ARG D 317 -24.56 -21.06 7.05
C ARG D 317 -23.71 -21.55 8.22
N GLN D 318 -24.32 -21.66 9.42
CA GLN D 318 -23.62 -22.09 10.64
C GLN D 318 -22.46 -21.16 10.96
N SER D 319 -22.65 -19.87 10.71
CA SER D 319 -21.62 -18.89 11.01
C SER D 319 -22.30 -17.57 11.38
N TYR D 320 -21.51 -16.51 11.43
CA TYR D 320 -22.00 -15.21 11.86
C TYR D 320 -21.58 -14.14 10.86
N ASP D 321 -22.43 -13.12 10.75
CA ASP D 321 -22.03 -11.84 10.20
C ASP D 321 -21.56 -10.96 11.35
N ILE D 322 -20.36 -10.42 11.23
CA ILE D 322 -19.76 -9.59 12.26
C ILE D 322 -19.88 -8.14 11.85
N SER D 323 -20.37 -7.30 12.75
CA SER D 323 -20.35 -5.86 12.57
C SER D 323 -19.45 -5.28 13.66
N ILE D 324 -18.41 -4.56 13.26
CA ILE D 324 -17.52 -3.89 14.19
C ILE D 324 -17.64 -2.40 13.91
N VAL D 325 -18.07 -1.63 14.90
CA VAL D 325 -18.03 -0.18 14.84
C VAL D 325 -17.17 0.30 16.00
N ALA D 326 -16.19 1.14 15.69
CA ALA D 326 -15.23 1.62 16.67
C ALA D 326 -14.93 3.09 16.40
N GLN D 327 -14.71 3.85 17.46
CA GLN D 327 -14.39 5.25 17.31
C GLN D 327 -13.41 5.69 18.38
N VAL D 328 -12.46 6.54 17.98
CA VAL D 328 -11.62 7.28 18.91
C VAL D 328 -12.45 8.43 19.46
N ASP D 329 -12.71 8.40 20.76
CA ASP D 329 -13.66 9.34 21.37
C ASP D 329 -13.11 10.76 21.36
N GLN D 330 -11.81 10.93 21.60
CA GLN D 330 -11.23 12.25 21.69
C GLN D 330 -11.39 13.01 20.38
N THR D 331 -11.29 12.31 19.24
CA THR D 331 -11.25 12.94 17.94
C THR D 331 -12.47 12.66 17.09
N GLY D 332 -13.33 11.73 17.50
CA GLY D 332 -14.43 11.32 16.66
C GLY D 332 -14.06 10.48 15.46
N SER D 333 -12.81 9.99 15.39
CA SER D 333 -12.42 9.12 14.29
C SER D 333 -13.13 7.78 14.40
N LYS D 334 -13.93 7.44 13.39
CA LYS D 334 -14.84 6.29 13.44
C LYS D 334 -14.57 5.35 12.29
N SER D 335 -14.57 4.06 12.59
CA SER D 335 -14.37 3.01 11.60
C SER D 335 -15.45 1.95 11.74
N SER D 336 -16.01 1.54 10.60
CA SER D 336 -17.13 0.60 10.56
C SER D 336 -16.81 -0.53 9.58
N ASN D 337 -17.04 -1.77 10.01
CA ASN D 337 -16.61 -2.92 9.23
C ASN D 337 -17.59 -4.06 9.36
N LEU D 338 -17.70 -4.82 8.28
CA LEU D 338 -18.54 -6.01 8.19
C LEU D 338 -17.65 -7.18 7.84
N LEU D 339 -17.79 -8.29 8.55
CA LEU D 339 -16.94 -9.45 8.34
C LEU D 339 -17.78 -10.69 8.20
N ASP D 340 -17.38 -11.54 7.26
CA ASP D 340 -18.03 -12.82 7.02
C ASP D 340 -17.19 -13.89 7.69
N LEU D 341 -17.60 -14.30 8.89
CA LEU D 341 -16.86 -15.33 9.59
C LEU D 341 -16.87 -16.67 8.87
N LYS D 342 -17.55 -16.80 7.73
CA LYS D 342 -17.61 -18.05 6.99
C LYS D 342 -16.49 -18.20 5.96
N ASN D 343 -15.82 -17.10 5.58
CA ASN D 343 -14.76 -17.11 4.57
C ASN D 343 -13.51 -16.48 5.17
N PRO D 344 -12.80 -17.21 6.03
CA PRO D 344 -11.58 -16.66 6.63
C PRO D 344 -10.39 -16.78 5.69
N PHE D 345 -9.39 -15.95 5.97
CA PHE D 345 -8.11 -15.99 5.27
C PHE D 345 -7.12 -16.65 6.22
N PHE D 346 -6.74 -17.89 5.92
CA PHE D 346 -5.77 -18.62 6.71
C PHE D 346 -4.37 -18.20 6.28
N ARG D 347 -3.65 -17.55 7.20
CA ARG D 347 -2.35 -16.95 6.89
C ARG D 347 -1.19 -17.78 7.39
N TYR D 348 -1.41 -18.64 8.37
CA TYR D 348 -0.36 -19.51 8.88
C TYR D 348 0.24 -20.38 7.78
#